data_4GDI
#
_entry.id   4GDI
#
_cell.length_a   176.324
_cell.length_b   176.324
_cell.length_c   193.313
_cell.angle_alpha   90.00
_cell.angle_beta   90.00
_cell.angle_gamma   90.00
#
_symmetry.space_group_name_H-M   'I 4'
#
loop_
_entity.id
_entity.type
_entity.pdbx_description
1 polymer Neuraminidase
2 branched beta-D-mannopyranose-(1-4)-2-acetamido-2-deoxy-beta-D-glucopyranose-(1-4)-[beta-L-fucopyranose-(1-3)][alpha-L-fucopyranose-(1-6)]2-acetamido-2-deoxy-beta-D-glucopyranose
3 branched alpha-D-mannopyranose-(1-3)-beta-D-mannopyranose-(1-4)-2-acetamido-2-deoxy-beta-D-glucopyranose-(1-4)-[beta-L-fucopyranose-(1-3)][alpha-L-fucopyranose-(1-6)]2-acetamido-2-deoxy-beta-D-glucopyranose
4 branched beta-L-fucopyranose-(1-3)-[2-acetamido-2-deoxy-beta-D-glucopyranose-(1-4)][alpha-L-fucopyranose-(1-6)]2-acetamido-2-deoxy-beta-D-glucopyranose
5 branched 2-acetamido-2-deoxy-beta-D-glucopyranose-(1-4)-[alpha-L-fucopyranose-(1-6)]2-acetamido-2-deoxy-beta-D-glucopyranose
6 branched alpha-L-fucopyranose-(1-6)-2-acetamido-2-deoxy-beta-D-glucopyranose
7 branched beta-L-fucopyranose-(1-3)-[2-acetamido-2-deoxy-beta-D-glucopyranose-(1-4)]2-acetamido-2-deoxy-beta-D-glucopyranose
8 non-polymer 2-acetamido-2-deoxy-beta-D-glucopyranose
9 non-polymer 'CALCIUM ION'
10 non-polymer GLYCEROL
11 non-polymer 'NITRATE ION'
12 water water
#
_entity_poly.entity_id   1
_entity_poly.type   'polypeptide(L)'
_entity_poly.pdbx_seq_one_letter_code
;GSPSRKFYWRAKSQMCEVKGWVPTHRGFPWGPELPGDLILSRRAYVSCDLTSCFKFFIAYGLSANQHLLNTSMEWEESLY
KTPIGSASTLSTSEMILPGRSSSACFDGLKWTVLVANGRDRNSFIMIKYGEEVTDTFSASRGGPLRLPNSECICIEGSCF
VIVSDGPNVNQSVHRIYELQNGTVQRWKQLNTTGINFEYSTCYTINNLIKCTGTNLWNDAKRPLLRFTKELNYQIVEPCN
GAPTDFPRGGLTTPSCKMAQEKGEGGIQGFILDEKPAWTSKTKAESSQNGFVLEQIPNGIESEGTVSLSYELFSNKRTGR
SGFFQPKGDLISGCQRICFWLEIEDQTVGLGMIQELSTFCGINSPVQNINWDS
;
_entity_poly.pdbx_strand_id   A,B,C,D,E,F
#
loop_
_chem_comp.id
_chem_comp.type
_chem_comp.name
_chem_comp.formula
BMA D-saccharide, beta linking beta-D-mannopyranose 'C6 H12 O6'
CA non-polymer 'CALCIUM ION' 'Ca 2'
FUC L-saccharide, alpha linking alpha-L-fucopyranose 'C6 H12 O5'
FUL L-saccharide, beta linking beta-L-fucopyranose 'C6 H12 O5'
GOL non-polymer GLYCEROL 'C3 H8 O3'
MAN D-saccharide, alpha linking alpha-D-mannopyranose 'C6 H12 O6'
NAG D-saccharide, beta linking 2-acetamido-2-deoxy-beta-D-glucopyranose 'C8 H15 N O6'
NO3 non-polymer 'NITRATE ION' 'N O3 -1'
#
# COMPACT_ATOMS: atom_id res chain seq x y z
N PHE A 7 -21.09 -34.05 -12.10
CA PHE A 7 -21.45 -32.64 -12.22
C PHE A 7 -22.49 -32.18 -11.19
N TYR A 8 -23.51 -33.01 -10.94
CA TYR A 8 -24.47 -32.68 -9.90
C TYR A 8 -23.84 -33.05 -8.59
N TRP A 9 -24.10 -32.24 -7.57
CA TRP A 9 -23.50 -32.46 -6.28
C TRP A 9 -24.19 -33.61 -5.58
N ARG A 10 -23.43 -34.30 -4.75
CA ARG A 10 -24.03 -35.17 -3.74
C ARG A 10 -23.10 -35.18 -2.55
N ALA A 11 -23.65 -35.48 -1.37
CA ALA A 11 -22.87 -35.51 -0.14
C ALA A 11 -21.74 -36.52 -0.24
N LYS A 12 -20.67 -36.28 0.51
CA LYS A 12 -19.59 -37.25 0.58
C LYS A 12 -20.15 -38.47 1.30
N SER A 13 -19.46 -39.59 1.19
CA SER A 13 -20.04 -40.90 1.48
C SER A 13 -20.38 -41.13 2.95
N GLN A 14 -19.70 -40.43 3.85
CA GLN A 14 -20.04 -40.56 5.27
C GLN A 14 -19.93 -39.19 5.92
N MET A 15 -20.73 -38.99 6.95
CA MET A 15 -20.65 -37.75 7.72
C MET A 15 -19.41 -37.75 8.58
N CYS A 16 -18.77 -36.60 8.72
CA CYS A 16 -17.64 -36.48 9.61
C CYS A 16 -18.07 -36.78 11.04
N GLU A 17 -17.19 -37.37 11.83
CA GLU A 17 -17.47 -37.52 13.26
C GLU A 17 -17.57 -36.12 13.86
N VAL A 18 -18.57 -35.90 14.70
CA VAL A 18 -18.71 -34.59 15.35
C VAL A 18 -18.50 -34.66 16.85
N LYS A 19 -17.44 -34.03 17.33
CA LYS A 19 -17.11 -34.02 18.75
C LYS A 19 -17.07 -32.61 19.30
N GLY A 20 -17.31 -31.64 18.43
CA GLY A 20 -17.36 -30.26 18.85
C GLY A 20 -18.02 -29.37 17.82
N TRP A 21 -18.23 -28.11 18.19
CA TRP A 21 -18.81 -27.14 17.26
C TRP A 21 -18.06 -25.83 17.40
N VAL A 22 -17.64 -25.28 16.28
CA VAL A 22 -16.90 -24.02 16.31
C VAL A 22 -17.57 -22.98 15.42
N PRO A 23 -17.54 -21.71 15.86
CA PRO A 23 -18.15 -20.66 15.03
C PRO A 23 -17.29 -20.34 13.81
N THR A 24 -17.89 -20.33 12.64
CA THR A 24 -17.16 -19.97 11.44
C THR A 24 -17.50 -18.52 11.07
N HIS A 25 -18.59 -18.01 11.64
CA HIS A 25 -19.03 -16.66 11.38
C HIS A 25 -19.89 -16.20 12.55
N ARG A 26 -19.42 -15.20 13.28
CA ARG A 26 -20.28 -14.56 14.26
C ARG A 26 -21.12 -13.54 13.53
N GLY A 27 -22.34 -13.34 14.00
CA GLY A 27 -23.17 -12.31 13.41
C GLY A 27 -22.45 -10.98 13.52
N PHE A 28 -22.72 -10.07 12.60
CA PHE A 28 -22.15 -8.74 12.72
C PHE A 28 -22.65 -8.16 14.06
N PRO A 29 -21.74 -7.52 14.82
CA PRO A 29 -21.99 -7.17 16.22
C PRO A 29 -22.76 -5.85 16.39
N TRP A 30 -23.85 -5.67 15.63
CA TRP A 30 -24.65 -4.46 15.72
C TRP A 30 -25.38 -4.34 17.06
N GLY A 31 -25.78 -3.12 17.41
CA GLY A 31 -26.52 -2.87 18.63
C GLY A 31 -25.62 -2.31 19.71
N PRO A 32 -26.07 -1.24 20.39
CA PRO A 32 -27.40 -0.66 20.20
C PRO A 32 -27.54 0.18 18.93
N GLU A 33 -26.43 0.47 18.27
CA GLU A 33 -26.49 1.19 16.99
C GLU A 33 -26.09 0.29 15.80
N LEU A 34 -26.57 0.64 14.62
CA LEU A 34 -26.13 -0.01 13.40
C LEU A 34 -25.92 1.04 12.31
N PRO A 35 -25.10 0.70 11.32
CA PRO A 35 -24.82 1.65 10.24
C PRO A 35 -26.04 1.85 9.34
N GLY A 36 -26.07 2.95 8.60
CA GLY A 36 -27.17 3.21 7.67
C GLY A 36 -27.07 2.34 6.42
N ASP A 37 -28.18 2.19 5.73
CA ASP A 37 -28.21 1.45 4.46
C ASP A 37 -27.96 -0.04 4.66
N LEU A 38 -28.26 -0.52 5.86
CA LEU A 38 -28.23 -1.95 6.12
C LEU A 38 -29.62 -2.47 5.80
N ILE A 39 -29.68 -3.61 5.11
CA ILE A 39 -30.94 -4.27 4.86
C ILE A 39 -31.26 -5.19 6.03
N LEU A 40 -32.37 -4.90 6.71
CA LEU A 40 -32.80 -5.67 7.87
C LEU A 40 -33.49 -6.96 7.42
N SER A 41 -33.12 -8.05 8.06
CA SER A 41 -33.52 -9.37 7.57
C SER A 41 -34.31 -10.20 8.57
N ARG A 42 -35.18 -11.04 8.04
CA ARG A 42 -35.86 -12.02 8.85
C ARG A 42 -36.03 -13.28 8.02
N ARG A 43 -36.29 -14.39 8.71
CA ARG A 43 -36.48 -15.68 8.09
C ARG A 43 -35.24 -16.05 7.28
N ALA A 44 -34.09 -15.69 7.82
CA ALA A 44 -32.82 -15.94 7.15
C ALA A 44 -32.34 -17.37 7.35
N TYR A 45 -31.50 -17.81 6.41
CA TYR A 45 -30.86 -19.12 6.49
C TYR A 45 -29.66 -19.12 5.56
N VAL A 46 -28.87 -20.18 5.60
CA VAL A 46 -27.65 -20.22 4.83
C VAL A 46 -27.70 -21.34 3.81
N SER A 47 -27.10 -21.12 2.64
CA SER A 47 -26.95 -22.18 1.63
C SER A 47 -25.76 -21.84 0.74
N CYS A 48 -25.06 -22.87 0.27
CA CYS A 48 -23.78 -22.69 -0.41
C CYS A 48 -23.78 -23.23 -1.84
N ASP A 49 -22.98 -22.61 -2.71
CA ASP A 49 -22.65 -23.24 -3.98
C ASP A 49 -21.41 -24.08 -3.75
N LEU A 50 -20.68 -24.43 -4.81
CA LEU A 50 -19.49 -25.26 -4.64
C LEU A 50 -18.27 -24.48 -4.16
N THR A 51 -18.41 -23.17 -4.05
CA THR A 51 -17.29 -22.33 -3.68
C THR A 51 -17.46 -21.62 -2.35
N SER A 52 -18.62 -21.01 -2.15
CA SER A 52 -18.88 -20.24 -0.93
C SER A 52 -20.34 -20.29 -0.51
N CYS A 53 -20.65 -19.66 0.62
CA CYS A 53 -21.97 -19.73 1.20
C CYS A 53 -22.62 -18.36 1.28
N PHE A 54 -23.95 -18.36 1.31
CA PHE A 54 -24.71 -17.13 1.27
C PHE A 54 -25.78 -17.14 2.35
N LYS A 55 -26.16 -15.95 2.77
CA LYS A 55 -27.33 -15.72 3.60
C LYS A 55 -28.50 -15.36 2.71
N PHE A 56 -29.54 -16.20 2.74
CA PHE A 56 -30.80 -15.92 2.08
C PHE A 56 -31.76 -15.39 3.15
N PHE A 57 -32.57 -14.39 2.81
CA PHE A 57 -33.43 -13.76 3.80
C PHE A 57 -34.53 -12.91 3.19
N ILE A 58 -35.59 -12.69 3.96
CA ILE A 58 -36.65 -11.78 3.55
C ILE A 58 -36.28 -10.41 4.12
N ALA A 59 -36.24 -9.39 3.28
CA ALA A 59 -35.95 -8.03 3.75
C ALA A 59 -37.21 -7.39 4.30
N TYR A 60 -37.09 -6.66 5.40
CA TYR A 60 -38.24 -5.94 5.92
C TYR A 60 -37.97 -4.47 6.19
N GLY A 61 -36.72 -4.04 6.01
CA GLY A 61 -36.43 -2.63 6.13
C GLY A 61 -35.00 -2.26 5.84
N LEU A 62 -34.78 -0.94 5.78
CA LEU A 62 -33.46 -0.39 5.53
C LEU A 62 -33.17 0.61 6.64
N SER A 63 -32.00 0.51 7.26
CA SER A 63 -31.64 1.44 8.33
C SER A 63 -31.28 2.84 7.83
N ALA A 64 -31.68 3.83 8.61
CA ALA A 64 -31.29 5.22 8.36
C ALA A 64 -31.21 5.97 9.69
N ASN A 65 -30.03 6.51 10.00
CA ASN A 65 -29.83 7.22 11.26
C ASN A 65 -30.49 6.51 12.44
N GLN A 66 -30.26 5.20 12.54
CA GLN A 66 -30.74 4.39 13.67
C GLN A 66 -32.23 4.02 13.62
N HIS A 67 -32.96 4.63 12.70
CA HIS A 67 -34.37 4.27 12.51
C HIS A 67 -34.58 3.61 11.16
N LEU A 68 -35.82 3.26 10.87
CA LEU A 68 -36.14 2.66 9.58
C LEU A 68 -36.45 3.76 8.59
N LEU A 69 -35.79 3.72 7.43
CA LEU A 69 -36.19 4.56 6.32
C LEU A 69 -37.67 4.30 6.08
N ASN A 70 -38.45 5.36 5.85
CA ASN A 70 -39.88 5.20 5.59
C ASN A 70 -40.10 4.67 4.17
N THR A 71 -40.36 3.37 4.06
CA THR A 71 -40.58 2.71 2.78
C THR A 71 -41.70 1.67 2.90
N SER A 72 -42.00 0.98 1.81
CA SER A 72 -42.96 -0.14 1.85
C SER A 72 -42.26 -1.50 2.02
N MET A 73 -40.99 -1.50 2.39
CA MET A 73 -40.20 -2.74 2.37
C MET A 73 -40.81 -3.81 3.30
N GLU A 74 -41.42 -3.35 4.38
CA GLU A 74 -41.94 -4.26 5.40
C GLU A 74 -43.11 -5.10 4.88
N TRP A 75 -43.90 -4.57 3.97
CA TRP A 75 -45.08 -5.31 3.52
C TRP A 75 -45.01 -5.73 2.07
N GLU A 76 -44.05 -5.18 1.33
CA GLU A 76 -43.71 -5.71 0.01
C GLU A 76 -42.49 -6.61 0.16
N GLU A 77 -42.74 -7.89 0.41
CA GLU A 77 -41.72 -8.80 0.87
C GLU A 77 -40.96 -9.44 -0.28
N SER A 78 -39.64 -9.31 -0.23
CA SER A 78 -38.77 -9.93 -1.22
C SER A 78 -37.60 -10.68 -0.58
N LEU A 79 -37.24 -11.78 -1.23
CA LEU A 79 -36.09 -12.58 -0.86
C LEU A 79 -34.80 -11.99 -1.46
N TYR A 80 -33.76 -11.91 -0.63
CA TYR A 80 -32.45 -11.39 -1.01
C TYR A 80 -31.41 -12.42 -0.65
N LYS A 81 -30.21 -12.28 -1.21
CA LYS A 81 -29.08 -13.04 -0.72
C LYS A 81 -27.82 -12.19 -0.69
N THR A 82 -26.98 -12.51 0.29
CA THR A 82 -25.75 -11.79 0.56
C THR A 82 -24.64 -12.81 0.85
N PRO A 83 -23.44 -12.58 0.32
CA PRO A 83 -22.30 -13.45 0.69
C PRO A 83 -22.10 -13.46 2.19
N ILE A 84 -21.86 -14.65 2.75
CA ILE A 84 -21.84 -14.79 4.20
C ILE A 84 -20.87 -13.82 4.91
N GLY A 85 -19.71 -13.58 4.30
CA GLY A 85 -18.72 -12.71 4.91
C GLY A 85 -18.99 -11.21 4.85
N SER A 86 -20.07 -10.81 4.19
CA SER A 86 -20.43 -9.39 4.08
C SER A 86 -21.70 -9.07 4.86
N ALA A 87 -21.75 -7.87 5.39
CA ALA A 87 -22.99 -7.30 5.89
C ALA A 87 -23.95 -7.06 4.72
N SER A 88 -25.24 -7.18 5.01
CA SER A 88 -26.28 -6.98 4.00
C SER A 88 -26.58 -5.49 3.80
N THR A 89 -26.07 -4.96 2.69
CA THR A 89 -26.29 -3.57 2.32
C THR A 89 -26.72 -3.52 0.87
N LEU A 90 -27.08 -2.33 0.41
CA LEU A 90 -27.54 -2.13 -0.96
C LEU A 90 -26.47 -2.49 -1.99
N SER A 91 -25.21 -2.43 -1.61
CA SER A 91 -24.11 -2.75 -2.52
C SER A 91 -23.76 -4.24 -2.52
N THR A 92 -24.05 -4.94 -1.43
CA THR A 92 -23.58 -6.30 -1.28
C THR A 92 -24.70 -7.35 -1.45
N SER A 93 -25.95 -6.91 -1.42
CA SER A 93 -27.07 -7.84 -1.39
C SER A 93 -27.83 -7.81 -2.71
N GLU A 94 -28.27 -8.98 -3.16
CA GLU A 94 -29.00 -9.09 -4.41
C GLU A 94 -30.45 -9.45 -4.12
N MET A 95 -31.39 -8.72 -4.71
CA MET A 95 -32.79 -9.09 -4.62
C MET A 95 -33.05 -10.22 -5.64
N ILE A 96 -33.64 -11.31 -5.19
CA ILE A 96 -33.82 -12.50 -6.03
C ILE A 96 -35.24 -12.64 -6.60
N LEU A 97 -36.24 -12.63 -5.72
CA LEU A 97 -37.65 -12.78 -6.09
C LEU A 97 -38.51 -12.17 -4.98
N PRO A 98 -39.76 -11.81 -5.31
CA PRO A 98 -40.71 -11.48 -4.24
C PRO A 98 -41.08 -12.75 -3.49
N GLY A 99 -41.26 -12.67 -2.17
CA GLY A 99 -41.62 -13.83 -1.38
C GLY A 99 -41.77 -13.54 0.10
N ARG A 100 -42.68 -14.27 0.75
CA ARG A 100 -42.92 -14.16 2.19
C ARG A 100 -42.21 -15.29 2.95
N SER A 101 -42.06 -16.43 2.28
CA SER A 101 -41.23 -17.50 2.77
C SER A 101 -40.46 -18.11 1.60
N SER A 102 -39.42 -18.86 1.89
CA SER A 102 -38.57 -19.36 0.81
C SER A 102 -37.75 -20.58 1.15
N SER A 103 -37.15 -21.15 0.11
CA SER A 103 -36.14 -22.16 0.27
C SER A 103 -35.24 -22.08 -0.95
N ALA A 104 -33.98 -22.41 -0.78
CA ALA A 104 -33.05 -22.38 -1.89
C ALA A 104 -31.98 -23.46 -1.74
N CYS A 105 -31.46 -23.92 -2.86
CA CYS A 105 -30.43 -24.93 -2.80
C CYS A 105 -29.76 -25.02 -4.18
N PHE A 106 -28.44 -25.22 -4.14
CA PHE A 106 -27.60 -25.33 -5.34
C PHE A 106 -27.35 -26.81 -5.65
N ASP A 107 -27.62 -27.23 -6.88
CA ASP A 107 -27.52 -28.64 -7.21
C ASP A 107 -26.19 -29.06 -7.84
N GLY A 108 -25.26 -28.11 -7.94
CA GLY A 108 -23.99 -28.35 -8.57
C GLY A 108 -23.85 -27.57 -9.87
N LEU A 109 -24.97 -27.35 -10.54
CA LEU A 109 -25.03 -26.52 -11.74
C LEU A 109 -25.71 -25.17 -11.54
N LYS A 110 -26.89 -25.20 -10.95
CA LYS A 110 -27.67 -23.98 -10.80
C LYS A 110 -28.39 -23.91 -9.44
N TRP A 111 -28.80 -22.69 -9.07
CA TRP A 111 -29.66 -22.50 -7.90
C TRP A 111 -31.11 -22.80 -8.25
N THR A 112 -31.73 -23.63 -7.42
CA THR A 112 -33.18 -23.72 -7.36
C THR A 112 -33.65 -22.85 -6.19
N VAL A 113 -34.60 -21.96 -6.47
CA VAL A 113 -35.14 -21.06 -5.47
C VAL A 113 -36.66 -21.18 -5.49
N LEU A 114 -37.26 -21.35 -4.32
CA LEU A 114 -38.70 -21.35 -4.19
C LEU A 114 -39.15 -20.20 -3.28
N VAL A 115 -40.23 -19.54 -3.67
CA VAL A 115 -40.84 -18.50 -2.84
C VAL A 115 -42.35 -18.66 -2.79
N ALA A 116 -42.94 -18.22 -1.69
CA ALA A 116 -44.38 -18.24 -1.56
C ALA A 116 -44.89 -16.81 -1.50
N ASN A 117 -45.98 -16.54 -2.24
CA ASN A 117 -46.60 -15.22 -2.24
C ASN A 117 -48.12 -15.34 -2.17
N GLY A 118 -48.78 -14.24 -1.80
CA GLY A 118 -50.24 -14.19 -1.74
C GLY A 118 -50.74 -14.64 -0.38
N ARG A 119 -52.02 -14.41 -0.13
CA ARG A 119 -52.57 -14.67 1.19
C ARG A 119 -53.63 -15.76 1.11
N ASP A 120 -53.64 -16.63 2.12
CA ASP A 120 -54.69 -17.63 2.26
C ASP A 120 -54.90 -18.37 0.96
N ARG A 121 -56.12 -18.28 0.42
CA ARG A 121 -56.52 -19.03 -0.75
C ARG A 121 -55.78 -18.58 -2.00
N ASN A 122 -55.20 -17.38 -1.96
CA ASN A 122 -54.50 -16.84 -3.11
C ASN A 122 -53.01 -17.23 -3.14
N SER A 123 -52.55 -17.86 -2.06
CA SER A 123 -51.13 -18.19 -1.97
C SER A 123 -50.67 -19.15 -3.09
N PHE A 124 -49.50 -18.87 -3.66
CA PHE A 124 -48.92 -19.75 -4.65
C PHE A 124 -47.41 -19.79 -4.49
N ILE A 125 -46.80 -20.87 -4.98
CA ILE A 125 -45.37 -20.99 -4.98
C ILE A 125 -44.86 -20.91 -6.41
N MET A 126 -43.74 -20.22 -6.61
CA MET A 126 -43.03 -20.31 -7.87
C MET A 126 -41.60 -20.75 -7.65
N ILE A 127 -41.07 -21.43 -8.66
CA ILE A 127 -39.75 -22.03 -8.60
C ILE A 127 -38.94 -21.45 -9.73
N LYS A 128 -37.71 -21.06 -9.40
CA LYS A 128 -36.76 -20.56 -10.39
C LYS A 128 -35.56 -21.48 -10.43
N TYR A 129 -35.12 -21.85 -11.62
CA TYR A 129 -33.89 -22.61 -11.78
C TYR A 129 -32.97 -21.76 -12.63
N GLY A 130 -31.81 -21.38 -12.09
CA GLY A 130 -31.03 -20.32 -12.72
C GLY A 130 -31.83 -19.04 -12.89
N GLU A 131 -31.82 -18.52 -14.12
CA GLU A 131 -32.49 -17.26 -14.49
C GLU A 131 -33.99 -17.48 -14.74
N GLU A 132 -34.39 -18.75 -14.81
CA GLU A 132 -35.64 -19.16 -15.44
C GLU A 132 -36.74 -19.60 -14.44
N VAL A 133 -37.88 -18.94 -14.46
CA VAL A 133 -39.04 -19.43 -13.71
C VAL A 133 -39.52 -20.72 -14.40
N THR A 134 -39.51 -21.82 -13.66
CA THR A 134 -39.69 -23.13 -14.24
C THR A 134 -40.97 -23.84 -13.80
N ASP A 135 -41.60 -23.34 -12.74
CA ASP A 135 -42.81 -24.01 -12.27
C ASP A 135 -43.53 -23.17 -11.22
N THR A 136 -44.82 -23.46 -11.09
CA THR A 136 -45.66 -22.83 -10.09
C THR A 136 -46.73 -23.81 -9.66
N PHE A 137 -47.23 -23.63 -8.44
CA PHE A 137 -48.44 -24.30 -8.00
C PHE A 137 -49.12 -23.51 -6.87
N SER A 138 -50.43 -23.73 -6.71
CA SER A 138 -51.23 -22.93 -5.79
C SER A 138 -51.71 -23.73 -4.58
N ALA A 139 -52.07 -23.02 -3.53
CA ALA A 139 -52.67 -23.64 -2.36
C ALA A 139 -53.79 -24.57 -2.76
N SER A 140 -53.95 -25.67 -2.02
CA SER A 140 -55.06 -26.57 -2.29
C SER A 140 -55.82 -26.96 -1.03
N ARG A 141 -55.30 -26.55 0.13
CA ARG A 141 -55.94 -26.86 1.40
C ARG A 141 -56.25 -25.58 2.17
N GLY A 142 -56.41 -24.48 1.43
CA GLY A 142 -56.82 -23.24 2.05
C GLY A 142 -55.72 -22.20 2.19
N GLY A 143 -54.46 -22.64 2.13
CA GLY A 143 -53.36 -21.71 2.23
C GLY A 143 -53.16 -21.18 3.63
N PRO A 144 -52.13 -20.35 3.82
CA PRO A 144 -51.15 -20.07 2.76
C PRO A 144 -50.19 -21.22 2.57
N LEU A 145 -49.65 -21.37 1.37
CA LEU A 145 -48.49 -22.24 1.20
C LEU A 145 -47.31 -21.67 1.98
N ARG A 146 -46.55 -22.57 2.60
CA ARG A 146 -45.45 -22.19 3.48
C ARG A 146 -44.19 -22.96 3.14
N LEU A 147 -43.14 -22.22 2.80
CA LEU A 147 -41.80 -22.78 2.63
C LEU A 147 -41.01 -22.70 3.95
N PRO A 148 -40.05 -23.61 4.16
CA PRO A 148 -39.50 -23.74 5.51
C PRO A 148 -38.42 -22.74 5.95
N ASN A 149 -38.00 -21.85 5.06
CA ASN A 149 -36.96 -20.87 5.39
C ASN A 149 -35.69 -21.56 5.87
N SER A 150 -35.30 -22.57 5.11
CA SER A 150 -34.04 -23.26 5.30
C SER A 150 -33.72 -23.89 3.95
N GLU A 151 -32.48 -24.30 3.74
CA GLU A 151 -32.10 -24.75 2.42
C GLU A 151 -32.83 -26.01 2.03
N CYS A 152 -33.15 -26.10 0.74
CA CYS A 152 -33.69 -27.35 0.22
C CYS A 152 -32.51 -28.32 -0.01
N ILE A 153 -32.83 -29.57 -0.29
CA ILE A 153 -31.83 -30.61 -0.31
C ILE A 153 -31.67 -31.21 -1.70
N CYS A 154 -30.47 -31.09 -2.27
CA CYS A 154 -30.19 -31.64 -3.62
C CYS A 154 -29.30 -32.88 -3.55
N ILE A 155 -29.69 -33.91 -4.29
CA ILE A 155 -28.93 -35.15 -4.41
C ILE A 155 -28.90 -35.56 -5.89
N GLU A 156 -27.72 -35.54 -6.49
CA GLU A 156 -27.56 -35.98 -7.88
C GLU A 156 -28.56 -35.33 -8.82
N GLY A 157 -28.83 -34.04 -8.64
CA GLY A 157 -29.71 -33.32 -9.55
C GLY A 157 -31.19 -33.30 -9.17
N SER A 158 -31.60 -34.15 -8.24
CA SER A 158 -32.96 -34.05 -7.68
C SER A 158 -32.94 -33.23 -6.39
N CYS A 159 -33.80 -32.21 -6.31
CA CYS A 159 -33.88 -31.37 -5.10
C CYS A 159 -35.22 -31.56 -4.37
N PHE A 160 -35.15 -31.68 -3.04
CA PHE A 160 -36.34 -31.98 -2.25
C PHE A 160 -36.62 -30.84 -1.28
N VAL A 161 -37.90 -30.52 -1.09
CA VAL A 161 -38.28 -29.47 -0.15
C VAL A 161 -39.61 -29.83 0.47
N ILE A 162 -39.79 -29.46 1.73
CA ILE A 162 -41.05 -29.63 2.43
C ILE A 162 -41.91 -28.39 2.25
N VAL A 163 -43.12 -28.58 1.73
CA VAL A 163 -44.07 -27.48 1.60
C VAL A 163 -45.29 -27.73 2.51
N SER A 164 -45.73 -26.69 3.22
CA SER A 164 -46.88 -26.83 4.12
C SER A 164 -48.05 -25.97 3.66
N ASP A 165 -49.25 -26.42 3.99
CA ASP A 165 -50.50 -25.82 3.53
C ASP A 165 -51.51 -25.93 4.67
N GLY A 166 -52.60 -25.18 4.59
CA GLY A 166 -53.62 -25.24 5.61
C GLY A 166 -53.59 -24.07 6.57
N PRO A 167 -54.76 -23.46 6.86
CA PRO A 167 -54.84 -22.25 7.69
C PRO A 167 -54.55 -22.46 9.17
N ASN A 168 -54.70 -23.68 9.68
CA ASN A 168 -54.57 -23.90 11.11
C ASN A 168 -53.56 -24.97 11.50
N VAL A 169 -52.75 -24.66 12.51
CA VAL A 169 -51.70 -25.58 12.95
C VAL A 169 -52.28 -26.90 13.46
N ASN A 170 -53.58 -26.94 13.75
CA ASN A 170 -54.21 -28.17 14.24
C ASN A 170 -54.78 -29.05 13.13
N GLN A 171 -54.68 -28.57 11.89
CA GLN A 171 -54.96 -29.43 10.74
C GLN A 171 -54.08 -29.06 9.55
N SER A 172 -52.77 -29.05 9.77
CA SER A 172 -51.83 -28.67 8.72
C SER A 172 -51.58 -29.82 7.77
N VAL A 173 -51.19 -29.48 6.55
CA VAL A 173 -50.82 -30.47 5.55
C VAL A 173 -49.36 -30.25 5.17
N HIS A 174 -48.60 -31.34 5.02
CA HIS A 174 -47.17 -31.26 4.71
C HIS A 174 -46.83 -32.23 3.60
N ARG A 175 -46.16 -31.71 2.58
CA ARG A 175 -45.80 -32.51 1.42
C ARG A 175 -44.31 -32.41 1.13
N ILE A 176 -43.71 -33.52 0.70
CA ILE A 176 -42.39 -33.49 0.10
C ILE A 176 -42.57 -33.28 -1.38
N TYR A 177 -41.88 -32.29 -1.92
CA TYR A 177 -41.82 -32.10 -3.37
C TYR A 177 -40.45 -32.52 -3.91
N GLU A 178 -40.43 -33.29 -4.98
CA GLU A 178 -39.19 -33.56 -5.67
C GLU A 178 -39.10 -32.72 -6.94
N LEU A 179 -37.99 -31.98 -7.08
CA LEU A 179 -37.77 -31.11 -8.24
C LEU A 179 -36.55 -31.58 -9.03
N GLN A 180 -36.59 -31.36 -10.34
CA GLN A 180 -35.41 -31.49 -11.20
C GLN A 180 -35.41 -30.30 -12.16
N ASN A 181 -34.28 -29.61 -12.27
CA ASN A 181 -34.25 -28.39 -13.05
C ASN A 181 -35.45 -27.50 -12.73
N GLY A 182 -35.81 -27.43 -11.45
CA GLY A 182 -36.84 -26.49 -11.03
C GLY A 182 -38.26 -26.88 -11.41
N THR A 183 -38.43 -28.15 -11.77
CA THR A 183 -39.71 -28.64 -12.26
C THR A 183 -40.20 -29.76 -11.36
N VAL A 184 -41.44 -29.66 -10.89
CA VAL A 184 -42.00 -30.69 -10.02
C VAL A 184 -42.08 -32.01 -10.78
N GLN A 185 -41.41 -33.03 -10.23
CA GLN A 185 -41.46 -34.38 -10.78
C GLN A 185 -42.58 -35.18 -10.14
N ARG A 186 -42.65 -35.11 -8.82
CA ARG A 186 -43.72 -35.73 -8.07
C ARG A 186 -43.75 -35.15 -6.67
N TRP A 187 -44.78 -35.50 -5.91
CA TRP A 187 -44.85 -35.11 -4.53
C TRP A 187 -45.57 -36.18 -3.74
N LYS A 188 -45.37 -36.13 -2.43
CA LYS A 188 -45.90 -37.15 -1.54
C LYS A 188 -46.44 -36.39 -0.33
N GLN A 189 -47.72 -36.56 -0.03
CA GLN A 189 -48.27 -35.94 1.16
C GLN A 189 -47.93 -36.82 2.34
N LEU A 190 -47.29 -36.25 3.36
CA LEU A 190 -46.93 -37.00 4.55
C LEU A 190 -48.15 -37.25 5.44
N ASN A 191 -48.22 -38.41 6.08
CA ASN A 191 -49.23 -38.64 7.11
C ASN A 191 -48.78 -38.05 8.43
N THR A 192 -49.31 -36.87 8.74
CA THR A 192 -48.92 -36.13 9.95
C THR A 192 -50.11 -35.99 10.92
N THR A 193 -51.02 -36.95 10.85
CA THR A 193 -52.19 -36.98 11.74
C THR A 193 -51.75 -36.89 13.20
N GLY A 194 -52.29 -35.91 13.91
CA GLY A 194 -51.99 -35.75 15.33
C GLY A 194 -50.83 -34.83 15.65
N ILE A 195 -50.15 -34.32 14.63
CA ILE A 195 -49.05 -33.40 14.86
C ILE A 195 -49.05 -32.24 13.87
N ASN A 196 -48.08 -31.37 14.02
CA ASN A 196 -47.84 -30.23 13.12
C ASN A 196 -46.34 -30.23 12.82
N PHE A 197 -45.96 -29.93 11.58
CA PHE A 197 -44.57 -30.07 11.13
C PHE A 197 -44.10 -28.89 10.27
N GLU A 198 -43.91 -27.74 10.91
CA GLU A 198 -43.50 -26.51 10.22
C GLU A 198 -41.97 -26.33 10.27
N TYR A 199 -41.47 -25.44 9.42
CA TYR A 199 -40.09 -24.97 9.50
C TYR A 199 -39.05 -26.11 9.36
N SER A 200 -39.32 -27.07 8.49
CA SER A 200 -38.37 -28.15 8.24
C SER A 200 -36.99 -27.58 8.01
N THR A 201 -35.99 -28.11 8.71
CA THR A 201 -34.61 -27.84 8.40
C THR A 201 -33.91 -29.19 8.24
N CYS A 202 -33.17 -29.33 7.15
CA CYS A 202 -32.77 -30.66 6.67
C CYS A 202 -31.30 -30.73 6.27
N TYR A 203 -30.78 -31.95 6.19
CA TYR A 203 -29.46 -32.21 5.62
C TYR A 203 -29.55 -33.55 4.92
N THR A 204 -28.54 -33.89 4.14
CA THR A 204 -28.52 -35.17 3.46
C THR A 204 -27.22 -35.95 3.71
N ILE A 205 -27.35 -37.26 3.82
CA ILE A 205 -26.20 -38.14 4.00
C ILE A 205 -26.57 -39.56 3.56
N ASN A 206 -25.59 -40.28 2.99
CA ASN A 206 -25.82 -41.50 2.19
C ASN A 206 -27.23 -41.67 1.62
N ASN A 207 -27.57 -40.81 0.66
CA ASN A 207 -28.85 -40.89 -0.06
C ASN A 207 -30.15 -40.80 0.77
N LEU A 208 -30.03 -40.36 2.03
CA LEU A 208 -31.20 -40.09 2.88
C LEU A 208 -31.31 -38.60 3.11
N ILE A 209 -32.54 -38.14 3.34
CA ILE A 209 -32.76 -36.75 3.71
C ILE A 209 -33.34 -36.83 5.12
N LYS A 210 -32.77 -36.05 6.03
CA LYS A 210 -33.24 -36.02 7.40
C LYS A 210 -33.57 -34.59 7.76
N CYS A 211 -34.77 -34.37 8.32
CA CYS A 211 -35.24 -33.03 8.63
C CYS A 211 -35.78 -32.95 10.06
N THR A 212 -35.62 -31.81 10.69
CA THR A 212 -36.22 -31.56 11.97
C THR A 212 -37.33 -30.56 11.76
N GLY A 213 -38.48 -30.84 12.37
CA GLY A 213 -39.62 -29.96 12.31
C GLY A 213 -39.84 -29.15 13.58
N THR A 214 -40.81 -28.25 13.52
CA THR A 214 -41.26 -27.51 14.69
C THR A 214 -42.76 -27.71 14.77
N ASN A 215 -43.22 -28.26 15.90
CA ASN A 215 -44.65 -28.49 16.11
C ASN A 215 -45.23 -27.30 16.87
N LEU A 216 -46.04 -26.49 16.18
CA LEU A 216 -46.58 -25.25 16.75
C LEU A 216 -47.91 -25.48 17.46
N TRP A 217 -48.38 -26.73 17.43
CA TRP A 217 -49.71 -27.08 17.89
C TRP A 217 -49.67 -27.70 19.29
N ASN A 218 -49.10 -28.90 19.38
CA ASN A 218 -49.23 -29.69 20.60
C ASN A 218 -47.97 -30.47 20.98
N ASP A 219 -46.78 -29.91 20.74
CA ASP A 219 -45.55 -30.61 21.12
C ASP A 219 -44.40 -29.68 21.34
N ALA A 220 -43.66 -29.96 22.41
CA ALA A 220 -42.45 -29.22 22.73
C ALA A 220 -41.22 -30.06 22.40
N LYS A 221 -41.43 -31.32 22.04
CA LYS A 221 -40.36 -32.07 21.39
C LYS A 221 -40.43 -31.67 19.93
N ARG A 222 -39.35 -31.88 19.18
CA ARG A 222 -39.37 -31.60 17.75
C ARG A 222 -39.54 -32.93 17.02
N PRO A 223 -40.59 -33.03 16.19
CA PRO A 223 -40.75 -34.21 15.36
C PRO A 223 -39.65 -34.30 14.30
N LEU A 224 -39.31 -35.51 13.90
CA LEU A 224 -38.24 -35.73 12.94
C LEU A 224 -38.72 -36.49 11.73
N LEU A 225 -38.17 -36.14 10.58
CA LEU A 225 -38.55 -36.78 9.35
C LEU A 225 -37.30 -37.39 8.71
N ARG A 226 -37.42 -38.63 8.26
CA ARG A 226 -36.36 -39.29 7.49
C ARG A 226 -37.01 -39.77 6.21
N PHE A 227 -36.41 -39.43 5.08
CA PHE A 227 -36.95 -39.90 3.82
C PHE A 227 -35.88 -40.17 2.77
N THR A 228 -36.25 -40.94 1.75
CA THR A 228 -35.34 -41.35 0.70
C THR A 228 -35.57 -40.54 -0.59
N LYS A 229 -34.66 -40.70 -1.53
CA LYS A 229 -34.82 -40.14 -2.86
C LYS A 229 -36.10 -40.61 -3.53
N GLU A 230 -36.65 -41.74 -3.08
CA GLU A 230 -37.88 -42.28 -3.67
C GLU A 230 -39.15 -41.85 -2.93
N LEU A 231 -38.97 -40.97 -1.94
CA LEU A 231 -40.06 -40.39 -1.15
C LEU A 231 -40.70 -41.37 -0.17
N ASN A 232 -40.01 -42.48 0.09
CA ASN A 232 -40.34 -43.27 1.26
C ASN A 232 -39.90 -42.54 2.51
N TYR A 233 -40.65 -42.68 3.60
CA TYR A 233 -40.39 -41.83 4.75
C TYR A 233 -40.88 -42.43 6.06
N GLN A 234 -40.36 -41.88 7.15
CA GLN A 234 -40.86 -42.18 8.48
C GLN A 234 -40.80 -40.90 9.30
N ILE A 235 -41.84 -40.67 10.10
CA ILE A 235 -41.79 -39.56 11.04
C ILE A 235 -41.56 -40.16 12.41
N VAL A 236 -40.63 -39.56 13.16
CA VAL A 236 -40.16 -40.09 14.44
C VAL A 236 -40.24 -39.05 15.56
N GLU A 237 -40.45 -39.50 16.78
CA GLU A 237 -40.48 -38.65 17.97
C GLU A 237 -39.22 -38.89 18.83
N PRO A 238 -38.55 -37.82 19.27
CA PRO A 238 -37.42 -38.05 20.18
C PRO A 238 -37.86 -38.84 21.42
N CYS A 239 -37.02 -39.76 21.89
CA CYS A 239 -37.42 -40.64 22.97
C CYS A 239 -36.68 -40.30 24.25
N ASN A 240 -36.03 -39.14 24.28
CA ASN A 240 -35.38 -38.68 25.51
C ASN A 240 -36.42 -37.95 26.35
N GLY A 241 -35.97 -37.25 27.39
CA GLY A 241 -36.88 -36.54 28.28
C GLY A 241 -36.59 -35.06 28.34
N ALA A 242 -35.86 -34.56 27.33
CA ALA A 242 -35.50 -33.15 27.29
C ALA A 242 -36.04 -32.51 26.00
N PRO A 243 -37.24 -31.91 26.07
CA PRO A 243 -37.82 -31.22 24.90
C PRO A 243 -36.90 -30.11 24.41
N THR A 244 -36.88 -29.78 23.11
CA THR A 244 -35.96 -28.76 22.63
C THR A 244 -36.60 -27.58 21.91
N ASP A 245 -37.92 -27.62 21.76
CA ASP A 245 -38.63 -26.48 21.21
C ASP A 245 -38.56 -25.33 22.23
N PHE A 246 -38.90 -24.13 21.78
CA PHE A 246 -39.19 -23.03 22.70
C PHE A 246 -40.48 -22.37 22.23
N PRO A 247 -41.47 -22.27 23.14
CA PRO A 247 -41.37 -22.61 24.57
C PRO A 247 -41.40 -24.10 24.83
N ARG A 248 -41.20 -24.47 26.10
CA ARG A 248 -41.27 -25.87 26.50
C ARG A 248 -41.45 -25.96 28.00
N GLY A 249 -41.83 -27.14 28.48
CA GLY A 249 -41.87 -27.43 29.90
C GLY A 249 -40.53 -27.94 30.38
N GLY A 250 -40.52 -28.54 31.56
CA GLY A 250 -39.29 -29.06 32.15
C GLY A 250 -38.94 -30.46 31.67
N LEU A 251 -37.87 -31.00 32.24
CA LEU A 251 -37.42 -32.35 31.94
C LEU A 251 -38.44 -33.40 32.39
N THR A 252 -38.52 -34.50 31.65
CA THR A 252 -39.48 -35.54 31.96
C THR A 252 -38.82 -36.89 31.84
N THR A 253 -39.56 -37.92 32.24
CA THR A 253 -39.10 -39.30 32.11
C THR A 253 -38.93 -39.65 30.64
N PRO A 254 -37.77 -40.21 30.27
CA PRO A 254 -37.60 -40.53 28.85
C PRO A 254 -38.67 -41.48 28.34
N SER A 255 -39.28 -41.11 27.22
CA SER A 255 -40.22 -41.98 26.50
C SER A 255 -40.35 -41.44 25.09
N CYS A 256 -40.91 -42.24 24.20
CA CYS A 256 -41.14 -41.80 22.84
C CYS A 256 -42.39 -40.95 22.74
N LYS A 257 -42.94 -40.54 23.87
CA LYS A 257 -44.17 -39.76 23.86
C LYS A 257 -43.91 -38.28 23.65
N MET A 258 -44.88 -37.60 23.05
CA MET A 258 -44.84 -36.15 22.87
C MET A 258 -44.78 -35.43 24.21
N ALA A 259 -44.07 -34.30 24.22
CA ALA A 259 -44.02 -33.42 25.39
C ALA A 259 -45.08 -32.33 25.22
N GLN A 260 -46.28 -32.58 25.73
CA GLN A 260 -47.38 -31.67 25.45
C GLN A 260 -47.39 -30.43 26.34
N GLU A 261 -46.63 -30.44 27.43
CA GLU A 261 -46.56 -29.25 28.29
C GLU A 261 -45.99 -28.07 27.50
N LYS A 262 -46.81 -27.05 27.30
CA LYS A 262 -46.42 -25.85 26.55
C LYS A 262 -46.00 -26.19 25.13
N GLY A 263 -46.73 -27.11 24.52
CA GLY A 263 -46.42 -27.58 23.19
C GLY A 263 -46.87 -26.60 22.12
N GLU A 264 -47.78 -25.70 22.49
CA GLU A 264 -48.29 -24.73 21.54
C GLU A 264 -47.21 -23.71 21.27
N GLY A 265 -47.16 -23.22 20.03
CA GLY A 265 -46.09 -22.31 19.64
C GLY A 265 -44.77 -23.04 19.43
N GLY A 266 -43.72 -22.29 19.15
CA GLY A 266 -42.42 -22.85 18.92
C GLY A 266 -41.56 -22.01 18.01
N ILE A 267 -40.37 -22.53 17.70
CA ILE A 267 -39.39 -21.79 16.94
C ILE A 267 -38.52 -22.77 16.16
N GLN A 268 -38.18 -22.41 14.92
CA GLN A 268 -37.36 -23.28 14.07
C GLN A 268 -36.10 -23.73 14.78
N GLY A 269 -35.83 -25.03 14.71
CA GLY A 269 -34.66 -25.61 15.31
C GLY A 269 -34.31 -26.99 14.73
N PHE A 270 -33.20 -27.56 15.19
CA PHE A 270 -32.65 -28.76 14.58
C PHE A 270 -32.18 -29.80 15.60
N ILE A 271 -32.20 -31.06 15.15
CA ILE A 271 -31.61 -32.20 15.86
C ILE A 271 -30.77 -32.97 14.84
N LEU A 272 -29.47 -33.16 15.10
CA LEU A 272 -28.66 -34.01 14.24
C LEU A 272 -29.01 -35.46 14.50
N ASP A 273 -29.71 -36.05 13.54
CA ASP A 273 -30.35 -37.35 13.69
C ASP A 273 -29.41 -38.45 13.19
N GLU A 274 -28.35 -38.65 13.96
CA GLU A 274 -27.33 -39.66 13.70
C GLU A 274 -27.04 -40.46 14.98
N LYS A 275 -25.98 -41.26 14.95
CA LYS A 275 -25.49 -41.93 16.15
C LYS A 275 -24.00 -41.66 16.24
N PRO A 276 -23.58 -40.82 17.19
CA PRO A 276 -24.38 -40.07 18.17
C PRO A 276 -25.29 -39.03 17.53
N ALA A 277 -26.36 -38.69 18.24
CA ALA A 277 -27.22 -37.58 17.87
C ALA A 277 -26.76 -36.34 18.62
N TRP A 278 -27.17 -35.17 18.12
CA TRP A 278 -27.00 -33.93 18.87
C TRP A 278 -28.31 -33.19 18.93
N THR A 279 -28.67 -32.75 20.14
CA THR A 279 -29.82 -31.88 20.33
C THR A 279 -29.34 -30.47 20.52
N SER A 280 -30.24 -29.51 20.34
CA SER A 280 -29.89 -28.11 20.54
C SER A 280 -31.08 -27.34 21.12
N LYS A 281 -30.81 -26.44 22.06
CA LYS A 281 -31.89 -25.70 22.72
C LYS A 281 -31.38 -24.49 23.50
N THR A 282 -32.30 -23.60 23.83
CA THR A 282 -32.00 -22.49 24.74
C THR A 282 -31.47 -23.05 26.06
N LYS A 283 -30.54 -22.33 26.67
CA LYS A 283 -30.06 -22.69 28.00
C LYS A 283 -31.25 -22.87 28.94
N ALA A 284 -32.07 -21.84 29.03
CA ALA A 284 -33.20 -21.82 29.96
C ALA A 284 -34.52 -22.15 29.28
N GLU A 285 -35.39 -22.87 29.98
CA GLU A 285 -36.75 -23.10 29.48
C GLU A 285 -37.63 -21.87 29.73
N SER A 286 -37.09 -20.92 30.49
CA SER A 286 -37.86 -19.78 30.97
C SER A 286 -37.69 -18.57 30.05
N SER A 287 -36.57 -18.49 29.34
CA SER A 287 -36.33 -17.39 28.42
C SER A 287 -35.61 -17.91 27.20
N GLN A 288 -35.71 -17.17 26.10
CA GLN A 288 -35.05 -17.54 24.85
C GLN A 288 -33.60 -17.10 24.90
N ASN A 289 -32.88 -17.54 25.95
CA ASN A 289 -31.49 -17.14 26.12
C ASN A 289 -30.55 -18.33 26.12
N GLY A 290 -29.36 -18.12 25.60
CA GLY A 290 -28.33 -19.14 25.55
C GLY A 290 -28.59 -20.16 24.44
N PHE A 291 -27.61 -21.02 24.19
CA PHE A 291 -27.78 -22.13 23.25
C PHE A 291 -26.87 -23.26 23.67
N VAL A 292 -27.45 -24.46 23.76
CA VAL A 292 -26.74 -25.61 24.29
C VAL A 292 -26.82 -26.81 23.33
N LEU A 293 -25.67 -27.38 23.03
CA LEU A 293 -25.56 -28.54 22.16
C LEU A 293 -25.24 -29.76 23.03
N GLU A 294 -26.06 -30.81 22.93
CA GLU A 294 -25.82 -32.02 23.72
C GLU A 294 -25.74 -33.25 22.84
N GLN A 295 -24.74 -34.07 23.11
CA GLN A 295 -24.52 -35.30 22.36
C GLN A 295 -25.16 -36.51 23.07
N ILE A 296 -25.88 -37.31 22.27
CA ILE A 296 -26.55 -38.51 22.75
C ILE A 296 -26.04 -39.68 21.93
N PRO A 297 -25.02 -40.40 22.45
CA PRO A 297 -24.34 -41.46 21.73
C PRO A 297 -25.24 -42.55 21.14
N ASN A 298 -26.33 -42.87 21.80
CA ASN A 298 -27.16 -43.97 21.31
C ASN A 298 -28.28 -43.55 20.37
N GLY A 299 -28.32 -42.25 20.05
CA GLY A 299 -29.25 -41.75 19.05
C GLY A 299 -30.52 -41.20 19.65
N ILE A 300 -31.29 -40.47 18.83
CA ILE A 300 -32.42 -39.72 19.34
C ILE A 300 -33.59 -40.61 19.75
N GLU A 301 -33.57 -41.87 19.33
CA GLU A 301 -34.63 -42.78 19.77
C GLU A 301 -34.21 -43.65 20.96
N SER A 302 -33.08 -43.32 21.59
CA SER A 302 -32.69 -43.98 22.83
C SER A 302 -33.23 -43.24 24.04
N GLU A 303 -32.81 -43.67 25.22
CA GLU A 303 -33.20 -43.03 26.47
C GLU A 303 -32.73 -41.59 26.52
N GLY A 304 -31.67 -41.28 25.80
CA GLY A 304 -31.21 -39.91 25.65
C GLY A 304 -30.07 -39.53 26.56
N THR A 305 -29.35 -40.52 27.08
CA THR A 305 -28.23 -40.23 27.97
C THR A 305 -27.22 -39.35 27.25
N VAL A 306 -26.87 -38.23 27.88
CA VAL A 306 -25.95 -37.26 27.30
C VAL A 306 -24.51 -37.58 27.68
N SER A 307 -23.58 -37.35 26.75
CA SER A 307 -22.17 -37.36 27.07
C SER A 307 -21.63 -35.93 26.95
N LEU A 308 -21.13 -35.57 25.77
CA LEU A 308 -20.61 -34.21 25.55
C LEU A 308 -21.73 -33.18 25.68
N SER A 309 -21.41 -32.06 26.30
CA SER A 309 -22.36 -30.98 26.41
C SER A 309 -21.62 -29.64 26.29
N TYR A 310 -22.18 -28.75 25.48
CA TYR A 310 -21.52 -27.49 25.17
C TYR A 310 -22.49 -26.34 25.26
N GLU A 311 -22.22 -25.42 26.18
CA GLU A 311 -23.04 -24.25 26.33
C GLU A 311 -22.40 -23.19 25.46
N LEU A 312 -22.83 -23.13 24.20
CA LEU A 312 -22.22 -22.23 23.24
C LEU A 312 -22.49 -20.76 23.58
N PHE A 313 -23.71 -20.50 24.05
CA PHE A 313 -24.07 -19.18 24.58
C PHE A 313 -24.79 -19.40 25.91
N SER A 314 -24.64 -18.47 26.85
CA SER A 314 -25.36 -18.58 28.12
C SER A 314 -26.47 -17.56 28.22
N ASN A 315 -26.12 -16.30 27.98
CA ASN A 315 -27.06 -15.20 28.18
C ASN A 315 -27.54 -14.53 26.90
N LYS A 316 -26.76 -14.58 25.83
CA LYS A 316 -27.17 -13.94 24.57
C LYS A 316 -28.54 -14.45 24.17
N ARG A 317 -29.38 -13.57 23.66
CA ARG A 317 -30.70 -13.97 23.20
C ARG A 317 -30.57 -14.66 21.84
N THR A 318 -31.22 -15.81 21.70
CA THR A 318 -31.07 -16.59 20.47
C THR A 318 -32.44 -16.82 19.85
N GLY A 319 -32.49 -17.04 18.54
CA GLY A 319 -33.75 -17.34 17.87
C GLY A 319 -33.74 -18.64 17.07
N ARG A 320 -34.18 -18.53 15.82
CA ARG A 320 -34.26 -19.67 14.89
C ARG A 320 -32.89 -20.30 14.67
N SER A 321 -32.88 -21.59 14.36
CA SER A 321 -31.64 -22.23 13.96
C SER A 321 -31.93 -23.38 12.99
N GLY A 322 -30.94 -23.77 12.19
CA GLY A 322 -31.16 -24.87 11.26
C GLY A 322 -29.90 -25.25 10.55
N PHE A 323 -29.97 -26.32 9.75
CA PHE A 323 -28.80 -26.88 9.12
C PHE A 323 -28.40 -26.18 7.85
N PHE A 324 -27.10 -26.21 7.57
CA PHE A 324 -26.63 -26.09 6.17
C PHE A 324 -25.40 -26.99 5.98
N GLN A 325 -25.13 -27.34 4.75
CA GLN A 325 -23.99 -28.22 4.46
C GLN A 325 -23.03 -27.57 3.48
N PRO A 326 -21.76 -27.47 3.86
CA PRO A 326 -20.72 -27.07 2.90
C PRO A 326 -20.72 -28.05 1.75
N LYS A 327 -20.52 -27.58 0.53
CA LYS A 327 -20.63 -28.47 -0.61
C LYS A 327 -19.37 -28.60 -1.43
N GLY A 328 -18.37 -27.79 -1.11
CA GLY A 328 -17.15 -27.77 -1.92
C GLY A 328 -15.86 -28.10 -1.19
N ASP A 329 -15.94 -28.80 -0.07
CA ASP A 329 -14.73 -29.12 0.70
C ASP A 329 -13.79 -29.95 -0.15
N LEU A 330 -12.49 -29.65 -0.04
CA LEU A 330 -11.47 -30.34 -0.81
C LEU A 330 -10.56 -31.19 0.07
N ILE A 331 -10.35 -30.76 1.31
CA ILE A 331 -9.46 -31.47 2.20
C ILE A 331 -10.23 -32.57 2.92
N SER A 332 -11.42 -32.24 3.41
CA SER A 332 -12.21 -33.23 4.13
C SER A 332 -12.64 -34.39 3.22
N GLY A 333 -12.41 -35.61 3.66
CA GLY A 333 -12.89 -36.76 2.93
C GLY A 333 -14.30 -37.14 3.34
N CYS A 334 -14.77 -36.57 4.45
CA CYS A 334 -16.10 -36.85 4.97
C CYS A 334 -16.99 -35.61 4.82
N GLN A 335 -18.29 -35.80 4.98
CA GLN A 335 -19.24 -34.72 4.76
C GLN A 335 -19.41 -33.89 6.04
N ARG A 336 -19.15 -32.61 5.95
CA ARG A 336 -19.31 -31.73 7.11
C ARG A 336 -20.76 -31.32 7.30
N ILE A 337 -21.09 -30.96 8.54
CA ILE A 337 -22.43 -30.47 8.86
C ILE A 337 -22.29 -29.18 9.68
N CYS A 338 -23.12 -28.20 9.37
CA CYS A 338 -23.05 -26.92 10.06
C CYS A 338 -24.46 -26.50 10.43
N PHE A 339 -24.58 -25.50 11.29
CA PHE A 339 -25.90 -24.93 11.51
C PHE A 339 -25.80 -23.42 11.56
N TRP A 340 -26.92 -22.76 11.26
CA TRP A 340 -26.99 -21.32 11.41
C TRP A 340 -27.88 -21.04 12.63
N LEU A 341 -27.68 -19.87 13.24
CA LEU A 341 -28.39 -19.51 14.46
C LEU A 341 -28.58 -17.99 14.55
N GLU A 342 -29.83 -17.57 14.73
CA GLU A 342 -30.17 -16.17 14.93
C GLU A 342 -29.68 -15.74 16.30
N ILE A 343 -28.90 -14.65 16.31
CA ILE A 343 -28.49 -13.97 17.52
C ILE A 343 -29.30 -12.67 17.55
N GLU A 344 -30.03 -12.42 18.62
CA GLU A 344 -30.89 -11.23 18.67
C GLU A 344 -30.21 -10.09 19.40
N ASP A 345 -30.27 -8.89 18.82
CA ASP A 345 -29.61 -7.71 19.40
C ASP A 345 -30.63 -6.58 19.55
N GLN A 346 -30.54 -5.86 20.66
CA GLN A 346 -31.43 -4.73 20.90
C GLN A 346 -30.86 -3.48 20.25
N THR A 347 -31.69 -2.72 19.55
CA THR A 347 -31.21 -1.47 18.96
C THR A 347 -31.91 -0.28 19.59
N VAL A 348 -31.32 0.89 19.46
CA VAL A 348 -31.87 2.07 20.11
C VAL A 348 -33.05 2.63 19.32
N GLY A 349 -33.01 2.49 17.99
CA GLY A 349 -33.99 3.17 17.15
C GLY A 349 -34.90 2.34 16.25
N LEU A 350 -34.74 1.03 16.21
CA LEU A 350 -35.63 0.21 15.37
C LEU A 350 -35.86 -1.20 15.91
N GLY A 351 -35.77 -1.36 17.21
CA GLY A 351 -36.20 -2.57 17.89
C GLY A 351 -35.20 -3.71 17.80
N MET A 352 -35.73 -4.92 17.97
CA MET A 352 -34.93 -6.13 18.00
C MET A 352 -34.58 -6.54 16.58
N ILE A 353 -33.29 -6.76 16.34
CA ILE A 353 -32.86 -7.28 15.05
C ILE A 353 -32.26 -8.65 15.30
N GLN A 354 -32.19 -9.47 14.26
CA GLN A 354 -31.46 -10.72 14.35
C GLN A 354 -30.34 -10.79 13.31
N GLU A 355 -29.20 -11.30 13.75
CA GLU A 355 -28.06 -11.54 12.89
C GLU A 355 -27.72 -13.02 12.94
N LEU A 356 -27.41 -13.61 11.79
CA LEU A 356 -27.11 -15.03 11.74
C LEU A 356 -25.65 -15.24 12.09
N SER A 357 -25.40 -16.16 13.00
CA SER A 357 -24.06 -16.72 13.14
C SER A 357 -24.11 -18.15 12.60
N THR A 358 -22.94 -18.72 12.35
CA THR A 358 -22.86 -20.08 11.83
C THR A 358 -21.80 -20.86 12.60
N PHE A 359 -22.05 -22.16 12.78
CA PHE A 359 -21.18 -23.06 13.53
C PHE A 359 -21.06 -24.35 12.72
N CYS A 360 -19.86 -24.91 12.66
CA CYS A 360 -19.68 -26.19 11.97
C CYS A 360 -19.12 -27.25 12.91
N GLY A 361 -19.48 -28.50 12.64
CA GLY A 361 -19.00 -29.60 13.43
C GLY A 361 -17.53 -29.85 13.18
N ILE A 362 -16.79 -30.26 14.21
CA ILE A 362 -15.38 -30.62 14.04
C ILE A 362 -15.20 -31.99 14.66
N ASN A 363 -14.19 -32.71 14.20
CA ASN A 363 -13.98 -34.08 14.66
C ASN A 363 -13.06 -34.18 15.87
N SER A 364 -12.91 -33.08 16.60
CA SER A 364 -12.10 -33.07 17.81
C SER A 364 -12.83 -32.34 18.90
N PRO A 365 -12.66 -32.78 20.15
CA PRO A 365 -13.28 -32.03 21.24
C PRO A 365 -12.56 -30.71 21.49
N VAL A 366 -13.27 -29.72 22.01
CA VAL A 366 -12.68 -28.45 22.40
C VAL A 366 -13.23 -28.14 23.76
N GLN A 367 -12.75 -27.06 24.39
CA GLN A 367 -13.25 -26.70 25.69
C GLN A 367 -14.64 -26.07 25.57
N ASN A 368 -15.34 -25.99 26.70
CA ASN A 368 -16.69 -25.47 26.73
C ASN A 368 -16.68 -23.94 26.71
N ILE A 369 -16.18 -23.38 25.62
CA ILE A 369 -16.11 -21.92 25.48
C ILE A 369 -17.49 -21.30 25.42
N ASN A 370 -17.63 -20.17 26.10
CA ASN A 370 -18.87 -19.43 26.07
C ASN A 370 -18.68 -18.25 25.13
N TRP A 371 -19.46 -18.22 24.06
CA TRP A 371 -19.27 -17.21 23.03
C TRP A 371 -20.05 -15.93 23.30
N ASP A 372 -20.65 -15.81 24.48
CA ASP A 372 -21.36 -14.59 24.87
C ASP A 372 -20.44 -13.39 24.73
N SER A 373 -19.19 -13.55 25.14
CA SER A 373 -18.19 -12.48 25.07
C SER A 373 -18.62 -11.22 25.84
N PHE B 7 3.28 -25.69 -8.70
CA PHE B 7 2.05 -25.23 -8.06
C PHE B 7 2.32 -24.46 -6.77
N TYR B 8 3.01 -25.11 -5.84
CA TYR B 8 3.27 -24.52 -4.53
C TYR B 8 4.35 -23.43 -4.60
N TRP B 9 4.13 -22.36 -3.86
CA TRP B 9 5.08 -21.26 -3.81
C TRP B 9 6.32 -21.66 -3.03
N ARG B 10 7.47 -21.20 -3.50
CA ARG B 10 8.68 -21.16 -2.70
C ARG B 10 9.51 -19.92 -3.06
N ALA B 11 10.16 -19.34 -2.06
CA ALA B 11 11.03 -18.21 -2.28
C ALA B 11 12.23 -18.62 -3.13
N LYS B 12 12.91 -17.65 -3.70
CA LYS B 12 14.15 -17.87 -4.43
C LYS B 12 15.26 -18.32 -3.49
N SER B 13 16.38 -18.76 -4.06
CA SER B 13 17.51 -19.24 -3.28
C SER B 13 18.29 -18.11 -2.60
N GLN B 14 18.12 -16.89 -3.09
CA GLN B 14 18.89 -15.75 -2.58
C GLN B 14 18.02 -14.50 -2.43
N MET B 15 18.28 -13.72 -1.39
CA MET B 15 17.54 -12.48 -1.21
C MET B 15 18.14 -11.39 -2.09
N CYS B 16 17.27 -10.63 -2.73
CA CYS B 16 17.70 -9.47 -3.50
C CYS B 16 18.56 -8.55 -2.63
N GLU B 17 19.39 -7.74 -3.27
CA GLU B 17 20.19 -6.76 -2.55
C GLU B 17 19.29 -5.62 -2.10
N VAL B 18 19.38 -5.27 -0.83
CA VAL B 18 18.70 -4.11 -0.32
C VAL B 18 19.70 -2.97 -0.10
N LYS B 19 19.52 -1.87 -0.82
CA LYS B 19 20.32 -0.67 -0.65
C LYS B 19 19.43 0.48 -0.20
N GLY B 20 18.13 0.22 -0.20
CA GLY B 20 17.12 1.23 0.06
C GLY B 20 15.75 0.63 0.37
N TRP B 21 14.88 1.45 0.95
CA TRP B 21 13.52 1.09 1.30
C TRP B 21 12.57 2.19 0.83
N VAL B 22 11.63 1.81 -0.02
CA VAL B 22 10.68 2.75 -0.59
C VAL B 22 9.24 2.33 -0.31
N PRO B 23 8.36 3.32 -0.09
CA PRO B 23 6.97 3.01 0.23
C PRO B 23 6.18 2.50 -0.98
N THR B 24 5.47 1.39 -0.80
CA THR B 24 4.64 0.84 -1.85
C THR B 24 3.19 1.13 -1.53
N HIS B 25 2.92 1.45 -0.27
CA HIS B 25 1.57 1.84 0.12
C HIS B 25 1.72 2.75 1.31
N ARG B 26 1.31 3.99 1.15
CA ARG B 26 1.18 4.88 2.29
C ARG B 26 -0.26 4.69 2.73
N GLY B 27 -0.46 4.48 4.01
CA GLY B 27 -1.79 4.20 4.52
C GLY B 27 -2.77 5.27 4.07
N PHE B 28 -4.04 4.90 3.96
CA PHE B 28 -5.06 5.88 3.61
C PHE B 28 -4.89 7.08 4.54
N PRO B 29 -4.88 8.29 3.96
CA PRO B 29 -4.44 9.50 4.67
C PRO B 29 -5.47 10.12 5.65
N TRP B 30 -6.20 9.28 6.37
CA TRP B 30 -7.21 9.77 7.31
C TRP B 30 -6.61 10.58 8.47
N GLY B 31 -7.45 11.43 9.07
CA GLY B 31 -7.03 12.21 10.23
C GLY B 31 -6.69 13.62 9.81
N PRO B 32 -7.28 14.63 10.48
CA PRO B 32 -8.12 14.54 11.69
C PRO B 32 -9.50 13.94 11.45
N GLU B 33 -9.94 13.92 10.20
CA GLU B 33 -11.25 13.37 9.88
C GLU B 33 -11.14 12.08 9.07
N LEU B 34 -12.16 11.25 9.17
CA LEU B 34 -12.21 10.04 8.37
C LEU B 34 -13.64 9.82 7.93
N PRO B 35 -13.83 9.11 6.80
CA PRO B 35 -15.20 8.94 6.30
C PRO B 35 -15.95 7.92 7.14
N GLY B 36 -17.28 7.93 7.05
CA GLY B 36 -18.11 7.04 7.83
C GLY B 36 -18.14 5.64 7.25
N ASP B 37 -18.55 4.68 8.07
CA ASP B 37 -18.68 3.28 7.66
C ASP B 37 -17.31 2.68 7.32
N LEU B 38 -16.27 3.22 7.93
CA LEU B 38 -14.94 2.61 7.85
C LEU B 38 -14.81 1.61 8.98
N ILE B 39 -14.27 0.43 8.69
CA ILE B 39 -14.03 -0.51 9.74
C ILE B 39 -12.65 -0.22 10.29
N LEU B 40 -12.57 0.03 11.59
CA LEU B 40 -11.32 0.35 12.26
C LEU B 40 -10.56 -0.93 12.66
N SER B 41 -9.25 -0.92 12.42
CA SER B 41 -8.42 -2.13 12.57
C SER B 41 -7.36 -2.09 13.67
N ARG B 42 -7.11 -3.26 14.26
CA ARG B 42 -5.98 -3.47 15.15
C ARG B 42 -5.35 -4.82 14.84
N ARG B 43 -4.09 -4.98 15.26
CA ARG B 43 -3.36 -6.22 15.04
C ARG B 43 -3.33 -6.62 13.57
N ALA B 44 -3.20 -5.60 12.71
CA ALA B 44 -3.15 -5.76 11.27
C ALA B 44 -1.77 -6.19 10.81
N TYR B 45 -1.76 -6.93 9.69
CA TYR B 45 -0.53 -7.27 8.98
C TYR B 45 -0.87 -7.46 7.51
N VAL B 46 0.16 -7.58 6.69
CA VAL B 46 -0.04 -7.73 5.27
C VAL B 46 0.36 -9.14 4.83
N SER B 47 -0.39 -9.72 3.91
CA SER B 47 0.01 -10.97 3.28
C SER B 47 -0.62 -11.01 1.89
N CYS B 48 0.04 -11.70 0.96
CA CYS B 48 -0.32 -11.59 -0.46
C CYS B 48 -0.57 -12.96 -1.09
N ASP B 49 -1.42 -12.99 -2.12
CA ASP B 49 -1.50 -14.14 -2.99
C ASP B 49 -0.77 -13.80 -4.30
N LEU B 50 -1.06 -14.50 -5.39
CA LEU B 50 -0.25 -14.36 -6.60
C LEU B 50 -0.51 -13.06 -7.36
N THR B 51 -1.65 -12.45 -7.11
CA THR B 51 -1.99 -11.21 -7.79
C THR B 51 -2.08 -10.01 -6.86
N SER B 52 -2.61 -10.20 -5.65
CA SER B 52 -2.93 -9.09 -4.76
C SER B 52 -2.33 -9.22 -3.35
N CYS B 53 -2.18 -8.07 -2.69
CA CYS B 53 -1.82 -8.07 -1.28
C CYS B 53 -3.03 -7.62 -0.48
N PHE B 54 -3.14 -8.14 0.73
CA PHE B 54 -4.28 -7.88 1.61
C PHE B 54 -3.82 -7.45 2.99
N LYS B 55 -4.63 -6.59 3.61
CA LYS B 55 -4.52 -6.29 5.01
C LYS B 55 -5.45 -7.23 5.77
N PHE B 56 -4.87 -8.03 6.66
CA PHE B 56 -5.62 -8.85 7.59
C PHE B 56 -5.60 -8.14 8.93
N PHE B 57 -6.74 -8.09 9.61
CA PHE B 57 -6.81 -7.35 10.87
C PHE B 57 -7.98 -7.78 11.74
N ILE B 58 -7.91 -7.43 13.02
CA ILE B 58 -9.02 -7.64 13.94
C ILE B 58 -9.80 -6.34 14.02
N ALA B 59 -11.07 -6.35 13.65
CA ALA B 59 -11.87 -5.12 13.67
C ALA B 59 -12.23 -4.79 15.10
N TYR B 60 -12.23 -3.51 15.46
CA TYR B 60 -12.66 -3.09 16.80
C TYR B 60 -13.77 -2.06 16.80
N GLY B 61 -14.07 -1.44 15.66
CA GLY B 61 -15.21 -0.54 15.59
C GLY B 61 -15.53 -0.03 14.20
N LEU B 62 -16.62 0.71 14.10
CA LEU B 62 -17.05 1.29 12.84
C LEU B 62 -17.21 2.80 12.98
N SER B 63 -16.74 3.56 12.00
CA SER B 63 -16.82 5.02 12.08
C SER B 63 -18.19 5.51 11.66
N ALA B 64 -18.66 6.56 12.32
CA ALA B 64 -19.90 7.24 11.90
C ALA B 64 -19.86 8.70 12.34
N ASN B 65 -19.95 9.61 11.39
CA ASN B 65 -19.90 11.04 11.70
C ASN B 65 -18.76 11.38 12.65
N GLN B 66 -17.57 10.86 12.34
CA GLN B 66 -16.34 11.15 13.08
C GLN B 66 -16.24 10.41 14.41
N HIS B 67 -17.31 9.73 14.81
CA HIS B 67 -17.34 9.05 16.11
C HIS B 67 -17.46 7.53 15.94
N LEU B 68 -17.22 6.81 17.02
CA LEU B 68 -17.40 5.37 17.02
C LEU B 68 -18.88 5.07 17.10
N LEU B 69 -19.36 4.26 16.17
CA LEU B 69 -20.71 3.74 16.29
C LEU B 69 -20.75 2.91 17.56
N ASN B 70 -21.88 2.95 18.28
CA ASN B 70 -22.00 2.20 19.55
C ASN B 70 -22.41 0.77 19.30
N THR B 71 -21.43 -0.14 19.22
CA THR B 71 -21.70 -1.53 18.91
C THR B 71 -20.87 -2.43 19.82
N SER B 72 -21.00 -3.74 19.65
CA SER B 72 -20.22 -4.70 20.42
C SER B 72 -18.93 -5.11 19.71
N MET B 73 -18.57 -4.39 18.65
CA MET B 73 -17.45 -4.79 17.80
C MET B 73 -16.10 -4.88 18.52
N GLU B 74 -15.91 -4.08 19.57
CA GLU B 74 -14.59 -4.08 20.20
C GLU B 74 -14.38 -5.34 21.03
N TRP B 75 -15.44 -5.90 21.61
CA TRP B 75 -15.29 -7.11 22.42
C TRP B 75 -15.74 -8.41 21.77
N GLU B 76 -16.49 -8.34 20.66
CA GLU B 76 -16.73 -9.53 19.84
C GLU B 76 -15.78 -9.50 18.65
N GLU B 77 -14.60 -10.06 18.83
CA GLU B 77 -13.50 -9.87 17.91
C GLU B 77 -13.50 -10.84 16.72
N SER B 78 -13.48 -10.29 15.53
CA SER B 78 -13.37 -11.08 14.33
C SER B 78 -12.26 -10.59 13.41
N LEU B 79 -11.69 -11.55 12.68
CA LEU B 79 -10.66 -11.32 11.69
C LEU B 79 -11.30 -10.96 10.36
N TYR B 80 -10.79 -9.89 9.76
CA TYR B 80 -11.24 -9.42 8.44
C TYR B 80 -10.09 -9.30 7.46
N LYS B 81 -10.43 -9.15 6.19
CA LYS B 81 -9.44 -9.07 5.15
C LYS B 81 -9.93 -8.03 4.15
N THR B 82 -9.02 -7.15 3.76
CA THR B 82 -9.30 -6.13 2.77
C THR B 82 -8.12 -6.07 1.79
N PRO B 83 -8.39 -5.93 0.48
CA PRO B 83 -7.30 -5.67 -0.45
C PRO B 83 -6.53 -4.43 -0.01
N ILE B 84 -5.22 -4.45 -0.09
CA ILE B 84 -4.45 -3.37 0.52
C ILE B 84 -4.82 -2.01 -0.12
N GLY B 85 -5.16 -2.01 -1.40
CA GLY B 85 -5.49 -0.78 -2.12
C GLY B 85 -6.91 -0.24 -1.93
N SER B 86 -7.69 -0.87 -1.07
CA SER B 86 -9.03 -0.37 -0.73
C SER B 86 -9.11 -0.03 0.75
N ALA B 87 -9.81 1.05 1.07
CA ALA B 87 -10.14 1.36 2.45
C ALA B 87 -11.06 0.26 2.97
N SER B 88 -11.01 -0.03 4.27
CA SER B 88 -11.84 -1.11 4.80
C SER B 88 -13.25 -0.64 5.09
N THR B 89 -14.18 -1.00 4.21
CA THR B 89 -15.57 -0.63 4.40
C THR B 89 -16.41 -1.90 4.39
N LEU B 90 -17.71 -1.74 4.63
CA LEU B 90 -18.61 -2.90 4.65
C LEU B 90 -18.72 -3.55 3.29
N SER B 91 -18.41 -2.80 2.23
CA SER B 91 -18.50 -3.34 0.87
C SER B 91 -17.19 -3.95 0.39
N THR B 92 -16.07 -3.61 1.02
CA THR B 92 -14.76 -4.05 0.54
C THR B 92 -14.08 -5.05 1.47
N SER B 93 -14.61 -5.21 2.67
CA SER B 93 -13.94 -6.06 3.64
C SER B 93 -14.75 -7.32 3.85
N GLU B 94 -14.04 -8.40 4.07
CA GLU B 94 -14.65 -9.70 4.23
C GLU B 94 -14.36 -10.21 5.64
N MET B 95 -15.40 -10.60 6.36
CA MET B 95 -15.23 -11.21 7.66
C MET B 95 -14.80 -12.66 7.45
N ILE B 96 -13.68 -13.05 8.05
CA ILE B 96 -13.11 -14.36 7.80
C ILE B 96 -13.47 -15.41 8.86
N LEU B 97 -13.14 -15.11 10.11
CA LEU B 97 -13.40 -16.01 11.23
C LEU B 97 -13.39 -15.20 12.51
N PRO B 98 -14.04 -15.70 13.56
CA PRO B 98 -13.83 -15.01 14.83
C PRO B 98 -12.41 -15.23 15.34
N GLY B 99 -11.82 -14.22 15.96
CA GLY B 99 -10.47 -14.36 16.48
C GLY B 99 -9.94 -13.12 17.21
N ARG B 100 -9.12 -13.36 18.24
CA ARG B 100 -8.46 -12.31 19.03
C ARG B 100 -7.03 -12.08 18.54
N SER B 101 -6.44 -13.10 17.94
CA SER B 101 -5.17 -12.95 17.22
C SER B 101 -5.20 -13.92 16.04
N SER B 102 -4.30 -13.74 15.09
CA SER B 102 -4.36 -14.52 13.87
C SER B 102 -3.03 -14.59 13.15
N SER B 103 -2.99 -15.45 12.13
CA SER B 103 -1.90 -15.50 11.18
C SER B 103 -2.48 -16.03 9.86
N ALA B 104 -1.92 -15.64 8.73
CA ALA B 104 -2.41 -16.09 7.43
C ALA B 104 -1.28 -16.12 6.42
N CYS B 105 -1.36 -17.02 5.46
CA CYS B 105 -0.34 -17.15 4.44
C CYS B 105 -0.87 -17.97 3.26
N PHE B 106 -0.43 -17.61 2.07
CA PHE B 106 -0.88 -18.24 0.84
C PHE B 106 0.22 -19.18 0.36
N ASP B 107 -0.12 -20.45 0.10
CA ASP B 107 0.89 -21.45 -0.22
C ASP B 107 1.08 -21.65 -1.73
N GLY B 108 0.44 -20.81 -2.54
CA GLY B 108 0.49 -20.97 -3.98
C GLY B 108 -0.84 -21.46 -4.53
N LEU B 109 -1.62 -22.13 -3.69
CA LEU B 109 -2.94 -22.63 -4.10
C LEU B 109 -4.09 -22.04 -3.31
N LYS B 110 -3.97 -22.02 -1.98
CA LYS B 110 -5.05 -21.55 -1.13
C LYS B 110 -4.49 -20.78 0.05
N TRP B 111 -5.36 -20.01 0.72
CA TRP B 111 -5.00 -19.33 1.95
C TRP B 111 -5.09 -20.28 3.14
N THR B 112 -4.07 -20.30 3.97
CA THR B 112 -4.17 -20.90 5.29
C THR B 112 -4.40 -19.76 6.29
N VAL B 113 -5.44 -19.86 7.11
CA VAL B 113 -5.74 -18.84 8.12
C VAL B 113 -5.87 -19.48 9.48
N LEU B 114 -5.13 -18.95 10.45
CA LEU B 114 -5.24 -19.39 11.82
C LEU B 114 -5.81 -18.26 12.70
N VAL B 115 -6.71 -18.63 13.61
CA VAL B 115 -7.22 -17.70 14.61
C VAL B 115 -7.21 -18.36 15.99
N ALA B 116 -7.02 -17.52 17.02
CA ALA B 116 -7.08 -17.96 18.41
C ALA B 116 -8.28 -17.33 19.10
N ASN B 117 -9.02 -18.16 19.85
CA ASN B 117 -10.18 -17.70 20.62
C ASN B 117 -10.21 -18.33 22.00
N GLY B 118 -11.03 -17.77 22.88
CA GLY B 118 -11.17 -18.29 24.22
C GLY B 118 -10.21 -17.59 25.17
N ARG B 119 -10.41 -17.75 26.47
CA ARG B 119 -9.41 -17.25 27.40
C ARG B 119 -8.87 -18.32 28.34
N ASP B 120 -7.65 -18.08 28.80
CA ASP B 120 -6.90 -19.03 29.60
C ASP B 120 -7.13 -20.46 29.12
N ARG B 121 -7.64 -21.32 29.99
CA ARG B 121 -7.64 -22.76 29.72
C ARG B 121 -8.54 -23.18 28.56
N ASN B 122 -9.50 -22.33 28.19
CA ASN B 122 -10.41 -22.68 27.10
C ASN B 122 -9.90 -22.26 25.73
N SER B 123 -8.74 -21.61 25.69
CA SER B 123 -8.22 -21.07 24.45
C SER B 123 -7.92 -22.21 23.47
N PHE B 124 -8.26 -21.98 22.20
CA PHE B 124 -7.95 -22.95 21.15
C PHE B 124 -7.76 -22.20 19.84
N ILE B 125 -7.00 -22.82 18.95
CA ILE B 125 -6.76 -22.24 17.64
C ILE B 125 -7.55 -23.04 16.62
N MET B 126 -8.11 -22.37 15.63
CA MET B 126 -8.71 -23.08 14.53
C MET B 126 -8.10 -22.63 13.22
N ILE B 127 -8.07 -23.56 12.26
CA ILE B 127 -7.39 -23.36 11.01
C ILE B 127 -8.34 -23.55 9.85
N LYS B 128 -8.28 -22.64 8.89
CA LYS B 128 -9.09 -22.71 7.68
C LYS B 128 -8.11 -22.84 6.50
N TYR B 129 -8.41 -23.72 5.55
CA TYR B 129 -7.65 -23.80 4.30
C TYR B 129 -8.62 -23.54 3.16
N GLY B 130 -8.40 -22.47 2.42
CA GLY B 130 -9.44 -21.96 1.55
C GLY B 130 -10.69 -21.69 2.35
N GLU B 131 -11.83 -22.21 1.89
CA GLU B 131 -13.12 -21.93 2.51
C GLU B 131 -13.53 -22.94 3.59
N GLU B 132 -12.62 -23.83 3.93
CA GLU B 132 -12.94 -24.97 4.78
C GLU B 132 -12.10 -25.00 6.09
N VAL B 133 -12.78 -25.10 7.22
CA VAL B 133 -12.09 -25.35 8.49
C VAL B 133 -11.52 -26.75 8.45
N THR B 134 -10.23 -26.86 8.76
CA THR B 134 -9.47 -28.10 8.52
C THR B 134 -8.83 -28.64 9.78
N ASP B 135 -8.68 -27.81 10.81
CA ASP B 135 -8.07 -28.31 12.03
C ASP B 135 -8.31 -27.39 13.21
N THR B 136 -8.09 -27.92 14.41
CA THR B 136 -8.12 -27.15 15.64
C THR B 136 -7.13 -27.75 16.60
N PHE B 137 -6.62 -26.95 17.53
CA PHE B 137 -5.88 -27.51 18.66
C PHE B 137 -5.97 -26.59 19.89
N SER B 138 -5.70 -27.17 21.05
CA SER B 138 -5.91 -26.47 22.31
C SER B 138 -4.61 -26.11 23.02
N ALA B 139 -4.73 -25.30 24.05
CA ALA B 139 -3.57 -24.88 24.86
C ALA B 139 -2.96 -26.06 25.61
N SER B 140 -1.64 -26.01 25.81
CA SER B 140 -0.91 -27.03 26.52
C SER B 140 -0.40 -26.52 27.87
N ARG B 141 -0.33 -25.20 28.02
CA ARG B 141 0.23 -24.59 29.22
C ARG B 141 -0.69 -23.57 29.86
N GLY B 142 -1.99 -23.81 29.77
CA GLY B 142 -2.95 -23.00 30.50
C GLY B 142 -3.51 -21.81 29.76
N GLY B 143 -3.01 -21.56 28.55
CA GLY B 143 -3.54 -20.49 27.72
C GLY B 143 -3.13 -19.11 28.24
N PRO B 144 -3.53 -18.06 27.53
CA PRO B 144 -4.20 -18.16 26.22
C PRO B 144 -3.20 -18.51 25.11
N LEU B 145 -3.68 -19.22 24.10
CA LEU B 145 -2.89 -19.39 22.88
C LEU B 145 -2.84 -18.07 22.15
N ARG B 146 -1.68 -17.76 21.56
CA ARG B 146 -1.46 -16.49 20.92
C ARG B 146 -0.75 -16.68 19.57
N LEU B 147 -1.41 -16.21 18.51
CA LEU B 147 -0.79 -16.16 17.19
C LEU B 147 -0.11 -14.82 17.00
N PRO B 148 0.87 -14.77 16.10
CA PRO B 148 1.76 -13.60 16.12
C PRO B 148 1.25 -12.35 15.40
N ASN B 149 0.11 -12.39 14.72
CA ASN B 149 -0.40 -11.24 13.97
C ASN B 149 0.63 -10.73 12.95
N SER B 150 1.15 -11.68 12.20
CA SER B 150 2.00 -11.43 11.05
C SER B 150 1.85 -12.68 10.17
N GLU B 151 2.24 -12.59 8.91
CA GLU B 151 1.98 -13.72 7.99
C GLU B 151 2.76 -14.95 8.42
N CYS B 152 2.14 -16.12 8.26
CA CYS B 152 2.87 -17.38 8.40
C CYS B 152 3.73 -17.60 7.16
N ILE B 153 4.52 -18.66 7.16
CA ILE B 153 5.54 -18.83 6.15
C ILE B 153 5.34 -20.17 5.44
N CYS B 154 5.14 -20.12 4.14
CA CYS B 154 4.90 -21.33 3.35
C CYS B 154 6.07 -21.63 2.42
N ILE B 155 6.54 -22.88 2.44
CA ILE B 155 7.60 -23.36 1.55
C ILE B 155 7.13 -24.66 0.89
N GLU B 156 6.94 -24.64 -0.42
CA GLU B 156 6.64 -25.89 -1.12
C GLU B 156 5.43 -26.60 -0.51
N GLY B 157 4.44 -25.83 -0.07
CA GLY B 157 3.21 -26.42 0.44
C GLY B 157 3.18 -26.69 1.93
N SER B 158 4.32 -26.54 2.61
CA SER B 158 4.35 -26.64 4.07
C SER B 158 4.35 -25.22 4.66
N CYS B 159 3.44 -24.94 5.59
CA CYS B 159 3.35 -23.60 6.18
C CYS B 159 3.70 -23.62 7.65
N PHE B 160 4.49 -22.64 8.08
CA PHE B 160 5.01 -22.62 9.43
C PHE B 160 4.57 -21.37 10.17
N VAL B 161 4.21 -21.54 11.44
CA VAL B 161 3.79 -20.41 12.26
C VAL B 161 4.25 -20.64 13.69
N ILE B 162 4.60 -19.56 14.39
CA ILE B 162 4.92 -19.66 15.82
C ILE B 162 3.69 -19.44 16.67
N VAL B 163 3.42 -20.37 17.57
CA VAL B 163 2.33 -20.25 18.53
C VAL B 163 2.88 -20.13 19.95
N SER B 164 2.35 -19.18 20.72
CA SER B 164 2.80 -18.95 22.09
C SER B 164 1.68 -19.28 23.09
N ASP B 165 2.07 -19.65 24.30
CA ASP B 165 1.15 -20.19 25.29
C ASP B 165 1.66 -19.80 26.68
N GLY B 166 0.85 -20.00 27.71
CA GLY B 166 1.28 -19.69 29.07
C GLY B 166 0.80 -18.32 29.53
N PRO B 167 0.39 -18.21 30.80
CA PRO B 167 -0.24 -17.01 31.33
C PRO B 167 0.72 -15.87 31.68
N ASN B 168 2.01 -16.14 31.80
CA ASN B 168 2.96 -15.10 32.20
C ASN B 168 4.17 -14.98 31.30
N VAL B 169 4.54 -13.74 30.97
CA VAL B 169 5.69 -13.51 30.11
C VAL B 169 6.95 -14.09 30.71
N ASN B 170 6.98 -14.33 32.02
CA ASN B 170 8.19 -14.90 32.61
C ASN B 170 8.20 -16.43 32.58
N GLN B 171 7.09 -17.04 32.15
CA GLN B 171 7.08 -18.48 31.88
C GLN B 171 6.27 -18.80 30.61
N SER B 172 6.69 -18.21 29.50
CA SER B 172 6.00 -18.39 28.24
C SER B 172 6.50 -19.64 27.51
N VAL B 173 5.64 -20.22 26.69
CA VAL B 173 6.01 -21.37 25.90
C VAL B 173 5.81 -21.02 24.45
N HIS B 174 6.73 -21.48 23.60
CA HIS B 174 6.64 -21.18 22.17
C HIS B 174 6.93 -22.42 21.32
N ARG B 175 6.06 -22.64 20.34
CA ARG B 175 6.17 -23.79 19.45
C ARG B 175 6.13 -23.39 17.98
N ILE B 176 6.94 -24.05 17.16
CA ILE B 176 6.76 -24.01 15.72
C ILE B 176 5.73 -25.07 15.30
N TYR B 177 4.67 -24.64 14.61
CA TYR B 177 3.71 -25.56 14.03
C TYR B 177 3.91 -25.63 12.51
N GLU B 178 3.93 -26.86 11.97
CA GLU B 178 3.99 -27.07 10.52
C GLU B 178 2.65 -27.59 10.02
N LEU B 179 2.08 -26.91 9.04
CA LEU B 179 0.80 -27.27 8.51
C LEU B 179 0.97 -27.66 7.05
N GLN B 180 0.08 -28.52 6.57
CA GLN B 180 -0.07 -28.76 5.15
C GLN B 180 -1.55 -28.89 4.91
N ASN B 181 -2.07 -28.20 3.92
CA ASN B 181 -3.51 -28.15 3.68
C ASN B 181 -4.28 -27.79 4.93
N GLY B 182 -3.74 -26.89 5.72
CA GLY B 182 -4.44 -26.38 6.89
C GLY B 182 -4.52 -27.41 7.98
N THR B 183 -3.68 -28.44 7.88
CA THR B 183 -3.71 -29.54 8.83
C THR B 183 -2.37 -29.66 9.53
N VAL B 184 -2.37 -29.72 10.85
CA VAL B 184 -1.13 -29.77 11.61
C VAL B 184 -0.44 -31.10 11.32
N GLN B 185 0.77 -31.03 10.77
CA GLN B 185 1.60 -32.22 10.56
C GLN B 185 2.45 -32.56 11.78
N ARG B 186 3.05 -31.52 12.37
CA ARG B 186 3.94 -31.73 13.50
C ARG B 186 4.18 -30.38 14.16
N TRP B 187 4.79 -30.40 15.32
CA TRP B 187 5.18 -29.16 15.98
C TRP B 187 6.36 -29.44 16.88
N LYS B 188 7.11 -28.40 17.19
CA LYS B 188 8.26 -28.51 18.05
C LYS B 188 8.26 -27.36 19.04
N GLN B 189 8.31 -27.71 20.32
CA GLN B 189 8.40 -26.71 21.36
C GLN B 189 9.84 -26.26 21.47
N LEU B 190 10.06 -24.94 21.37
CA LEU B 190 11.39 -24.35 21.47
C LEU B 190 11.85 -24.22 22.91
N ASN B 191 13.16 -24.34 23.11
CA ASN B 191 13.77 -24.03 24.38
C ASN B 191 14.02 -22.52 24.50
N THR B 192 13.13 -21.83 25.19
CA THR B 192 13.22 -20.38 25.34
C THR B 192 13.43 -20.00 26.80
N THR B 193 13.98 -20.93 27.56
CA THR B 193 14.25 -20.71 28.99
C THR B 193 15.04 -19.42 29.20
N GLY B 194 14.52 -18.55 30.05
CA GLY B 194 15.21 -17.30 30.35
C GLY B 194 14.86 -16.15 29.41
N ILE B 195 14.02 -16.41 28.40
CA ILE B 195 13.52 -15.33 27.56
C ILE B 195 12.02 -15.44 27.31
N ASN B 196 11.53 -14.49 26.53
CA ASN B 196 10.14 -14.47 26.09
C ASN B 196 10.18 -14.15 24.59
N PHE B 197 9.28 -14.74 23.81
CA PHE B 197 9.35 -14.65 22.34
C PHE B 197 7.95 -14.50 21.73
N GLU B 198 7.40 -13.29 21.84
CA GLU B 198 6.08 -12.97 21.32
C GLU B 198 6.13 -12.24 19.98
N TYR B 199 5.01 -12.25 19.28
CA TYR B 199 4.83 -11.40 18.09
C TYR B 199 5.82 -11.75 16.99
N SER B 200 6.11 -13.03 16.83
CA SER B 200 7.03 -13.47 15.79
C SER B 200 6.66 -12.88 14.44
N THR B 201 7.63 -12.29 13.75
CA THR B 201 7.42 -11.81 12.39
C THR B 201 8.58 -12.40 11.57
N CYS B 202 8.24 -13.06 10.48
CA CYS B 202 9.13 -14.01 9.81
C CYS B 202 9.18 -13.81 8.30
N TYR B 203 10.21 -14.38 7.70
CA TYR B 203 10.34 -14.41 6.25
C TYR B 203 11.12 -15.65 5.90
N THR B 204 11.20 -15.96 4.62
CA THR B 204 11.93 -17.16 4.20
C THR B 204 12.89 -16.84 3.09
N ILE B 205 14.03 -17.52 3.10
CA ILE B 205 14.95 -17.46 1.97
C ILE B 205 15.75 -18.74 1.96
N ASN B 206 16.01 -19.25 0.75
CA ASN B 206 16.79 -20.47 0.58
C ASN B 206 16.36 -21.57 1.53
N ASN B 207 15.07 -21.91 1.50
CA ASN B 207 14.49 -22.93 2.39
C ASN B 207 14.83 -22.80 3.89
N LEU B 208 15.09 -21.57 4.35
CA LEU B 208 15.19 -21.28 5.77
C LEU B 208 14.05 -20.35 6.17
N ILE B 209 13.70 -20.38 7.44
CA ILE B 209 12.76 -19.42 7.98
C ILE B 209 13.49 -18.64 9.07
N LYS B 210 13.34 -17.32 9.03
CA LYS B 210 13.93 -16.44 10.03
C LYS B 210 12.82 -15.59 10.64
N CYS B 211 12.85 -15.49 11.97
CA CYS B 211 11.83 -14.72 12.68
C CYS B 211 12.47 -13.80 13.71
N THR B 212 11.87 -12.62 13.87
CA THR B 212 12.24 -11.69 14.92
C THR B 212 11.13 -11.72 15.94
N GLY B 213 11.50 -11.93 17.21
CA GLY B 213 10.55 -11.90 18.29
C GLY B 213 10.55 -10.59 19.08
N THR B 214 9.63 -10.53 20.05
CA THR B 214 9.55 -9.41 20.98
C THR B 214 9.56 -10.00 22.37
N ASN B 215 10.55 -9.62 23.15
CA ASN B 215 10.66 -10.11 24.51
C ASN B 215 9.97 -9.11 25.45
N LEU B 216 8.81 -9.51 25.97
CA LEU B 216 8.00 -8.64 26.82
C LEU B 216 8.41 -8.74 28.29
N TRP B 217 9.39 -9.60 28.58
CA TRP B 217 9.78 -9.90 29.96
C TRP B 217 11.03 -9.14 30.34
N ASN B 218 12.17 -9.46 29.72
CA ASN B 218 13.46 -9.00 30.21
C ASN B 218 14.47 -8.62 29.14
N ASP B 219 14.03 -8.07 28.02
CA ASP B 219 14.98 -7.69 26.98
C ASP B 219 14.42 -6.55 26.12
N ALA B 220 15.30 -5.62 25.81
CA ALA B 220 15.01 -4.51 24.94
C ALA B 220 15.66 -4.76 23.58
N LYS B 221 16.57 -5.73 23.54
CA LYS B 221 17.00 -6.25 22.25
C LYS B 221 15.91 -7.23 21.83
N ARG B 222 15.88 -7.55 20.55
CA ARG B 222 14.89 -8.50 20.02
C ARG B 222 15.54 -9.84 19.77
N PRO B 223 15.03 -10.90 20.39
CA PRO B 223 15.55 -12.23 20.08
C PRO B 223 15.23 -12.65 18.64
N LEU B 224 16.12 -13.45 18.04
CA LEU B 224 15.99 -13.89 16.66
C LEU B 224 15.89 -15.40 16.64
N LEU B 225 15.06 -15.91 15.74
CA LEU B 225 14.90 -17.34 15.56
C LEU B 225 15.25 -17.68 14.12
N ARG B 226 15.97 -18.77 13.95
CA ARG B 226 16.29 -19.30 12.62
C ARG B 226 15.96 -20.78 12.63
N PHE B 227 15.24 -21.25 11.62
CA PHE B 227 14.92 -22.67 11.54
C PHE B 227 14.73 -23.18 10.10
N THR B 228 14.88 -24.50 9.95
CA THR B 228 14.80 -25.19 8.67
C THR B 228 13.43 -25.84 8.53
N LYS B 229 13.10 -26.30 7.33
CA LYS B 229 11.87 -27.02 7.09
C LYS B 229 11.74 -28.22 8.03
N GLU B 230 12.87 -28.75 8.47
CA GLU B 230 12.86 -29.94 9.35
C GLU B 230 12.75 -29.56 10.81
N LEU B 231 12.57 -28.27 11.06
CA LEU B 231 12.37 -27.75 12.40
C LEU B 231 13.58 -27.89 13.28
N ASN B 232 14.76 -27.92 12.69
CA ASN B 232 15.96 -27.68 13.47
C ASN B 232 16.14 -26.16 13.56
N TYR B 233 16.46 -25.67 14.74
CA TYR B 233 16.38 -24.23 14.98
C TYR B 233 17.49 -23.74 15.88
N GLN B 234 17.74 -22.43 15.81
CA GLN B 234 18.61 -21.80 16.80
C GLN B 234 18.03 -20.44 17.18
N ILE B 235 18.15 -20.10 18.46
CA ILE B 235 17.71 -18.79 18.93
C ILE B 235 18.92 -17.93 19.28
N VAL B 236 18.97 -16.72 18.72
CA VAL B 236 20.16 -15.90 18.76
C VAL B 236 19.85 -14.53 19.36
N GLU B 237 20.87 -13.87 19.91
CA GLU B 237 20.71 -12.53 20.47
C GLU B 237 21.52 -11.54 19.64
N PRO B 238 20.96 -10.37 19.34
CA PRO B 238 21.81 -9.39 18.64
C PRO B 238 23.05 -9.06 19.46
N CYS B 239 24.19 -8.88 18.79
CA CYS B 239 25.46 -8.66 19.47
C CYS B 239 25.96 -7.24 19.33
N ASN B 240 25.10 -6.34 18.84
CA ASN B 240 25.46 -4.95 18.80
C ASN B 240 25.07 -4.33 20.15
N GLY B 241 25.13 -3.01 20.24
CA GLY B 241 24.84 -2.34 21.50
C GLY B 241 23.65 -1.39 21.45
N ALA B 242 22.84 -1.55 20.41
CA ALA B 242 21.69 -0.67 20.17
C ALA B 242 20.37 -1.46 20.16
N PRO B 243 19.66 -1.47 21.29
CA PRO B 243 18.38 -2.18 21.40
C PRO B 243 17.34 -1.58 20.45
N THR B 244 16.41 -2.39 19.95
CA THR B 244 15.42 -1.88 18.99
C THR B 244 13.99 -2.11 19.45
N ASP B 245 13.80 -2.68 20.63
CA ASP B 245 12.43 -2.83 21.14
C ASP B 245 11.95 -1.43 21.57
N PHE B 246 10.67 -1.33 21.87
CA PHE B 246 10.14 -0.14 22.54
C PHE B 246 9.17 -0.61 23.61
N PRO B 247 9.38 -0.20 24.88
CA PRO B 247 10.43 0.72 25.32
C PRO B 247 11.82 0.13 25.27
N ARG B 248 12.83 0.96 25.51
CA ARG B 248 14.20 0.50 25.58
C ARG B 248 15.05 1.53 26.33
N GLY B 249 16.23 1.12 26.76
CA GLY B 249 17.22 2.03 27.28
C GLY B 249 18.06 2.58 26.14
N GLY B 250 19.24 3.10 26.48
CA GLY B 250 20.11 3.68 25.47
C GLY B 250 21.14 2.72 24.96
N LEU B 251 22.12 3.25 24.25
CA LEU B 251 23.23 2.45 23.72
C LEU B 251 24.02 1.80 24.84
N THR B 252 24.71 0.70 24.50
CA THR B 252 25.58 0.03 25.45
C THR B 252 26.80 -0.48 24.71
N THR B 253 27.76 -1.02 25.46
CA THR B 253 28.93 -1.62 24.86
C THR B 253 28.47 -2.84 24.09
N PRO B 254 28.83 -2.94 22.81
CA PRO B 254 28.31 -4.07 22.03
C PRO B 254 28.71 -5.41 22.62
N SER B 255 27.74 -6.31 22.75
CA SER B 255 28.00 -7.68 23.14
C SER B 255 26.76 -8.52 22.86
N CYS B 256 26.88 -9.83 23.05
CA CYS B 256 25.80 -10.76 22.77
C CYS B 256 24.92 -10.94 23.99
N LYS B 257 25.02 -10.00 24.94
CA LYS B 257 24.19 -10.08 26.13
C LYS B 257 22.88 -9.33 25.97
N MET B 258 21.87 -9.82 26.67
CA MET B 258 20.56 -9.21 26.68
C MET B 258 20.67 -7.78 27.22
N ALA B 259 19.77 -6.90 26.77
CA ALA B 259 19.71 -5.53 27.25
C ALA B 259 18.52 -5.42 28.20
N GLN B 260 18.79 -5.51 29.50
CA GLN B 260 17.72 -5.69 30.48
C GLN B 260 17.12 -4.36 30.94
N GLU B 261 17.84 -3.27 30.74
CA GLU B 261 17.30 -1.97 31.13
C GLU B 261 16.05 -1.75 30.29
N LYS B 262 14.93 -1.60 30.98
CA LYS B 262 13.64 -1.34 30.36
C LYS B 262 13.25 -2.51 29.42
N GLY B 263 13.63 -3.72 29.83
CA GLY B 263 13.36 -4.93 29.06
C GLY B 263 11.91 -5.33 29.09
N GLU B 264 11.23 -5.00 30.19
CA GLU B 264 9.83 -5.35 30.36
C GLU B 264 8.98 -4.55 29.39
N GLY B 265 7.99 -5.22 28.81
CA GLY B 265 7.14 -4.57 27.82
C GLY B 265 7.73 -4.74 26.43
N GLY B 266 7.05 -4.21 25.42
CA GLY B 266 7.57 -4.30 24.06
C GLY B 266 6.51 -4.06 23.02
N ILE B 267 6.95 -4.06 21.77
CA ILE B 267 6.05 -3.92 20.64
C ILE B 267 6.59 -4.74 19.44
N GLN B 268 5.70 -5.30 18.65
CA GLN B 268 6.08 -6.11 17.49
C GLN B 268 7.06 -5.35 16.59
N GLY B 269 8.15 -6.00 16.20
CA GLY B 269 9.13 -5.39 15.33
C GLY B 269 10.02 -6.42 14.66
N PHE B 270 10.89 -5.94 13.76
CA PHE B 270 11.66 -6.84 12.92
C PHE B 270 13.15 -6.51 12.81
N ILE B 271 13.94 -7.55 12.58
CA ILE B 271 15.32 -7.40 12.16
C ILE B 271 15.57 -8.29 10.93
N LEU B 272 16.06 -7.69 9.85
CA LEU B 272 16.46 -8.45 8.67
C LEU B 272 17.76 -9.15 8.97
N ASP B 273 17.65 -10.46 9.21
CA ASP B 273 18.76 -11.26 9.71
C ASP B 273 19.61 -11.82 8.57
N GLU B 274 20.27 -10.93 7.85
CA GLU B 274 21.13 -11.30 6.74
C GLU B 274 22.50 -10.65 6.89
N LYS B 275 23.32 -10.74 5.85
CA LYS B 275 24.59 -10.03 5.78
C LYS B 275 24.60 -9.33 4.45
N PRO B 276 24.40 -8.01 4.44
CA PRO B 276 24.16 -7.11 5.57
C PRO B 276 22.84 -7.36 6.33
N ALA B 277 22.83 -7.04 7.62
CA ALA B 277 21.60 -7.09 8.38
C ALA B 277 21.00 -5.70 8.40
N TRP B 278 19.70 -5.61 8.70
CA TRP B 278 19.04 -4.31 8.89
C TRP B 278 18.28 -4.32 10.21
N THR B 279 18.46 -3.27 11.01
CA THR B 279 17.66 -3.07 12.22
C THR B 279 16.64 -1.98 11.99
N SER B 280 15.61 -1.94 12.83
CA SER B 280 14.55 -0.96 12.71
C SER B 280 14.03 -0.59 14.09
N LYS B 281 13.77 0.69 14.30
CA LYS B 281 13.31 1.15 15.59
C LYS B 281 12.80 2.56 15.50
N THR B 282 12.06 2.97 16.51
CA THR B 282 11.64 4.37 16.64
C THR B 282 12.85 5.30 16.63
N LYS B 283 12.66 6.51 16.13
CA LYS B 283 13.73 7.49 16.16
C LYS B 283 14.03 7.85 17.61
N ALA B 284 12.99 8.21 18.35
CA ALA B 284 13.13 8.61 19.75
C ALA B 284 13.21 7.41 20.67
N GLU B 285 14.09 7.47 21.66
CA GLU B 285 14.18 6.40 22.64
C GLU B 285 13.00 6.36 23.61
N SER B 286 12.46 7.51 23.98
CA SER B 286 11.50 7.58 25.08
C SER B 286 10.06 7.83 24.63
N SER B 287 9.85 7.93 23.33
CA SER B 287 8.49 7.94 22.81
C SER B 287 8.41 7.25 21.46
N GLN B 288 7.22 6.79 21.11
CA GLN B 288 7.00 6.03 19.89
C GLN B 288 6.88 6.96 18.68
N ASN B 289 7.96 7.64 18.35
CA ASN B 289 7.97 8.53 17.20
C ASN B 289 9.08 8.21 16.22
N GLY B 290 8.74 8.26 14.94
CA GLY B 290 9.71 8.05 13.88
C GLY B 290 10.05 6.59 13.65
N PHE B 291 10.86 6.35 12.62
CA PHE B 291 11.29 4.99 12.31
C PHE B 291 12.60 5.05 11.53
N VAL B 292 13.60 4.32 12.02
CA VAL B 292 14.94 4.38 11.46
C VAL B 292 15.40 2.99 11.08
N LEU B 293 15.87 2.87 9.85
CA LEU B 293 16.40 1.61 9.33
C LEU B 293 17.92 1.75 9.24
N GLU B 294 18.64 0.88 9.94
CA GLU B 294 20.11 0.91 9.88
C GLU B 294 20.68 -0.39 9.32
N GLN B 295 21.67 -0.25 8.43
CA GLN B 295 22.36 -1.37 7.80
C GLN B 295 23.65 -1.72 8.53
N ILE B 296 23.79 -3.00 8.88
CA ILE B 296 24.98 -3.54 9.55
C ILE B 296 25.61 -4.60 8.65
N PRO B 297 26.62 -4.21 7.87
CA PRO B 297 27.27 -5.09 6.88
C PRO B 297 27.70 -6.46 7.42
N ASN B 298 28.19 -6.56 8.64
CA ASN B 298 28.74 -7.84 9.09
C ASN B 298 27.74 -8.73 9.80
N GLY B 299 26.48 -8.30 9.85
CA GLY B 299 25.43 -9.18 10.34
C GLY B 299 25.08 -8.87 11.77
N ILE B 300 23.94 -9.39 12.20
CA ILE B 300 23.40 -9.05 13.51
C ILE B 300 24.21 -9.66 14.66
N GLU B 301 25.10 -10.59 14.36
CA GLU B 301 25.94 -11.16 15.40
C GLU B 301 27.32 -10.51 15.46
N SER B 302 27.52 -9.50 14.62
CA SER B 302 28.76 -8.73 14.65
C SER B 302 28.72 -7.65 15.73
N GLU B 303 29.77 -6.82 15.74
CA GLU B 303 29.87 -5.71 16.68
C GLU B 303 28.77 -4.68 16.44
N GLY B 304 28.22 -4.66 15.23
CA GLY B 304 27.05 -3.83 14.95
C GLY B 304 27.33 -2.51 14.26
N THR B 305 28.52 -2.39 13.67
CA THR B 305 28.89 -1.14 13.02
C THR B 305 27.92 -0.81 11.88
N VAL B 306 27.39 0.41 11.91
CA VAL B 306 26.34 0.83 10.99
C VAL B 306 26.92 1.55 9.79
N SER B 307 26.53 1.10 8.61
CA SER B 307 26.89 1.76 7.35
C SER B 307 25.74 2.69 6.90
N LEU B 308 24.83 2.19 6.06
CA LEU B 308 23.68 2.99 5.65
C LEU B 308 22.74 3.22 6.82
N SER B 309 22.06 4.36 6.81
CA SER B 309 21.07 4.67 7.83
C SER B 309 19.97 5.51 7.16
N TYR B 310 18.72 5.15 7.40
CA TYR B 310 17.60 5.87 6.78
C TYR B 310 16.56 6.22 7.81
N GLU B 311 16.24 7.51 7.89
CA GLU B 311 15.20 7.98 8.79
C GLU B 311 13.89 8.11 8.00
N LEU B 312 13.18 6.99 7.85
CA LEU B 312 11.98 6.96 7.01
C LEU B 312 10.90 7.88 7.56
N PHE B 313 10.80 7.92 8.88
CA PHE B 313 9.90 8.84 9.56
C PHE B 313 10.64 9.52 10.71
N SER B 314 10.36 10.81 10.94
CA SER B 314 10.98 11.53 12.07
C SER B 314 10.03 11.73 13.22
N ASN B 315 8.89 12.37 12.97
CA ASN B 315 7.99 12.74 14.05
C ASN B 315 6.64 12.00 14.06
N LYS B 316 6.28 11.33 12.96
CA LYS B 316 5.04 10.56 12.97
C LYS B 316 5.11 9.52 14.06
N ARG B 317 4.00 9.35 14.76
CA ARG B 317 3.88 8.31 15.77
C ARG B 317 3.77 6.96 15.05
N THR B 318 4.64 6.03 15.43
CA THR B 318 4.69 4.71 14.80
C THR B 318 4.39 3.61 15.81
N GLY B 319 4.06 2.42 15.32
CA GLY B 319 3.68 1.31 16.17
C GLY B 319 4.31 -0.02 15.73
N ARG B 320 3.49 -1.06 15.66
CA ARG B 320 3.95 -2.41 15.29
C ARG B 320 4.56 -2.42 13.89
N SER B 321 5.48 -3.33 13.64
CA SER B 321 5.99 -3.51 12.30
C SER B 321 6.35 -4.98 12.10
N GLY B 322 6.34 -5.43 10.85
CA GLY B 322 6.65 -6.82 10.57
C GLY B 322 6.89 -7.07 9.09
N PHE B 323 7.39 -8.25 8.78
CA PHE B 323 7.74 -8.62 7.40
C PHE B 323 6.53 -9.08 6.60
N PHE B 324 6.57 -8.86 5.29
CA PHE B 324 5.80 -9.69 4.38
C PHE B 324 6.57 -9.83 3.06
N GLN B 325 6.25 -10.88 2.32
CA GLN B 325 6.91 -11.18 1.04
C GLN B 325 5.88 -11.32 -0.08
N PRO B 326 5.94 -10.42 -1.07
CA PRO B 326 5.04 -10.47 -2.23
C PRO B 326 5.18 -11.82 -2.91
N LYS B 327 4.07 -12.42 -3.36
CA LYS B 327 4.08 -13.82 -3.82
C LYS B 327 3.92 -13.96 -5.32
N GLY B 328 3.75 -12.85 -6.04
CA GLY B 328 3.58 -12.92 -7.47
C GLY B 328 4.88 -12.76 -8.22
N ASP B 329 6.00 -12.81 -7.51
CA ASP B 329 7.29 -12.38 -8.07
C ASP B 329 7.81 -13.28 -9.18
N LEU B 330 7.18 -13.21 -10.35
CA LEU B 330 7.55 -14.03 -11.49
C LEU B 330 8.88 -13.59 -12.11
N ILE B 331 9.14 -12.29 -12.06
CA ILE B 331 10.24 -11.69 -12.82
C ILE B 331 11.61 -11.82 -12.11
N SER B 332 11.70 -11.39 -10.86
CA SER B 332 12.97 -11.42 -10.15
C SER B 332 13.53 -12.83 -10.02
N GLY B 333 14.85 -12.94 -10.12
CA GLY B 333 15.54 -14.17 -9.81
C GLY B 333 15.99 -14.20 -8.36
N CYS B 334 15.79 -13.08 -7.65
CA CYS B 334 16.12 -13.02 -6.24
C CYS B 334 14.85 -12.76 -5.44
N GLN B 335 14.91 -13.04 -4.15
CA GLN B 335 13.75 -12.91 -3.28
C GLN B 335 13.66 -11.51 -2.66
N ARG B 336 12.54 -10.83 -2.87
CA ARG B 336 12.33 -9.49 -2.34
C ARG B 336 11.80 -9.52 -0.91
N ILE B 337 12.00 -8.43 -0.18
CA ILE B 337 11.53 -8.35 1.20
C ILE B 337 10.89 -6.98 1.44
N CYS B 338 9.73 -6.98 2.08
CA CYS B 338 9.01 -5.76 2.42
C CYS B 338 8.65 -5.80 3.90
N PHE B 339 8.16 -4.67 4.42
CA PHE B 339 7.65 -4.66 5.78
C PHE B 339 6.42 -3.77 5.86
N TRP B 340 5.57 -4.06 6.83
CA TRP B 340 4.45 -3.21 7.12
C TRP B 340 4.72 -2.50 8.44
N LEU B 341 4.07 -1.37 8.63
CA LEU B 341 4.32 -0.53 9.79
C LEU B 341 3.07 0.26 10.14
N GLU B 342 2.69 0.22 11.41
CA GLU B 342 1.59 1.05 11.88
C GLU B 342 2.02 2.50 12.02
N ILE B 343 1.25 3.40 11.41
CA ILE B 343 1.36 4.83 11.65
C ILE B 343 0.10 5.23 12.40
N GLU B 344 0.25 5.97 13.48
CA GLU B 344 -0.91 6.36 14.27
C GLU B 344 -1.24 7.82 14.03
N ASP B 345 -2.52 8.12 13.89
CA ASP B 345 -2.95 9.50 13.68
C ASP B 345 -4.06 9.87 14.66
N GLN B 346 -4.11 11.15 15.00
CA GLN B 346 -5.15 11.64 15.88
C GLN B 346 -6.39 11.99 15.05
N THR B 347 -7.54 11.58 15.57
CA THR B 347 -8.83 11.93 14.97
C THR B 347 -9.56 12.93 15.85
N VAL B 348 -10.54 13.63 15.28
CA VAL B 348 -11.33 14.57 16.05
C VAL B 348 -12.28 13.87 17.01
N GLY B 349 -12.81 12.71 16.60
CA GLY B 349 -13.90 12.12 17.35
C GLY B 349 -13.80 10.66 17.81
N LEU B 350 -12.70 9.97 17.54
CA LEU B 350 -12.64 8.57 17.96
C LEU B 350 -11.24 8.09 18.32
N GLY B 351 -10.37 9.02 18.70
CA GLY B 351 -9.10 8.65 19.28
C GLY B 351 -8.02 8.36 18.27
N MET B 352 -6.97 7.71 18.74
CA MET B 352 -5.87 7.33 17.87
C MET B 352 -6.34 6.20 16.97
N ILE B 353 -6.03 6.31 15.69
CA ILE B 353 -6.22 5.18 14.78
C ILE B 353 -4.86 4.78 14.25
N GLN B 354 -4.73 3.53 13.85
CA GLN B 354 -3.52 3.11 13.16
C GLN B 354 -3.87 2.68 11.74
N GLU B 355 -2.98 3.01 10.82
CA GLU B 355 -3.13 2.61 9.44
C GLU B 355 -1.78 2.05 9.02
N LEU B 356 -1.80 0.99 8.22
CA LEU B 356 -0.57 0.35 7.80
C LEU B 356 -0.01 1.05 6.60
N SER B 357 1.30 1.29 6.65
CA SER B 357 2.09 1.61 5.47
C SER B 357 2.98 0.41 5.13
N THR B 358 3.39 0.31 3.88
CA THR B 358 4.31 -0.74 3.49
C THR B 358 5.50 -0.18 2.73
N PHE B 359 6.67 -0.76 3.03
CA PHE B 359 7.91 -0.44 2.34
C PHE B 359 8.56 -1.72 1.81
N CYS B 360 9.21 -1.62 0.65
CA CYS B 360 9.96 -2.76 0.13
C CYS B 360 11.42 -2.38 -0.11
N GLY B 361 12.28 -3.35 0.15
CA GLY B 361 13.70 -3.24 -0.07
C GLY B 361 13.96 -3.22 -1.57
N ILE B 362 14.71 -2.23 -2.02
CA ILE B 362 15.11 -2.14 -3.43
C ILE B 362 16.63 -2.20 -3.55
N ASN B 363 17.10 -2.57 -4.74
CA ASN B 363 18.51 -2.89 -4.94
C ASN B 363 19.35 -1.67 -5.28
N SER B 364 18.73 -0.49 -5.24
CA SER B 364 19.44 0.75 -5.52
C SER B 364 19.31 1.71 -4.35
N PRO B 365 20.35 2.52 -4.13
CA PRO B 365 20.31 3.52 -3.05
C PRO B 365 19.29 4.62 -3.36
N VAL B 366 18.69 5.20 -2.34
CA VAL B 366 17.88 6.39 -2.50
C VAL B 366 18.33 7.40 -1.47
N GLN B 367 17.79 8.60 -1.58
CA GLN B 367 18.13 9.65 -0.64
C GLN B 367 17.34 9.43 0.66
N ASN B 368 17.69 10.22 1.68
CA ASN B 368 17.15 10.02 3.01
C ASN B 368 15.82 10.75 3.22
N ILE B 369 14.85 10.42 2.38
CA ILE B 369 13.53 11.06 2.41
C ILE B 369 12.82 10.84 3.74
N ASN B 370 12.16 11.88 4.24
CA ASN B 370 11.33 11.77 5.43
C ASN B 370 9.86 11.72 5.00
N TRP B 371 9.19 10.61 5.27
CA TRP B 371 7.81 10.42 4.83
C TRP B 371 6.74 10.93 5.80
N ASP B 372 7.14 11.73 6.80
CA ASP B 372 6.18 12.41 7.69
C ASP B 372 5.18 13.25 6.89
N SER B 373 5.64 13.76 5.75
CA SER B 373 4.80 14.57 4.87
C SER B 373 4.92 14.12 3.41
N PHE C 7 0.65 -13.52 -27.52
CA PHE C 7 0.37 -13.28 -26.11
C PHE C 7 0.54 -11.79 -25.74
N TYR C 8 1.61 -11.17 -26.23
CA TYR C 8 1.81 -9.74 -26.02
C TYR C 8 1.02 -8.93 -27.02
N TRP C 9 0.48 -7.81 -26.56
CA TRP C 9 -0.32 -6.95 -27.41
C TRP C 9 0.56 -6.18 -28.39
N ARG C 10 0.06 -6.01 -29.60
CA ARG C 10 0.60 -5.02 -30.50
C ARG C 10 -0.57 -4.39 -31.22
N ALA C 11 -0.41 -3.16 -31.68
CA ALA C 11 -1.46 -2.49 -32.42
C ALA C 11 -1.77 -3.26 -33.69
N LYS C 12 -2.98 -3.06 -34.18
CA LYS C 12 -3.39 -3.61 -35.47
C LYS C 12 -2.62 -2.94 -36.62
N SER C 13 -2.44 -3.66 -37.72
CA SER C 13 -1.50 -3.27 -38.78
C SER C 13 -1.67 -1.84 -39.28
N GLN C 14 -2.91 -1.37 -39.40
CA GLN C 14 -3.13 -0.01 -39.89
C GLN C 14 -4.09 0.72 -38.99
N MET C 15 -3.93 2.04 -38.92
CA MET C 15 -4.86 2.87 -38.18
C MET C 15 -6.16 2.98 -38.95
N CYS C 16 -7.27 2.91 -38.23
CA CYS C 16 -8.56 3.19 -38.84
C CYS C 16 -8.51 4.60 -39.39
N GLU C 17 -9.16 4.83 -40.52
CA GLU C 17 -9.32 6.17 -41.05
C GLU C 17 -10.17 6.92 -40.04
N VAL C 18 -9.78 8.15 -39.74
CA VAL C 18 -10.53 8.96 -38.78
C VAL C 18 -11.30 10.05 -39.51
N LYS C 19 -12.61 9.88 -39.59
CA LYS C 19 -13.45 10.85 -40.30
C LYS C 19 -14.15 11.78 -39.33
N GLY C 20 -14.19 11.37 -38.05
CA GLY C 20 -14.83 12.15 -37.00
C GLY C 20 -14.53 11.59 -35.61
N TRP C 21 -15.07 12.24 -34.59
CA TRP C 21 -14.82 11.86 -33.20
C TRP C 21 -16.11 11.81 -32.41
N VAL C 22 -16.38 10.67 -31.76
CA VAL C 22 -17.58 10.57 -30.93
C VAL C 22 -17.24 10.29 -29.47
N PRO C 23 -18.04 10.85 -28.55
CA PRO C 23 -17.85 10.60 -27.11
C PRO C 23 -18.29 9.19 -26.73
N THR C 24 -17.43 8.50 -26.00
CA THR C 24 -17.73 7.18 -25.51
C THR C 24 -18.05 7.27 -24.02
N HIS C 25 -17.64 8.37 -23.40
CA HIS C 25 -17.90 8.62 -21.98
C HIS C 25 -17.88 10.12 -21.76
N ARG C 26 -19.03 10.68 -21.38
CA ARG C 26 -19.05 12.05 -20.89
C ARG C 26 -18.65 11.98 -19.44
N GLY C 27 -17.94 12.97 -18.95
CA GLY C 27 -17.58 12.97 -17.55
C GLY C 27 -18.83 12.87 -16.69
N PHE C 28 -18.68 12.38 -15.46
CA PHE C 28 -19.80 12.41 -14.54
C PHE C 28 -20.19 13.86 -14.31
N PRO C 29 -21.50 14.16 -14.39
CA PRO C 29 -22.00 15.53 -14.45
C PRO C 29 -22.08 16.22 -13.10
N TRP C 30 -21.02 16.11 -12.31
CA TRP C 30 -20.97 16.73 -11.00
C TRP C 30 -20.85 18.24 -11.12
N GLY C 31 -21.30 18.94 -10.09
CA GLY C 31 -21.28 20.39 -10.07
C GLY C 31 -22.64 20.96 -10.43
N PRO C 32 -23.13 21.92 -9.63
CA PRO C 32 -22.42 22.54 -8.49
C PRO C 32 -22.26 21.67 -7.24
N GLU C 33 -23.05 20.63 -7.10
CA GLU C 33 -22.86 19.73 -5.94
C GLU C 33 -22.33 18.36 -6.36
N LEU C 34 -21.77 17.64 -5.40
CA LEU C 34 -21.29 16.29 -5.67
C LEU C 34 -21.61 15.41 -4.48
N PRO C 35 -21.78 14.11 -4.73
CA PRO C 35 -22.05 13.23 -3.59
C PRO C 35 -20.84 13.16 -2.70
N GLY C 36 -21.03 12.70 -1.46
CA GLY C 36 -19.92 12.49 -0.56
C GLY C 36 -19.17 11.24 -0.90
N ASP C 37 -17.94 11.13 -0.39
CA ASP C 37 -17.11 9.94 -0.57
C ASP C 37 -16.56 9.77 -1.98
N LEU C 38 -16.61 10.82 -2.81
CA LEU C 38 -15.91 10.80 -4.08
C LEU C 38 -14.45 11.12 -3.84
N ILE C 39 -13.57 10.38 -4.50
CA ILE C 39 -12.16 10.73 -4.50
C ILE C 39 -11.93 11.77 -5.59
N LEU C 40 -11.44 12.94 -5.20
CA LEU C 40 -11.19 14.02 -6.15
C LEU C 40 -9.86 13.78 -6.84
N SER C 41 -9.83 13.94 -8.15
CA SER C 41 -8.71 13.49 -8.94
C SER C 41 -8.01 14.61 -9.71
N ARG C 42 -6.70 14.48 -9.89
CA ARG C 42 -6.00 15.32 -10.84
C ARG C 42 -4.95 14.49 -11.59
N ARG C 43 -4.42 15.06 -12.67
CA ARG C 43 -3.39 14.41 -13.47
C ARG C 43 -3.88 13.04 -13.97
N ALA C 44 -5.16 13.00 -14.32
CA ALA C 44 -5.80 11.77 -14.76
C ALA C 44 -5.58 11.50 -16.24
N TYR C 45 -5.58 10.22 -16.60
CA TYR C 45 -5.54 9.78 -17.99
C TYR C 45 -6.21 8.42 -18.06
N VAL C 46 -6.32 7.89 -19.26
CA VAL C 46 -7.04 6.64 -19.45
C VAL C 46 -6.10 5.63 -20.08
N SER C 47 -6.22 4.38 -19.67
CA SER C 47 -5.48 3.29 -20.30
C SER C 47 -6.30 2.01 -20.15
N CYS C 48 -6.10 1.05 -21.05
CA CYS C 48 -6.99 -0.11 -21.16
C CYS C 48 -6.27 -1.43 -21.08
N ASP C 49 -6.96 -2.46 -20.59
CA ASP C 49 -6.45 -3.82 -20.79
C ASP C 49 -7.12 -4.41 -22.04
N LEU C 50 -7.15 -5.73 -22.18
CA LEU C 50 -7.70 -6.32 -23.39
C LEU C 50 -9.22 -6.40 -23.32
N THR C 51 -9.79 -5.96 -22.22
CA THR C 51 -11.23 -6.06 -22.01
C THR C 51 -11.88 -4.69 -21.86
N SER C 52 -11.33 -3.84 -21.00
CA SER C 52 -11.96 -2.56 -20.73
C SER C 52 -10.96 -1.47 -20.32
N CYS C 53 -11.47 -0.29 -19.97
CA CYS C 53 -10.61 0.88 -19.81
C CYS C 53 -10.73 1.49 -18.41
N PHE C 54 -9.64 2.09 -17.97
CA PHE C 54 -9.56 2.61 -16.62
C PHE C 54 -9.07 4.03 -16.61
N LYS C 55 -9.57 4.78 -15.64
CA LYS C 55 -9.07 6.11 -15.35
C LYS C 55 -8.01 5.99 -14.24
N PHE C 56 -6.80 6.43 -14.56
CA PHE C 56 -5.68 6.49 -13.63
C PHE C 56 -5.54 7.95 -13.19
N PHE C 57 -5.34 8.18 -11.90
CA PHE C 57 -5.27 9.54 -11.38
C PHE C 57 -4.58 9.65 -10.04
N ILE C 58 -4.06 10.85 -9.76
CA ILE C 58 -3.52 11.21 -8.45
C ILE C 58 -4.68 11.82 -7.64
N ALA C 59 -4.94 11.25 -6.47
CA ALA C 59 -6.03 11.70 -5.61
C ALA C 59 -5.57 12.86 -4.75
N TYR C 60 -6.42 13.87 -4.55
CA TYR C 60 -6.03 14.97 -3.68
C TYR C 60 -7.03 15.31 -2.58
N GLY C 61 -8.19 14.66 -2.59
CA GLY C 61 -9.13 14.81 -1.50
C GLY C 61 -10.35 13.92 -1.60
N LEU C 62 -11.15 13.94 -0.54
CA LEU C 62 -12.38 13.18 -0.45
C LEU C 62 -13.51 14.15 -0.12
N SER C 63 -14.61 14.07 -0.87
CA SER C 63 -15.72 14.99 -0.64
C SER C 63 -16.55 14.58 0.59
N ALA C 64 -17.11 15.56 1.27
CA ALA C 64 -18.00 15.31 2.41
C ALA C 64 -18.91 16.51 2.58
N ASN C 65 -20.21 16.33 2.29
CA ASN C 65 -21.19 17.40 2.38
C ASN C 65 -20.73 18.66 1.64
N GLN C 66 -20.28 18.46 0.40
CA GLN C 66 -19.94 19.55 -0.52
C GLN C 66 -18.57 20.17 -0.25
N HIS C 67 -17.99 19.87 0.90
CA HIS C 67 -16.66 20.36 1.23
C HIS C 67 -15.68 19.18 1.35
N LEU C 68 -14.39 19.49 1.47
CA LEU C 68 -13.36 18.47 1.58
C LEU C 68 -13.33 17.88 2.98
N LEU C 69 -13.36 16.57 3.08
CA LEU C 69 -13.03 15.94 4.34
C LEU C 69 -11.66 16.50 4.74
N ASN C 70 -11.43 16.70 6.03
CA ASN C 70 -10.14 17.20 6.51
C ASN C 70 -9.13 16.06 6.71
N THR C 71 -8.27 15.87 5.73
CA THR C 71 -7.30 14.77 5.74
C THR C 71 -5.95 15.20 5.23
N SER C 72 -5.06 14.22 5.08
CA SER C 72 -3.72 14.47 4.54
C SER C 72 -3.60 14.12 3.06
N MET C 73 -4.73 13.88 2.39
CA MET C 73 -4.72 13.36 1.04
C MET C 73 -4.08 14.31 0.02
N GLU C 74 -4.20 15.61 0.25
CA GLU C 74 -3.70 16.56 -0.73
C GLU C 74 -2.18 16.53 -0.86
N TRP C 75 -1.46 16.26 0.23
CA TRP C 75 0.00 16.31 0.17
C TRP C 75 0.67 14.95 0.28
N GLU C 76 -0.07 13.94 0.72
CA GLU C 76 0.40 12.57 0.62
C GLU C 76 -0.21 12.00 -0.65
N GLU C 77 0.50 12.17 -1.76
CA GLU C 77 -0.10 11.92 -3.07
C GLU C 77 0.03 10.46 -3.48
N SER C 78 -1.09 9.89 -3.94
CA SER C 78 -1.09 8.50 -4.39
C SER C 78 -1.88 8.30 -5.69
N LEU C 79 -1.40 7.34 -6.47
CA LEU C 79 -2.02 6.96 -7.73
C LEU C 79 -3.14 5.95 -7.50
N TYR C 80 -4.29 6.20 -8.13
CA TYR C 80 -5.46 5.31 -8.05
C TYR C 80 -5.90 4.95 -9.46
N LYS C 81 -6.70 3.88 -9.57
CA LYS C 81 -7.46 3.68 -10.78
C LYS C 81 -8.91 3.28 -10.50
N THR C 82 -9.77 3.64 -11.45
CA THR C 82 -11.19 3.37 -11.38
C THR C 82 -11.66 2.88 -12.76
N PRO C 83 -12.56 1.89 -12.82
CA PRO C 83 -13.12 1.55 -14.13
C PRO C 83 -13.80 2.77 -14.73
N ILE C 84 -13.59 3.02 -16.02
CA ILE C 84 -14.03 4.27 -16.63
C ILE C 84 -15.54 4.51 -16.46
N GLY C 85 -16.32 3.42 -16.45
CA GLY C 85 -17.76 3.53 -16.32
C GLY C 85 -18.29 3.77 -14.91
N SER C 86 -17.38 3.89 -13.95
CA SER C 86 -17.75 4.08 -12.56
C SER C 86 -17.24 5.41 -12.03
N ALA C 87 -17.99 6.00 -11.11
CA ALA C 87 -17.49 7.15 -10.38
C ALA C 87 -16.43 6.67 -9.40
N SER C 88 -15.46 7.53 -9.12
CA SER C 88 -14.37 7.21 -8.20
C SER C 88 -14.79 7.32 -6.75
N THR C 89 -15.07 6.19 -6.14
CA THR C 89 -15.43 6.15 -4.73
C THR C 89 -14.48 5.21 -4.02
N LEU C 90 -14.57 5.18 -2.70
CA LEU C 90 -13.77 4.26 -1.90
C LEU C 90 -14.10 2.81 -2.22
N SER C 91 -15.30 2.59 -2.72
CA SER C 91 -15.73 1.24 -3.08
C SER C 91 -15.29 0.83 -4.48
N THR C 92 -15.12 1.79 -5.38
CA THR C 92 -14.83 1.45 -6.77
C THR C 92 -13.38 1.69 -7.16
N SER C 93 -12.63 2.45 -6.36
CA SER C 93 -11.28 2.85 -6.75
C SER C 93 -10.23 2.09 -5.96
N GLU C 94 -9.10 1.82 -6.61
CA GLU C 94 -7.99 1.08 -6.02
C GLU C 94 -6.77 1.97 -5.94
N MET C 95 -6.17 2.07 -4.74
CA MET C 95 -4.90 2.77 -4.57
C MET C 95 -3.76 1.87 -5.03
N ILE C 96 -2.96 2.35 -5.98
CA ILE C 96 -1.93 1.52 -6.62
C ILE C 96 -0.55 1.69 -5.96
N LEU C 97 -0.05 2.92 -5.95
CA LEU C 97 1.27 3.24 -5.41
C LEU C 97 1.22 4.70 -5.01
N PRO C 98 2.09 5.10 -4.08
CA PRO C 98 2.22 6.55 -3.89
C PRO C 98 2.92 7.17 -5.09
N GLY C 99 2.68 8.44 -5.36
CA GLY C 99 3.25 9.09 -6.52
C GLY C 99 2.65 10.45 -6.79
N ARG C 100 3.45 11.34 -7.37
CA ARG C 100 3.02 12.69 -7.72
C ARG C 100 2.77 12.83 -9.22
N SER C 101 3.43 11.98 -10.01
CA SER C 101 3.12 11.83 -11.42
C SER C 101 3.31 10.36 -11.78
N SER C 102 2.75 9.95 -12.92
CA SER C 102 2.67 8.53 -13.23
C SER C 102 2.51 8.26 -14.73
N SER C 103 2.60 6.99 -15.07
CA SER C 103 2.24 6.50 -16.40
C SER C 103 1.89 5.03 -16.20
N ALA C 104 0.99 4.51 -17.02
CA ALA C 104 0.60 3.09 -16.92
C ALA C 104 0.26 2.57 -18.30
N CYS C 105 0.49 1.28 -18.51
CA CYS C 105 0.16 0.63 -19.77
C CYS C 105 0.13 -0.90 -19.62
N PHE C 106 -0.80 -1.52 -20.32
CA PHE C 106 -1.00 -2.97 -20.25
C PHE C 106 -0.37 -3.60 -21.49
N ASP C 107 0.50 -4.58 -21.29
CA ASP C 107 1.27 -5.14 -22.41
C ASP C 107 0.65 -6.41 -22.99
N GLY C 108 -0.49 -6.81 -22.43
CA GLY C 108 -1.22 -7.98 -22.91
C GLY C 108 -1.27 -9.04 -21.83
N LEU C 109 -0.29 -9.00 -20.94
CA LEU C 109 -0.20 -9.97 -19.86
C LEU C 109 -0.40 -9.27 -18.51
N LYS C 110 0.30 -8.16 -18.30
CA LYS C 110 0.19 -7.45 -17.04
C LYS C 110 0.29 -5.94 -17.19
N TRP C 111 -0.13 -5.22 -16.15
CA TRP C 111 0.02 -3.78 -16.09
C TRP C 111 1.44 -3.40 -15.68
N THR C 112 1.99 -2.46 -16.42
CA THR C 112 3.21 -1.76 -16.00
C THR C 112 2.77 -0.39 -15.50
N VAL C 113 3.20 -0.02 -14.30
CA VAL C 113 2.85 1.26 -13.73
C VAL C 113 4.13 1.95 -13.27
N LEU C 114 4.28 3.22 -13.62
CA LEU C 114 5.42 3.99 -13.12
C LEU C 114 4.94 5.15 -12.28
N VAL C 115 5.64 5.44 -11.19
CA VAL C 115 5.36 6.63 -10.40
C VAL C 115 6.64 7.32 -9.98
N ALA C 116 6.55 8.64 -9.85
CA ALA C 116 7.66 9.46 -9.38
C ALA C 116 7.33 9.97 -8.00
N ASN C 117 8.31 9.92 -7.10
CA ASN C 117 8.18 10.49 -5.75
C ASN C 117 9.44 11.24 -5.30
N GLY C 118 9.26 12.10 -4.30
CA GLY C 118 10.37 12.88 -3.77
C GLY C 118 10.45 14.26 -4.38
N ARG C 119 11.17 15.17 -3.71
CA ARG C 119 11.35 16.53 -4.21
C ARG C 119 12.75 16.70 -4.81
N ASP C 120 12.81 17.46 -5.90
CA ASP C 120 14.06 17.74 -6.61
C ASP C 120 15.09 16.62 -6.54
N ARG C 121 16.22 16.84 -5.85
CA ARG C 121 17.32 15.89 -5.85
C ARG C 121 16.94 14.53 -5.28
N ASN C 122 15.88 14.47 -4.48
CA ASN C 122 15.48 13.22 -3.84
C ASN C 122 14.52 12.38 -4.69
N SER C 123 14.16 12.87 -5.87
CA SER C 123 13.16 12.21 -6.69
C SER C 123 13.64 10.84 -7.20
N PHE C 124 12.75 9.87 -7.17
CA PHE C 124 13.02 8.56 -7.72
C PHE C 124 11.74 8.04 -8.36
N ILE C 125 11.89 7.09 -9.28
CA ILE C 125 10.76 6.47 -9.93
C ILE C 125 10.77 5.00 -9.55
N MET C 126 9.59 4.47 -9.28
CA MET C 126 9.47 3.02 -9.12
C MET C 126 8.48 2.47 -10.13
N ILE C 127 8.69 1.21 -10.46
CA ILE C 127 7.93 0.57 -11.51
C ILE C 127 7.36 -0.71 -10.97
N LYS C 128 6.09 -0.94 -11.25
CA LYS C 128 5.40 -2.14 -10.85
C LYS C 128 4.99 -2.92 -12.10
N TYR C 129 5.23 -4.22 -12.08
CA TYR C 129 4.69 -5.10 -13.11
C TYR C 129 3.84 -6.11 -12.38
N GLY C 130 2.56 -6.17 -12.70
CA GLY C 130 1.62 -6.90 -11.86
C GLY C 130 1.72 -6.44 -10.40
N GLU C 131 1.85 -7.41 -9.51
CA GLU C 131 1.89 -7.18 -8.08
C GLU C 131 3.24 -6.61 -7.65
N GLU C 132 4.24 -6.97 -8.43
CA GLU C 132 5.63 -6.88 -8.03
C GLU C 132 6.23 -5.53 -8.41
N VAL C 133 6.92 -4.90 -7.46
CA VAL C 133 7.80 -3.79 -7.77
C VAL C 133 9.05 -4.37 -8.41
N THR C 134 9.30 -4.02 -9.66
CA THR C 134 10.32 -4.69 -10.44
C THR C 134 11.56 -3.85 -10.63
N ASP C 135 11.42 -2.54 -10.50
CA ASP C 135 12.55 -1.67 -10.76
C ASP C 135 12.35 -0.31 -10.15
N THR C 136 13.45 0.41 -9.99
CA THR C 136 13.45 1.79 -9.55
C THR C 136 14.69 2.45 -10.13
N PHE C 137 14.67 3.77 -10.19
CA PHE C 137 15.88 4.51 -10.52
C PHE C 137 15.76 5.94 -10.02
N SER C 138 16.90 6.59 -9.88
CA SER C 138 16.95 7.91 -9.28
C SER C 138 17.18 8.96 -10.33
N ALA C 139 16.95 10.21 -9.95
CA ALA C 139 17.24 11.34 -10.80
C ALA C 139 18.70 11.33 -11.24
N SER C 140 18.96 11.92 -12.41
CA SER C 140 20.30 12.04 -12.97
C SER C 140 20.72 13.49 -13.16
N ARG C 141 19.75 14.40 -13.20
CA ARG C 141 20.03 15.81 -13.54
C ARG C 141 19.47 16.79 -12.53
N GLY C 142 19.48 16.42 -11.25
CA GLY C 142 19.02 17.30 -10.22
C GLY C 142 17.56 17.09 -9.86
N GLY C 143 16.82 16.38 -10.71
CA GLY C 143 15.41 16.14 -10.44
C GLY C 143 14.60 17.42 -10.58
N PRO C 144 13.29 17.34 -10.31
CA PRO C 144 12.55 16.12 -9.99
C PRO C 144 12.31 15.29 -11.25
N LEU C 145 12.33 13.97 -11.12
CA LEU C 145 11.82 13.11 -12.18
C LEU C 145 10.32 13.33 -12.39
N ARG C 146 9.92 13.38 -13.66
CA ARG C 146 8.54 13.66 -14.00
C ARG C 146 8.05 12.67 -15.05
N LEU C 147 6.97 11.97 -14.73
CA LEU C 147 6.28 11.11 -15.67
C LEU C 147 5.16 11.88 -16.35
N PRO C 148 4.76 11.46 -17.57
CA PRO C 148 3.91 12.29 -18.42
C PRO C 148 2.40 12.30 -18.11
N ASN C 149 1.96 11.49 -17.16
CA ASN C 149 0.53 11.46 -16.81
C ASN C 149 -0.32 11.19 -18.05
N SER C 150 0.06 10.14 -18.75
CA SER C 150 -0.64 9.65 -19.92
C SER C 150 -0.13 8.23 -20.08
N GLU C 151 -0.85 7.38 -20.81
CA GLU C 151 -0.42 5.99 -20.92
C GLU C 151 0.93 5.86 -21.61
N CYS C 152 1.71 4.90 -21.13
CA CYS C 152 2.93 4.49 -21.80
C CYS C 152 2.52 3.56 -22.94
N ILE C 153 3.49 3.17 -23.77
CA ILE C 153 3.22 2.55 -25.06
C ILE C 153 3.89 1.19 -25.18
N CYS C 154 3.07 0.16 -25.33
CA CYS C 154 3.57 -1.20 -25.38
C CYS C 154 3.50 -1.78 -26.79
N ILE C 155 4.60 -2.39 -27.20
CA ILE C 155 4.69 -3.06 -28.48
C ILE C 155 5.35 -4.41 -28.27
N GLU C 156 4.57 -5.48 -28.38
CA GLU C 156 5.10 -6.84 -28.31
C GLU C 156 5.95 -7.06 -27.07
N GLY C 157 5.49 -6.54 -25.94
CA GLY C 157 6.14 -6.80 -24.67
C GLY C 157 7.18 -5.76 -24.27
N SER C 158 7.53 -4.85 -25.16
CA SER C 158 8.38 -3.73 -24.79
C SER C 158 7.48 -2.51 -24.59
N CYS C 159 7.63 -1.82 -23.46
CA CYS C 159 6.81 -0.63 -23.17
C CYS C 159 7.72 0.59 -23.07
N PHE C 160 7.28 1.68 -23.69
CA PHE C 160 8.10 2.88 -23.81
C PHE C 160 7.42 4.03 -23.11
N VAL C 161 8.19 4.86 -22.43
CA VAL C 161 7.66 6.00 -21.73
C VAL C 161 8.71 7.11 -21.74
N ILE C 162 8.24 8.34 -21.79
CA ILE C 162 9.14 9.48 -21.76
C ILE C 162 9.28 9.99 -20.33
N VAL C 163 10.50 10.07 -19.84
CA VAL C 163 10.76 10.54 -18.47
C VAL C 163 11.57 11.83 -18.52
N SER C 164 11.10 12.85 -17.82
CA SER C 164 11.75 14.16 -17.85
C SER C 164 12.42 14.45 -16.51
N ASP C 165 13.49 15.23 -16.56
CA ASP C 165 14.32 15.48 -15.40
C ASP C 165 14.81 16.93 -15.49
N GLY C 166 15.49 17.41 -14.45
CA GLY C 166 16.05 18.75 -14.48
C GLY C 166 15.16 19.79 -13.84
N PRO C 167 15.72 20.64 -12.97
CA PRO C 167 14.89 21.57 -12.19
C PRO C 167 14.38 22.77 -12.97
N ASN C 168 14.99 23.10 -14.09
CA ASN C 168 14.56 24.27 -14.84
C ASN C 168 13.99 23.95 -16.22
N VAL C 169 12.87 24.59 -16.53
CA VAL C 169 12.16 24.36 -17.77
C VAL C 169 12.98 24.79 -18.98
N ASN C 170 13.91 25.72 -18.78
CA ASN C 170 14.79 26.17 -19.86
C ASN C 170 16.02 25.28 -19.97
N GLN C 171 16.12 24.31 -19.08
CA GLN C 171 17.22 23.35 -19.13
C GLN C 171 16.74 21.96 -18.74
N SER C 172 15.70 21.51 -19.44
CA SER C 172 15.08 20.22 -19.14
C SER C 172 15.78 19.09 -19.89
N VAL C 173 15.70 17.89 -19.32
CA VAL C 173 16.25 16.69 -19.95
C VAL C 173 15.15 15.65 -20.12
N HIS C 174 15.17 14.95 -21.24
CA HIS C 174 14.12 14.00 -21.61
C HIS C 174 14.71 12.73 -22.15
N ARG C 175 14.30 11.60 -21.58
CA ARG C 175 14.75 10.29 -22.03
C ARG C 175 13.56 9.42 -22.42
N ILE C 176 13.72 8.66 -23.49
CA ILE C 176 12.84 7.53 -23.77
C ILE C 176 13.38 6.34 -23.00
N TYR C 177 12.53 5.73 -22.18
CA TYR C 177 12.86 4.51 -21.44
C TYR C 177 12.14 3.32 -22.08
N GLU C 178 12.85 2.22 -22.29
CA GLU C 178 12.24 0.98 -22.73
C GLU C 178 12.23 -0.05 -21.62
N LEU C 179 11.07 -0.66 -21.38
CA LEU C 179 10.89 -1.60 -20.29
C LEU C 179 10.36 -2.93 -20.81
N GLN C 180 10.70 -4.01 -20.13
CA GLN C 180 10.07 -5.31 -20.40
C GLN C 180 9.86 -5.97 -19.04
N ASN C 181 8.65 -6.43 -18.79
CA ASN C 181 8.32 -7.02 -17.51
C ASN C 181 8.59 -6.05 -16.37
N GLY C 182 8.43 -4.75 -16.62
CA GLY C 182 8.63 -3.73 -15.60
C GLY C 182 10.08 -3.46 -15.27
N THR C 183 10.98 -3.97 -16.11
CA THR C 183 12.41 -3.76 -15.90
C THR C 183 12.98 -2.90 -17.01
N VAL C 184 13.78 -1.90 -16.63
CA VAL C 184 14.36 -1.02 -17.63
C VAL C 184 15.39 -1.82 -18.42
N GLN C 185 15.19 -1.92 -19.73
CA GLN C 185 16.16 -2.56 -20.61
C GLN C 185 17.20 -1.55 -21.09
N ARG C 186 16.74 -0.37 -21.46
CA ARG C 186 17.62 0.64 -22.01
C ARG C 186 16.89 1.96 -22.03
N TRP C 187 17.63 3.02 -22.25
CA TRP C 187 17.04 4.32 -22.42
C TRP C 187 17.90 5.16 -23.31
N LYS C 188 17.32 6.25 -23.79
CA LYS C 188 17.96 7.10 -24.79
C LYS C 188 17.67 8.55 -24.44
N GLN C 189 18.70 9.34 -24.23
CA GLN C 189 18.50 10.75 -23.94
C GLN C 189 18.31 11.51 -25.25
N LEU C 190 17.27 12.32 -25.30
CA LEU C 190 16.94 13.05 -26.50
C LEU C 190 17.73 14.35 -26.52
N ASN C 191 18.07 14.81 -27.71
CA ASN C 191 18.59 16.16 -27.89
C ASN C 191 17.44 17.10 -28.07
N THR C 192 17.15 17.86 -27.03
CA THR C 192 16.02 18.77 -27.03
C THR C 192 16.51 20.17 -26.72
N THR C 193 17.76 20.46 -27.10
CA THR C 193 18.31 21.78 -26.84
C THR C 193 17.50 22.84 -27.59
N GLY C 194 17.12 23.88 -26.86
CA GLY C 194 16.31 24.93 -27.47
C GLY C 194 14.84 24.76 -27.15
N ILE C 195 14.44 23.59 -26.66
CA ILE C 195 13.05 23.36 -26.31
C ILE C 195 12.82 22.64 -24.99
N ASN C 196 11.54 22.51 -24.66
CA ASN C 196 11.07 21.82 -23.48
C ASN C 196 9.96 20.88 -23.94
N PHE C 197 9.95 19.65 -23.43
CA PHE C 197 9.05 18.60 -23.95
C PHE C 197 8.43 17.83 -22.79
N GLU C 198 7.50 18.47 -22.10
CA GLU C 198 6.82 17.88 -20.95
C GLU C 198 5.49 17.26 -21.38
N TYR C 199 4.94 16.46 -20.49
CA TYR C 199 3.60 15.91 -20.64
C TYR C 199 3.41 15.13 -21.95
N SER C 200 4.40 14.34 -22.33
CA SER C 200 4.25 13.51 -23.52
C SER C 200 2.94 12.72 -23.49
N THR C 201 2.20 12.74 -24.59
CA THR C 201 1.04 11.87 -24.76
C THR C 201 1.23 11.18 -26.12
N CYS C 202 1.18 9.85 -26.12
CA CYS C 202 1.62 9.09 -27.29
C CYS C 202 0.63 8.02 -27.76
N TYR C 203 0.89 7.48 -28.95
CA TYR C 203 0.20 6.29 -29.44
C TYR C 203 1.18 5.51 -30.30
N THR C 204 0.77 4.34 -30.77
CA THR C 204 1.63 3.57 -31.66
C THR C 204 0.87 3.03 -32.87
N ILE C 205 1.57 2.95 -33.99
CA ILE C 205 1.08 2.31 -35.22
C ILE C 205 2.27 2.09 -36.12
N ASN C 206 2.18 1.09 -36.99
CA ASN C 206 3.30 0.73 -37.85
C ASN C 206 4.55 0.55 -37.00
N ASN C 207 4.36 0.00 -35.80
CA ASN C 207 5.40 -0.07 -34.78
C ASN C 207 6.31 1.17 -34.73
N LEU C 208 5.73 2.33 -34.99
CA LEU C 208 6.30 3.61 -34.61
C LEU C 208 5.59 4.10 -33.34
N ILE C 209 6.28 4.87 -32.53
CA ILE C 209 5.62 5.58 -31.44
C ILE C 209 5.60 7.05 -31.79
N LYS C 210 4.45 7.68 -31.59
CA LYS C 210 4.35 9.11 -31.86
C LYS C 210 3.82 9.81 -30.64
N CYS C 211 4.48 10.89 -30.24
CA CYS C 211 4.11 11.62 -29.03
C CYS C 211 3.99 13.10 -29.30
N THR C 212 3.00 13.72 -28.67
CA THR C 212 2.85 15.16 -28.67
C THR C 212 3.32 15.66 -27.31
N GLY C 213 4.12 16.71 -27.31
CA GLY C 213 4.63 17.28 -26.08
C GLY C 213 4.01 18.63 -25.73
N THR C 214 4.40 19.14 -24.58
CA THR C 214 4.02 20.48 -24.18
C THR C 214 5.29 21.25 -23.82
N ASN C 215 5.54 22.33 -24.54
CA ASN C 215 6.70 23.17 -24.27
C ASN C 215 6.32 24.27 -23.29
N LEU C 216 6.79 24.17 -22.07
CA LEU C 216 6.41 25.11 -21.02
C LEU C 216 7.34 26.31 -20.98
N TRP C 217 8.28 26.36 -21.92
CA TRP C 217 9.37 27.32 -21.86
C TRP C 217 9.22 28.45 -22.90
N ASN C 218 9.20 28.09 -24.17
CA ASN C 218 9.24 29.09 -25.22
C ASN C 218 8.52 28.70 -26.51
N ASP C 219 7.36 28.05 -26.40
CA ASP C 219 6.61 27.66 -27.60
C ASP C 219 5.12 27.46 -27.29
N ALA C 220 4.29 28.08 -28.13
CA ALA C 220 2.84 27.95 -28.03
C ALA C 220 2.35 26.89 -28.99
N LYS C 221 3.23 26.51 -29.93
CA LYS C 221 3.03 25.31 -30.71
C LYS C 221 3.50 24.12 -29.87
N ARG C 222 3.10 22.93 -30.27
CA ARG C 222 3.44 21.72 -29.53
C ARG C 222 4.51 20.97 -30.26
N PRO C 223 5.65 20.74 -29.61
CA PRO C 223 6.64 19.86 -30.27
C PRO C 223 6.11 18.42 -30.42
N LEU C 224 6.55 17.75 -31.47
CA LEU C 224 6.16 16.37 -31.77
C LEU C 224 7.38 15.47 -31.77
N LEU C 225 7.18 14.23 -31.38
CA LEU C 225 8.25 13.25 -31.33
C LEU C 225 7.81 12.00 -32.07
N ARG C 226 8.71 11.43 -32.84
CA ARG C 226 8.48 10.15 -33.50
C ARG C 226 9.67 9.27 -33.28
N PHE C 227 9.43 8.03 -32.86
CA PHE C 227 10.55 7.12 -32.63
C PHE C 227 10.17 5.68 -32.89
N THR C 228 11.20 4.85 -33.08
CA THR C 228 11.05 3.46 -33.42
C THR C 228 11.40 2.61 -32.22
N LYS C 229 11.12 1.31 -32.31
CA LYS C 229 11.46 0.37 -31.25
C LYS C 229 12.95 0.38 -30.94
N GLU C 230 13.77 0.84 -31.88
CA GLU C 230 15.23 0.86 -31.64
C GLU C 230 15.68 2.22 -31.09
N LEU C 231 14.70 3.09 -30.81
CA LEU C 231 14.97 4.38 -30.18
C LEU C 231 15.68 5.36 -31.11
N ASN C 232 15.55 5.16 -32.41
CA ASN C 232 15.84 6.20 -33.37
C ASN C 232 14.66 7.17 -33.34
N TYR C 233 14.93 8.46 -33.49
CA TYR C 233 13.88 9.45 -33.26
C TYR C 233 14.02 10.73 -34.06
N GLN C 234 12.93 11.48 -34.12
CA GLN C 234 12.89 12.76 -34.78
C GLN C 234 11.97 13.67 -33.99
N ILE C 235 12.44 14.86 -33.66
CA ILE C 235 11.58 15.87 -33.07
C ILE C 235 11.26 16.90 -34.12
N VAL C 236 9.97 17.22 -34.23
CA VAL C 236 9.46 18.02 -35.33
C VAL C 236 8.51 19.10 -34.84
N GLU C 237 8.53 20.23 -35.52
CA GLU C 237 7.64 21.34 -35.23
C GLU C 237 6.49 21.37 -36.23
N PRO C 238 5.28 21.71 -35.77
CA PRO C 238 4.15 21.83 -36.70
C PRO C 238 4.33 23.03 -37.63
N CYS C 239 4.08 22.83 -38.92
CA CYS C 239 4.37 23.86 -39.90
C CYS C 239 3.13 24.63 -40.37
N ASN C 240 2.09 24.65 -39.54
CA ASN C 240 0.96 25.51 -39.79
C ASN C 240 1.18 26.82 -39.04
N GLY C 241 0.13 27.62 -38.87
CA GLY C 241 0.26 28.90 -38.19
C GLY C 241 -0.72 29.03 -37.04
N ALA C 242 -1.25 27.89 -36.58
CA ALA C 242 -2.27 27.88 -35.55
C ALA C 242 -1.80 27.10 -34.32
N PRO C 243 -1.06 27.77 -33.42
CA PRO C 243 -0.62 27.13 -32.18
C PRO C 243 -1.79 26.44 -31.45
N THR C 244 -1.53 25.35 -30.75
CA THR C 244 -2.61 24.61 -30.07
C THR C 244 -2.42 24.51 -28.57
N ASP C 245 -1.32 25.05 -28.06
CA ASP C 245 -1.06 25.08 -26.63
C ASP C 245 -1.96 26.13 -25.99
N PHE C 246 -1.94 26.17 -24.67
CA PHE C 246 -2.58 27.24 -23.93
C PHE C 246 -1.81 27.52 -22.66
N PRO C 247 -1.38 28.77 -22.47
CA PRO C 247 -1.71 29.95 -23.27
C PRO C 247 -1.19 29.91 -24.71
N ARG C 248 -1.70 30.81 -25.55
CA ARG C 248 -1.19 30.99 -26.91
C ARG C 248 -1.55 32.34 -27.49
N GLY C 249 -0.73 32.80 -28.43
CA GLY C 249 -0.99 34.03 -29.15
C GLY C 249 -1.96 33.79 -30.28
N GLY C 250 -2.09 34.80 -31.14
CA GLY C 250 -3.04 34.78 -32.23
C GLY C 250 -2.57 33.90 -33.37
N LEU C 251 -3.49 33.64 -34.29
CA LEU C 251 -3.18 32.98 -35.55
C LEU C 251 -1.98 33.69 -36.19
N THR C 252 -1.32 33.01 -37.12
CA THR C 252 -0.14 33.60 -37.74
C THR C 252 0.29 32.87 -39.01
N THR C 253 1.44 33.26 -39.54
CA THR C 253 1.87 32.81 -40.87
C THR C 253 2.43 31.40 -40.80
N PRO C 254 1.88 30.51 -41.63
CA PRO C 254 2.30 29.10 -41.70
C PRO C 254 3.80 28.92 -41.99
N SER C 255 4.56 28.66 -40.92
CA SER C 255 5.96 28.30 -41.05
C SER C 255 6.28 27.17 -40.09
N CYS C 256 7.44 26.55 -40.29
CA CYS C 256 7.91 25.53 -39.37
C CYS C 256 8.63 26.19 -38.18
N LYS C 257 8.38 27.47 -37.97
CA LYS C 257 9.03 28.18 -36.86
C LYS C 257 8.21 28.09 -35.58
N MET C 258 8.91 27.97 -34.46
CA MET C 258 8.26 27.97 -33.15
C MET C 258 7.41 29.24 -33.06
N ALA C 259 6.40 29.21 -32.20
CA ALA C 259 5.60 30.39 -31.95
C ALA C 259 5.90 30.86 -30.53
N GLN C 260 6.87 31.75 -30.40
CA GLN C 260 7.32 32.19 -29.08
C GLN C 260 6.26 33.04 -28.37
N GLU C 261 5.31 33.57 -29.14
CA GLU C 261 4.30 34.45 -28.58
C GLU C 261 3.46 33.73 -27.51
N LYS C 262 3.65 34.13 -26.26
CA LYS C 262 3.01 33.48 -25.12
C LYS C 262 3.40 32.02 -25.06
N GLY C 263 4.71 31.76 -25.16
CA GLY C 263 5.24 30.42 -25.18
C GLY C 263 5.45 29.85 -23.79
N GLU C 264 5.82 30.71 -22.84
CA GLU C 264 5.93 30.29 -21.45
C GLU C 264 4.63 29.65 -21.03
N GLY C 265 4.71 28.64 -20.15
CA GLY C 265 3.51 27.93 -19.71
C GLY C 265 2.95 27.01 -20.78
N GLY C 266 1.82 26.37 -20.46
CA GLY C 266 1.19 25.44 -21.38
C GLY C 266 0.40 24.37 -20.66
N ILE C 267 -0.21 23.49 -21.42
CA ILE C 267 -1.06 22.45 -20.87
C ILE C 267 -1.04 21.22 -21.78
N GLN C 268 -1.15 20.04 -21.17
CA GLN C 268 -1.01 18.78 -21.88
C GLN C 268 -2.05 18.73 -22.99
N GLY C 269 -1.59 18.43 -24.21
CA GLY C 269 -2.46 18.33 -25.36
C GLY C 269 -1.84 17.40 -26.40
N PHE C 270 -2.60 17.12 -27.47
CA PHE C 270 -2.21 16.10 -28.44
C PHE C 270 -2.39 16.55 -29.89
N ILE C 271 -1.61 15.93 -30.79
CA ILE C 271 -1.80 16.09 -32.23
C ILE C 271 -1.75 14.73 -32.89
N LEU C 272 -2.79 14.37 -33.65
CA LEU C 272 -2.74 13.12 -34.38
C LEU C 272 -1.79 13.28 -35.56
N ASP C 273 -0.56 12.80 -35.37
CA ASP C 273 0.53 12.99 -36.32
C ASP C 273 0.47 11.98 -37.47
N GLU C 274 -0.56 12.13 -38.30
CA GLU C 274 -0.79 11.22 -39.42
C GLU C 274 -1.09 12.02 -40.69
N LYS C 275 -1.53 11.32 -41.73
CA LYS C 275 -2.01 11.95 -42.95
C LYS C 275 -3.36 11.36 -43.37
N PRO C 276 -4.45 12.11 -43.17
CA PRO C 276 -4.54 13.46 -42.59
C PRO C 276 -4.13 13.48 -41.13
N ALA C 277 -3.81 14.66 -40.63
CA ALA C 277 -3.49 14.84 -39.23
C ALA C 277 -4.67 15.55 -38.62
N TRP C 278 -4.75 15.53 -37.30
CA TRP C 278 -5.77 16.29 -36.60
C TRP C 278 -5.11 17.10 -35.50
N THR C 279 -5.54 18.35 -35.37
CA THR C 279 -5.08 19.21 -34.29
C THR C 279 -6.23 19.42 -33.33
N SER C 280 -5.91 19.93 -32.15
CA SER C 280 -6.91 20.03 -31.11
C SER C 280 -6.52 21.17 -30.18
N LYS C 281 -7.50 21.95 -29.75
CA LYS C 281 -7.21 23.16 -29.01
C LYS C 281 -8.50 23.78 -28.50
N THR C 282 -8.37 24.75 -27.61
CA THR C 282 -9.52 25.48 -27.10
C THR C 282 -10.16 26.23 -28.28
N LYS C 283 -11.41 26.66 -28.12
CA LYS C 283 -12.13 27.34 -29.19
C LYS C 283 -11.35 28.58 -29.61
N ALA C 284 -10.86 29.33 -28.63
CA ALA C 284 -10.08 30.52 -28.93
C ALA C 284 -9.01 30.82 -27.88
N GLU C 285 -8.11 31.71 -28.23
CA GLU C 285 -6.86 31.94 -27.49
C GLU C 285 -7.02 32.65 -26.16
N SER C 286 -8.18 33.27 -25.95
CA SER C 286 -8.35 34.18 -24.82
C SER C 286 -8.56 33.44 -23.49
N SER C 287 -9.36 32.39 -23.52
CA SER C 287 -9.59 31.60 -22.30
C SER C 287 -9.57 30.10 -22.61
N GLN C 288 -9.86 29.28 -21.60
CA GLN C 288 -9.79 27.84 -21.75
C GLN C 288 -11.17 27.22 -21.95
N ASN C 289 -11.87 27.68 -22.98
CA ASN C 289 -13.20 27.19 -23.24
C ASN C 289 -13.29 26.52 -24.59
N GLY C 290 -14.24 25.59 -24.70
CA GLY C 290 -14.46 24.84 -25.93
C GLY C 290 -13.30 23.94 -26.27
N PHE C 291 -13.48 23.18 -27.35
CA PHE C 291 -12.45 22.26 -27.83
C PHE C 291 -12.72 21.96 -29.29
N VAL C 292 -11.72 22.20 -30.14
CA VAL C 292 -11.87 22.10 -31.58
C VAL C 292 -10.92 21.08 -32.22
N LEU C 293 -11.48 20.17 -33.01
CA LEU C 293 -10.69 19.17 -33.74
C LEU C 293 -10.69 19.49 -35.22
N GLU C 294 -9.50 19.66 -35.80
CA GLU C 294 -9.38 20.07 -37.18
C GLU C 294 -8.53 19.10 -38.00
N GLN C 295 -9.03 18.76 -39.17
CA GLN C 295 -8.37 17.80 -40.04
C GLN C 295 -7.50 18.49 -41.05
N ILE C 296 -6.23 18.10 -41.11
CA ILE C 296 -5.29 18.62 -42.10
C ILE C 296 -4.82 17.48 -43.00
N PRO C 297 -5.40 17.35 -44.19
CA PRO C 297 -5.16 16.21 -45.09
C PRO C 297 -3.69 15.95 -45.43
N ASN C 298 -2.88 17.01 -45.49
CA ASN C 298 -1.50 16.85 -45.95
C ASN C 298 -0.48 16.55 -44.86
N GLY C 299 -0.90 16.56 -43.60
CA GLY C 299 -0.02 16.26 -42.50
C GLY C 299 0.36 17.50 -41.74
N ILE C 300 0.94 17.32 -40.56
CA ILE C 300 1.18 18.44 -39.66
C ILE C 300 2.40 19.26 -40.08
N GLU C 301 3.18 18.73 -41.02
CA GLU C 301 4.32 19.46 -41.52
C GLU C 301 3.99 20.19 -42.83
N SER C 302 2.75 20.08 -43.28
CA SER C 302 2.27 20.80 -44.46
C SER C 302 2.01 22.26 -44.08
N GLU C 303 1.46 23.03 -45.01
CA GLU C 303 1.09 24.42 -44.74
C GLU C 303 -0.01 24.51 -43.68
N GLY C 304 -0.77 23.42 -43.53
CA GLY C 304 -1.70 23.28 -42.42
C GLY C 304 -3.11 23.70 -42.75
N THR C 305 -3.54 23.44 -43.97
CA THR C 305 -4.87 23.87 -44.39
C THR C 305 -5.93 22.86 -43.96
N VAL C 306 -7.01 23.38 -43.41
CA VAL C 306 -8.00 22.54 -42.72
C VAL C 306 -9.18 22.19 -43.60
N SER C 307 -9.49 20.90 -43.66
CA SER C 307 -10.74 20.44 -44.26
C SER C 307 -11.84 20.44 -43.20
N LEU C 308 -11.99 19.32 -42.50
CA LEU C 308 -13.00 19.21 -41.45
C LEU C 308 -12.64 20.03 -40.21
N SER C 309 -13.64 20.66 -39.61
CA SER C 309 -13.45 21.41 -38.36
C SER C 309 -14.62 21.15 -37.41
N TYR C 310 -14.43 20.21 -36.50
CA TYR C 310 -15.49 19.85 -35.57
C TYR C 310 -15.31 20.56 -34.26
N GLU C 311 -16.27 21.42 -33.91
CA GLU C 311 -16.28 22.05 -32.61
C GLU C 311 -17.02 21.15 -31.61
N LEU C 312 -16.27 20.33 -30.87
CA LEU C 312 -16.85 19.37 -29.94
C LEU C 312 -17.47 20.08 -28.74
N PHE C 313 -16.80 21.12 -28.24
CA PHE C 313 -17.32 21.95 -27.17
C PHE C 313 -17.12 23.40 -27.59
N SER C 314 -18.02 24.28 -27.17
CA SER C 314 -17.92 25.71 -27.45
C SER C 314 -17.65 26.53 -26.18
N ASN C 315 -18.50 26.32 -25.16
CA ASN C 315 -18.40 27.12 -23.94
C ASN C 315 -17.86 26.39 -22.72
N LYS C 316 -18.05 25.07 -22.64
CA LYS C 316 -17.55 24.34 -21.47
C LYS C 316 -16.05 24.53 -21.31
N ARG C 317 -15.60 24.78 -20.08
CA ARG C 317 -14.18 24.94 -19.83
C ARG C 317 -13.46 23.59 -19.90
N THR C 318 -12.32 23.56 -20.59
CA THR C 318 -11.59 22.33 -20.82
C THR C 318 -10.17 22.45 -20.29
N GLY C 319 -9.52 21.31 -20.05
CA GLY C 319 -8.15 21.32 -19.56
C GLY C 319 -7.25 20.38 -20.35
N ARG C 320 -6.52 19.54 -19.61
CA ARG C 320 -5.59 18.58 -20.19
C ARG C 320 -6.27 17.61 -21.16
N SER C 321 -5.51 17.14 -22.15
CA SER C 321 -6.00 16.10 -23.05
C SER C 321 -4.85 15.21 -23.52
N GLY C 322 -5.18 14.00 -23.95
CA GLY C 322 -4.18 13.05 -24.38
C GLY C 322 -4.79 11.82 -25.05
N PHE C 323 -3.91 11.02 -25.66
CA PHE C 323 -4.29 9.81 -26.36
C PHE C 323 -4.50 8.61 -25.45
N PHE C 324 -5.39 7.71 -25.87
CA PHE C 324 -5.35 6.32 -25.44
C PHE C 324 -5.80 5.40 -26.57
N GLN C 325 -5.30 4.18 -26.57
CA GLN C 325 -5.68 3.21 -27.60
C GLN C 325 -6.43 2.02 -27.03
N PRO C 326 -7.64 1.74 -27.56
CA PRO C 326 -8.32 0.49 -27.27
C PRO C 326 -7.45 -0.68 -27.69
N LYS C 327 -7.39 -1.74 -26.89
CA LYS C 327 -6.46 -2.82 -27.15
C LYS C 327 -7.12 -4.18 -27.46
N GLY C 328 -8.43 -4.31 -27.18
CA GLY C 328 -9.11 -5.58 -27.33
C GLY C 328 -10.25 -5.60 -28.32
N ASP C 329 -10.23 -4.69 -29.29
CA ASP C 329 -11.23 -4.68 -30.34
C ASP C 329 -11.26 -6.03 -31.05
N LEU C 330 -12.45 -6.57 -31.25
CA LEU C 330 -12.59 -7.87 -31.88
C LEU C 330 -13.16 -7.71 -33.28
N ILE C 331 -13.92 -6.64 -33.50
CA ILE C 331 -14.65 -6.47 -34.75
C ILE C 331 -13.80 -5.72 -35.76
N SER C 332 -13.27 -4.58 -35.35
CA SER C 332 -12.47 -3.75 -36.24
C SER C 332 -11.16 -4.46 -36.64
N GLY C 333 -10.81 -4.39 -37.92
CA GLY C 333 -9.59 -4.99 -38.39
C GLY C 333 -8.45 -3.98 -38.30
N CYS C 334 -8.82 -2.73 -38.05
CA CYS C 334 -7.85 -1.65 -38.00
C CYS C 334 -7.73 -1.14 -36.57
N GLN C 335 -6.64 -0.43 -36.27
CA GLN C 335 -6.38 0.07 -34.93
C GLN C 335 -7.10 1.38 -34.65
N ARG C 336 -7.98 1.41 -33.66
CA ARG C 336 -8.68 2.65 -33.32
C ARG C 336 -7.80 3.59 -32.51
N ILE C 337 -8.17 4.87 -32.50
CA ILE C 337 -7.47 5.89 -31.70
C ILE C 337 -8.48 6.77 -30.94
N CYS C 338 -8.22 7.02 -29.67
CA CYS C 338 -9.13 7.84 -28.86
C CYS C 338 -8.36 8.93 -28.10
N PHE C 339 -9.08 9.83 -27.45
CA PHE C 339 -8.45 10.74 -26.52
C PHE C 339 -9.32 11.01 -25.30
N TRP C 340 -8.65 11.31 -24.19
CA TRP C 340 -9.32 11.72 -22.99
C TRP C 340 -9.16 13.23 -22.89
N LEU C 341 -10.07 13.87 -22.17
CA LEU C 341 -10.12 15.32 -22.11
C LEU C 341 -10.72 15.76 -20.79
N GLU C 342 -10.03 16.67 -20.10
CA GLU C 342 -10.54 17.26 -18.87
C GLU C 342 -11.68 18.23 -19.13
N ILE C 343 -12.81 17.96 -18.50
CA ILE C 343 -13.90 18.94 -18.42
C ILE C 343 -13.96 19.51 -17.01
N GLU C 344 -13.82 20.84 -16.90
CA GLU C 344 -13.76 21.51 -15.61
C GLU C 344 -15.11 22.05 -15.18
N ASP C 345 -15.53 21.69 -13.96
CA ASP C 345 -16.84 22.10 -13.45
C ASP C 345 -16.66 22.82 -12.12
N GLN C 346 -17.41 23.91 -11.92
CA GLN C 346 -17.34 24.63 -10.65
C GLN C 346 -18.28 24.01 -9.63
N THR C 347 -17.81 23.88 -8.40
CA THR C 347 -18.59 23.34 -7.30
C THR C 347 -18.86 24.43 -6.26
N VAL C 348 -19.89 24.22 -5.46
CA VAL C 348 -20.27 25.19 -4.44
C VAL C 348 -19.28 25.21 -3.28
N GLY C 349 -18.69 24.06 -2.92
CA GLY C 349 -17.93 23.97 -1.68
C GLY C 349 -16.53 23.37 -1.69
N LEU C 350 -15.96 23.08 -2.86
CA LEU C 350 -14.60 22.56 -2.89
C LEU C 350 -13.86 22.87 -4.19
N GLY C 351 -14.23 23.99 -4.80
CA GLY C 351 -13.49 24.57 -5.90
C GLY C 351 -13.73 23.96 -7.26
N MET C 352 -12.82 24.23 -8.19
CA MET C 352 -12.84 23.62 -9.50
C MET C 352 -12.43 22.15 -9.39
N ILE C 353 -13.16 21.29 -10.08
CA ILE C 353 -12.78 19.90 -10.18
C ILE C 353 -12.66 19.54 -11.65
N GLN C 354 -11.98 18.44 -11.94
CA GLN C 354 -11.84 17.97 -13.31
C GLN C 354 -12.47 16.59 -13.43
N GLU C 355 -13.17 16.38 -14.53
CA GLU C 355 -13.71 15.07 -14.88
C GLU C 355 -13.31 14.74 -16.31
N LEU C 356 -12.89 13.50 -16.55
CA LEU C 356 -12.46 13.10 -17.87
C LEU C 356 -13.65 12.69 -18.73
N SER C 357 -13.70 13.25 -19.94
CA SER C 357 -14.50 12.71 -21.03
C SER C 357 -13.58 11.93 -21.99
N THR C 358 -14.13 10.97 -22.72
CA THR C 358 -13.33 10.25 -23.72
C THR C 358 -14.04 10.28 -25.09
N PHE C 359 -13.26 10.54 -26.14
CA PHE C 359 -13.75 10.54 -27.51
C PHE C 359 -12.95 9.54 -28.34
N CYS C 360 -13.61 8.88 -29.29
CA CYS C 360 -12.91 7.95 -30.15
C CYS C 360 -13.14 8.29 -31.62
N GLY C 361 -12.11 8.07 -32.44
CA GLY C 361 -12.24 8.26 -33.87
C GLY C 361 -13.18 7.23 -34.47
N ILE C 362 -13.92 7.62 -35.49
CA ILE C 362 -14.76 6.67 -36.21
C ILE C 362 -14.51 6.80 -37.71
N ASN C 363 -14.64 5.68 -38.42
CA ASN C 363 -14.51 5.65 -39.87
C ASN C 363 -15.89 5.53 -40.52
N SER C 364 -16.88 6.14 -39.90
CA SER C 364 -18.26 6.13 -40.37
C SER C 364 -18.80 7.57 -40.29
N PRO C 365 -20.09 7.77 -40.62
CA PRO C 365 -20.46 9.19 -40.68
C PRO C 365 -20.72 9.81 -39.30
N VAL C 366 -20.53 11.12 -39.19
CA VAL C 366 -20.94 11.81 -37.98
C VAL C 366 -21.23 13.28 -38.23
N GLN C 367 -22.16 13.81 -37.45
CA GLN C 367 -22.57 15.20 -37.54
C GLN C 367 -21.68 16.08 -36.69
N ASN C 368 -21.79 17.40 -36.88
CA ASN C 368 -21.02 18.38 -36.12
C ASN C 368 -21.73 18.82 -34.84
N ILE C 369 -22.07 17.86 -33.99
CA ILE C 369 -22.78 18.12 -32.73
C ILE C 369 -21.90 18.85 -31.72
N ASN C 370 -22.47 19.84 -31.04
CA ASN C 370 -21.79 20.47 -29.91
C ASN C 370 -22.27 19.83 -28.62
N TRP C 371 -21.32 19.35 -27.81
CA TRP C 371 -21.63 18.60 -26.59
C TRP C 371 -21.63 19.44 -25.29
N ASP C 372 -21.79 20.76 -25.42
CA ASP C 372 -21.78 21.63 -24.23
C ASP C 372 -22.98 21.41 -23.31
N SER C 373 -24.18 21.37 -23.89
CA SER C 373 -25.40 21.43 -23.08
C SER C 373 -26.21 20.13 -23.15
N PHE D 7 -23.75 -21.04 -30.70
CA PHE D 7 -23.40 -20.13 -29.63
C PHE D 7 -24.28 -18.87 -29.61
N TYR D 8 -24.78 -18.47 -30.78
CA TYR D 8 -25.72 -17.35 -30.84
C TYR D 8 -27.08 -17.79 -30.35
N TRP D 9 -27.70 -16.92 -29.56
CA TRP D 9 -29.00 -17.18 -29.02
C TRP D 9 -30.05 -17.19 -30.14
N ARG D 10 -31.05 -18.05 -29.98
CA ARG D 10 -32.25 -17.98 -30.81
C ARG D 10 -33.45 -18.43 -29.99
N ALA D 11 -34.61 -17.85 -30.28
CA ALA D 11 -35.84 -18.25 -29.59
C ALA D 11 -36.23 -19.68 -29.91
N LYS D 12 -37.06 -20.26 -29.06
CA LYS D 12 -37.61 -21.58 -29.32
C LYS D 12 -38.66 -21.47 -30.43
N SER D 13 -39.09 -22.62 -30.94
CA SER D 13 -39.93 -22.65 -32.14
C SER D 13 -41.34 -22.16 -31.89
N GLN D 14 -41.83 -22.35 -30.66
CA GLN D 14 -43.17 -21.88 -30.33
C GLN D 14 -43.25 -21.39 -28.89
N MET D 15 -44.11 -20.40 -28.67
CA MET D 15 -44.16 -19.74 -27.38
C MET D 15 -44.96 -20.59 -26.40
N CYS D 16 -44.50 -20.60 -25.16
CA CYS D 16 -45.16 -21.35 -24.10
C CYS D 16 -46.60 -20.89 -23.97
N GLU D 17 -47.44 -21.74 -23.40
CA GLU D 17 -48.80 -21.36 -23.04
C GLU D 17 -48.70 -20.31 -21.95
N VAL D 18 -49.56 -19.30 -22.01
CA VAL D 18 -49.61 -18.30 -20.94
C VAL D 18 -51.02 -18.29 -20.37
N LYS D 19 -51.15 -18.65 -19.10
CA LYS D 19 -52.44 -18.64 -18.43
C LYS D 19 -52.43 -17.69 -17.25
N GLY D 20 -51.28 -17.06 -17.03
CA GLY D 20 -51.10 -16.19 -15.88
C GLY D 20 -49.78 -15.44 -15.96
N TRP D 21 -49.64 -14.47 -15.05
CA TRP D 21 -48.48 -13.59 -14.98
C TRP D 21 -48.08 -13.42 -13.52
N VAL D 22 -46.82 -13.71 -13.22
CA VAL D 22 -46.34 -13.61 -11.85
C VAL D 22 -45.19 -12.62 -11.76
N PRO D 23 -45.10 -11.90 -10.64
CA PRO D 23 -44.00 -10.94 -10.50
C PRO D 23 -42.67 -11.65 -10.24
N THR D 24 -41.65 -11.32 -11.03
CA THR D 24 -40.30 -11.86 -10.80
C THR D 24 -39.42 -10.81 -10.15
N HIS D 25 -39.88 -9.57 -10.16
CA HIS D 25 -39.18 -8.48 -9.53
C HIS D 25 -40.19 -7.42 -9.25
N ARG D 26 -40.45 -7.16 -7.97
CA ARG D 26 -41.24 -6.01 -7.61
C ARG D 26 -40.23 -4.90 -7.44
N GLY D 27 -40.58 -3.69 -7.87
CA GLY D 27 -39.62 -2.60 -7.83
C GLY D 27 -39.07 -2.45 -6.45
N PHE D 28 -37.87 -1.90 -6.32
CA PHE D 28 -37.38 -1.55 -5.00
C PHE D 28 -38.42 -0.65 -4.34
N PRO D 29 -38.80 -0.96 -3.10
CA PRO D 29 -39.97 -0.40 -2.41
C PRO D 29 -39.80 1.03 -1.87
N TRP D 30 -39.06 1.89 -2.58
CA TRP D 30 -38.84 3.27 -2.14
C TRP D 30 -40.14 4.08 -2.11
N GLY D 31 -40.20 5.05 -1.21
CA GLY D 31 -41.35 5.93 -1.08
C GLY D 31 -42.12 5.66 0.20
N PRO D 32 -42.40 6.71 0.99
CA PRO D 32 -42.11 8.14 0.75
C PRO D 32 -40.64 8.52 0.76
N GLU D 33 -39.79 7.79 1.47
CA GLU D 33 -38.35 8.09 1.47
C GLU D 33 -37.54 7.09 0.61
N LEU D 34 -36.35 7.51 0.22
CA LEU D 34 -35.44 6.63 -0.50
C LEU D 34 -34.02 6.91 -0.01
N PRO D 35 -33.12 5.92 -0.17
CA PRO D 35 -31.75 6.09 0.35
C PRO D 35 -30.95 7.12 -0.45
N GLY D 36 -29.86 7.62 0.13
CA GLY D 36 -29.02 8.57 -0.56
C GLY D 36 -28.18 7.92 -1.63
N ASP D 37 -27.71 8.72 -2.58
CA ASP D 37 -26.78 8.25 -3.60
C ASP D 37 -27.39 7.21 -4.54
N LEU D 38 -28.71 7.29 -4.72
CA LEU D 38 -29.40 6.51 -5.74
C LEU D 38 -29.42 7.31 -7.03
N ILE D 39 -29.11 6.63 -8.13
CA ILE D 39 -29.28 7.20 -9.45
C ILE D 39 -30.74 7.04 -9.86
N LEU D 40 -31.40 8.19 -10.09
CA LEU D 40 -32.77 8.20 -10.54
C LEU D 40 -32.84 7.89 -12.04
N SER D 41 -33.78 7.05 -12.42
CA SER D 41 -33.85 6.52 -13.79
C SER D 41 -35.12 6.91 -14.54
N ARG D 42 -34.97 7.13 -15.85
CA ARG D 42 -36.11 7.21 -16.75
C ARG D 42 -35.76 6.51 -18.07
N ARG D 43 -36.79 6.28 -18.90
CA ARG D 43 -36.64 5.55 -20.16
C ARG D 43 -35.98 4.20 -19.96
N ALA D 44 -36.33 3.54 -18.85
CA ALA D 44 -35.74 2.28 -18.46
C ALA D 44 -36.42 1.10 -19.14
N TYR D 45 -35.65 0.04 -19.31
CA TYR D 45 -36.18 -1.22 -19.81
C TYR D 45 -35.26 -2.31 -19.30
N VAL D 46 -35.64 -3.56 -19.54
CA VAL D 46 -34.90 -4.71 -19.04
C VAL D 46 -34.40 -5.55 -20.22
N SER D 47 -33.17 -6.04 -20.11
CA SER D 47 -32.63 -7.01 -21.07
C SER D 47 -31.63 -7.90 -20.33
N CYS D 48 -31.48 -9.14 -20.79
CA CYS D 48 -30.72 -10.13 -20.05
C CYS D 48 -29.61 -10.78 -20.86
N ASP D 49 -28.55 -11.18 -20.17
CA ASP D 49 -27.56 -12.04 -20.79
C ASP D 49 -27.86 -13.49 -20.39
N LEU D 50 -26.86 -14.37 -20.42
CA LEU D 50 -27.15 -15.79 -20.19
C LEU D 50 -27.35 -16.13 -18.71
N THR D 51 -26.95 -15.24 -17.83
CA THR D 51 -27.12 -15.51 -16.40
C THR D 51 -27.93 -14.46 -15.62
N SER D 52 -27.80 -13.19 -15.97
CA SER D 52 -28.47 -12.11 -15.22
C SER D 52 -29.32 -11.19 -16.12
N CYS D 53 -30.28 -10.50 -15.51
CA CYS D 53 -31.02 -9.47 -16.21
C CYS D 53 -30.59 -8.12 -15.68
N PHE D 54 -30.66 -7.12 -16.55
CA PHE D 54 -30.23 -5.78 -16.24
C PHE D 54 -31.33 -4.76 -16.53
N LYS D 55 -31.28 -3.66 -15.78
CA LYS D 55 -32.07 -2.47 -16.06
C LYS D 55 -31.17 -1.45 -16.77
N PHE D 56 -31.54 -1.14 -18.00
CA PHE D 56 -30.85 -0.13 -18.80
C PHE D 56 -31.69 1.16 -18.69
N PHE D 57 -31.05 2.30 -18.49
CA PHE D 57 -31.81 3.51 -18.27
C PHE D 57 -31.01 4.77 -18.50
N ILE D 58 -31.72 5.87 -18.70
CA ILE D 58 -31.10 7.17 -18.75
C ILE D 58 -31.17 7.80 -17.37
N ALA D 59 -30.01 8.16 -16.82
CA ALA D 59 -29.97 8.80 -15.51
C ALA D 59 -30.42 10.24 -15.62
N TYR D 60 -31.24 10.71 -14.69
CA TYR D 60 -31.59 12.13 -14.67
C TYR D 60 -31.26 12.80 -13.34
N GLY D 61 -30.76 12.06 -12.35
CA GLY D 61 -30.34 12.69 -11.12
C GLY D 61 -29.90 11.73 -10.02
N LEU D 62 -29.33 12.31 -8.96
CA LEU D 62 -28.82 11.58 -7.81
C LEU D 62 -29.52 12.04 -6.54
N SER D 63 -29.97 11.08 -5.73
CA SER D 63 -30.65 11.42 -4.48
C SER D 63 -29.64 11.80 -3.40
N ALA D 64 -30.07 12.65 -2.49
CA ALA D 64 -29.25 13.09 -1.37
C ALA D 64 -30.17 13.66 -0.28
N ASN D 65 -30.19 12.98 0.87
CA ASN D 65 -31.07 13.38 1.96
C ASN D 65 -32.47 13.71 1.49
N GLN D 66 -33.09 12.76 0.80
CA GLN D 66 -34.46 12.89 0.31
C GLN D 66 -34.71 13.96 -0.76
N HIS D 67 -33.69 14.72 -1.14
CA HIS D 67 -33.83 15.66 -2.26
C HIS D 67 -32.82 15.39 -3.37
N LEU D 68 -32.95 16.13 -4.47
CA LEU D 68 -32.05 15.98 -5.60
C LEU D 68 -30.78 16.76 -5.42
N LEU D 69 -29.65 16.10 -5.61
CA LEU D 69 -28.36 16.77 -5.64
C LEU D 69 -28.38 17.71 -6.84
N ASN D 70 -27.80 18.89 -6.69
CA ASN D 70 -27.80 19.87 -7.77
C ASN D 70 -26.65 19.57 -8.72
N THR D 71 -26.98 18.90 -9.83
CA THR D 71 -25.96 18.50 -10.80
C THR D 71 -26.49 18.75 -12.20
N SER D 72 -25.68 18.44 -13.20
CA SER D 72 -26.08 18.57 -14.60
C SER D 72 -26.67 17.26 -15.17
N MET D 73 -26.92 16.29 -14.30
CA MET D 73 -27.29 14.95 -14.75
C MET D 73 -28.53 14.95 -15.65
N GLU D 74 -29.51 15.76 -15.31
CA GLU D 74 -30.75 15.76 -16.05
C GLU D 74 -30.59 16.18 -17.50
N TRP D 75 -29.63 17.05 -17.82
CA TRP D 75 -29.52 17.54 -19.20
C TRP D 75 -28.28 17.05 -19.95
N GLU D 76 -27.31 16.50 -19.23
CA GLU D 76 -26.25 15.72 -19.85
C GLU D 76 -26.60 14.24 -19.68
N GLU D 77 -27.29 13.72 -20.68
CA GLU D 77 -27.94 12.42 -20.57
C GLU D 77 -27.01 11.27 -20.94
N SER D 78 -26.95 10.27 -20.07
CA SER D 78 -26.18 9.07 -20.35
C SER D 78 -26.94 7.80 -19.97
N LEU D 79 -26.66 6.75 -20.74
CA LEU D 79 -27.20 5.42 -20.54
C LEU D 79 -26.41 4.68 -19.47
N TYR D 80 -27.11 4.09 -18.51
CA TYR D 80 -26.47 3.27 -17.49
C TYR D 80 -27.07 1.90 -17.49
N LYS D 81 -26.41 0.96 -16.83
CA LYS D 81 -27.03 -0.32 -16.56
C LYS D 81 -26.71 -0.80 -15.15
N THR D 82 -27.70 -1.44 -14.55
CA THR D 82 -27.62 -1.96 -13.20
C THR D 82 -28.18 -3.38 -13.22
N PRO D 83 -27.49 -4.34 -12.56
CA PRO D 83 -28.15 -5.65 -12.37
C PRO D 83 -29.56 -5.46 -11.77
N ILE D 84 -30.58 -6.13 -12.31
CA ILE D 84 -31.97 -5.86 -11.90
C ILE D 84 -32.17 -6.02 -10.39
N GLY D 85 -31.42 -6.93 -9.78
CA GLY D 85 -31.55 -7.21 -8.37
C GLY D 85 -30.79 -6.27 -7.46
N SER D 86 -30.16 -5.22 -8.01
CA SER D 86 -29.42 -4.25 -7.20
C SER D 86 -30.04 -2.88 -7.38
N ALA D 87 -30.05 -2.10 -6.30
CA ALA D 87 -30.46 -0.70 -6.41
C ALA D 87 -29.41 0.03 -7.23
N SER D 88 -29.82 1.06 -7.96
CA SER D 88 -28.89 1.82 -8.77
C SER D 88 -28.14 2.86 -7.95
N THR D 89 -26.91 2.53 -7.62
CA THR D 89 -26.03 3.43 -6.88
C THR D 89 -24.77 3.61 -7.70
N LEU D 90 -23.96 4.58 -7.30
CA LEU D 90 -22.68 4.82 -7.96
C LEU D 90 -21.79 3.57 -7.87
N SER D 91 -22.07 2.71 -6.91
CA SER D 91 -21.25 1.52 -6.72
C SER D 91 -21.74 0.34 -7.56
N THR D 92 -23.03 0.33 -7.88
CA THR D 92 -23.61 -0.82 -8.58
C THR D 92 -23.92 -0.55 -10.06
N SER D 93 -23.96 0.71 -10.46
CA SER D 93 -24.38 1.05 -11.82
C SER D 93 -23.17 1.40 -12.67
N GLU D 94 -23.27 1.09 -13.96
CA GLU D 94 -22.19 1.34 -14.90
C GLU D 94 -22.66 2.32 -15.98
N MET D 95 -21.90 3.37 -16.21
CA MET D 95 -22.18 4.29 -17.30
C MET D 95 -21.71 3.66 -18.61
N ILE D 96 -22.59 3.54 -19.59
CA ILE D 96 -22.30 2.85 -20.84
C ILE D 96 -21.88 3.82 -21.94
N LEU D 97 -22.78 4.75 -22.28
CA LEU D 97 -22.56 5.73 -23.35
C LEU D 97 -23.44 6.95 -23.09
N PRO D 98 -23.09 8.10 -23.67
CA PRO D 98 -24.09 9.17 -23.58
C PRO D 98 -25.24 8.89 -24.53
N GLY D 99 -26.44 9.34 -24.20
CA GLY D 99 -27.57 9.05 -25.06
C GLY D 99 -28.89 9.56 -24.49
N ARG D 100 -29.79 9.98 -25.39
CA ARG D 100 -31.13 10.45 -25.00
C ARG D 100 -32.15 9.34 -25.09
N SER D 101 -31.88 8.36 -25.95
CA SER D 101 -32.75 7.20 -26.06
C SER D 101 -31.85 6.04 -26.43
N SER D 102 -32.31 4.81 -26.22
CA SER D 102 -31.39 3.69 -26.43
C SER D 102 -32.11 2.40 -26.71
N SER D 103 -31.31 1.37 -26.97
CA SER D 103 -31.81 0.00 -27.06
C SER D 103 -30.60 -0.88 -26.83
N ALA D 104 -30.82 -2.08 -26.30
CA ALA D 104 -29.74 -3.01 -26.05
C ALA D 104 -30.25 -4.44 -26.12
N CYS D 105 -29.37 -5.37 -26.49
CA CYS D 105 -29.74 -6.78 -26.53
C CYS D 105 -28.48 -7.65 -26.59
N PHE D 106 -28.56 -8.82 -25.98
CA PHE D 106 -27.46 -9.77 -25.89
C PHE D 106 -27.68 -10.88 -26.90
N ASP D 107 -26.70 -11.11 -27.78
CA ASP D 107 -26.88 -12.07 -28.87
C ASP D 107 -26.39 -13.47 -28.54
N GLY D 108 -25.96 -13.67 -27.30
CA GLY D 108 -25.39 -14.95 -26.90
C GLY D 108 -23.89 -14.85 -26.61
N LEU D 109 -23.22 -13.90 -27.27
CA LEU D 109 -21.80 -13.69 -27.03
C LEU D 109 -21.52 -12.35 -26.39
N LYS D 110 -22.05 -11.28 -26.99
CA LYS D 110 -21.79 -9.93 -26.51
C LYS D 110 -23.04 -9.06 -26.57
N TRP D 111 -22.99 -7.95 -25.82
CA TRP D 111 -24.04 -6.92 -25.85
C TRP D 111 -23.93 -6.00 -27.04
N THR D 112 -25.05 -5.80 -27.74
CA THR D 112 -25.19 -4.71 -28.68
C THR D 112 -25.92 -3.56 -27.98
N VAL D 113 -25.33 -2.37 -27.97
CA VAL D 113 -25.99 -1.19 -27.40
C VAL D 113 -26.06 -0.09 -28.45
N LEU D 114 -27.24 0.49 -28.63
CA LEU D 114 -27.43 1.62 -29.53
C LEU D 114 -27.88 2.84 -28.70
N VAL D 115 -27.30 4.00 -28.96
CA VAL D 115 -27.80 5.26 -28.35
C VAL D 115 -27.98 6.32 -29.42
N ALA D 116 -28.90 7.25 -29.18
CA ALA D 116 -29.11 8.39 -30.08
C ALA D 116 -28.75 9.68 -29.33
N ASN D 117 -28.08 10.58 -30.05
CA ASN D 117 -27.66 11.86 -29.48
C ASN D 117 -27.84 12.95 -30.52
N GLY D 118 -27.96 14.18 -30.04
CA GLY D 118 -28.05 15.34 -30.90
C GLY D 118 -29.48 15.82 -31.06
N ARG D 119 -29.61 17.11 -31.38
CA ARG D 119 -30.92 17.72 -31.61
C ARG D 119 -31.21 17.79 -33.10
N ASP D 120 -32.47 17.54 -33.45
CA ASP D 120 -32.93 17.63 -34.83
C ASP D 120 -31.90 17.10 -35.85
N ARG D 121 -31.49 17.93 -36.81
CA ARG D 121 -30.75 17.43 -37.97
C ARG D 121 -29.37 16.85 -37.66
N ASN D 122 -28.79 17.25 -36.55
CA ASN D 122 -27.46 16.75 -36.20
C ASN D 122 -27.53 15.46 -35.38
N SER D 123 -28.72 14.89 -35.29
CA SER D 123 -28.90 13.67 -34.49
C SER D 123 -28.22 12.49 -35.17
N PHE D 124 -27.59 11.64 -34.37
CA PHE D 124 -26.91 10.46 -34.89
C PHE D 124 -26.99 9.29 -33.91
N ILE D 125 -26.94 8.08 -34.45
CA ILE D 125 -26.96 6.88 -33.62
C ILE D 125 -25.58 6.23 -33.63
N MET D 126 -25.17 5.75 -32.46
CA MET D 126 -23.85 5.14 -32.26
C MET D 126 -24.11 3.74 -31.75
N ILE D 127 -23.29 2.79 -32.16
CA ILE D 127 -23.49 1.40 -31.78
C ILE D 127 -22.23 0.85 -31.14
N LYS D 128 -22.41 0.15 -30.03
CA LYS D 128 -21.32 -0.57 -29.38
C LYS D 128 -21.58 -2.06 -29.42
N TYR D 129 -20.54 -2.82 -29.68
CA TYR D 129 -20.59 -4.27 -29.56
C TYR D 129 -19.52 -4.69 -28.58
N GLY D 130 -19.92 -5.35 -27.49
CA GLY D 130 -19.00 -5.51 -26.37
C GLY D 130 -18.54 -4.11 -25.96
N GLU D 131 -17.23 -3.91 -25.84
CA GLU D 131 -16.72 -2.62 -25.39
C GLU D 131 -16.24 -1.75 -26.54
N GLU D 132 -16.62 -2.09 -27.78
CA GLU D 132 -16.06 -1.44 -28.94
C GLU D 132 -17.15 -0.71 -29.75
N VAL D 133 -16.96 0.58 -30.02
CA VAL D 133 -17.87 1.30 -30.92
C VAL D 133 -17.67 0.76 -32.33
N THR D 134 -18.75 0.28 -32.95
CA THR D 134 -18.66 -0.44 -34.22
C THR D 134 -19.35 0.25 -35.41
N ASP D 135 -20.31 1.11 -35.16
CA ASP D 135 -21.02 1.77 -36.27
C ASP D 135 -21.69 3.06 -35.79
N THR D 136 -21.99 3.92 -36.75
CA THR D 136 -22.79 5.12 -36.53
C THR D 136 -23.65 5.37 -37.77
N PHE D 137 -24.73 6.10 -37.61
CA PHE D 137 -25.45 6.63 -38.77
C PHE D 137 -26.24 7.87 -38.38
N SER D 138 -26.56 8.67 -39.37
CA SER D 138 -27.14 9.98 -39.15
C SER D 138 -28.59 10.02 -39.57
N ALA D 139 -29.31 10.99 -39.02
CA ALA D 139 -30.69 11.24 -39.37
C ALA D 139 -30.77 11.50 -40.86
N SER D 140 -31.84 10.98 -41.48
CA SER D 140 -32.04 11.13 -42.91
C SER D 140 -33.27 11.97 -43.21
N ARG D 141 -34.14 12.16 -42.22
CA ARG D 141 -35.39 12.87 -42.45
C ARG D 141 -35.60 14.02 -41.48
N GLY D 142 -34.51 14.68 -41.10
CA GLY D 142 -34.61 15.88 -40.30
C GLY D 142 -34.37 15.70 -38.82
N GLY D 143 -34.44 14.46 -38.33
CA GLY D 143 -34.22 14.18 -36.93
C GLY D 143 -35.37 14.60 -36.05
N PRO D 144 -35.27 14.31 -34.74
CA PRO D 144 -34.16 13.55 -34.16
C PRO D 144 -34.31 12.05 -34.44
N LEU D 145 -33.21 11.32 -34.41
CA LEU D 145 -33.30 9.86 -34.48
C LEU D 145 -33.76 9.39 -33.09
N ARG D 146 -34.65 8.42 -33.06
CA ARG D 146 -35.18 7.92 -31.79
C ARG D 146 -35.10 6.40 -31.74
N LEU D 147 -34.43 5.89 -30.70
CA LEU D 147 -34.47 4.47 -30.39
C LEU D 147 -35.62 4.20 -29.41
N PRO D 148 -36.07 2.95 -29.34
CA PRO D 148 -37.36 2.71 -28.69
C PRO D 148 -37.36 2.55 -27.15
N ASN D 149 -36.20 2.55 -26.53
CA ASN D 149 -36.09 2.34 -25.09
C ASN D 149 -36.77 1.05 -24.66
N SER D 150 -36.46 -0.02 -25.39
CA SER D 150 -36.90 -1.38 -25.08
C SER D 150 -35.84 -2.26 -25.74
N GLU D 151 -35.72 -3.52 -25.33
CA GLU D 151 -34.58 -4.31 -25.83
C GLU D 151 -34.70 -4.54 -27.33
N CYS D 152 -33.56 -4.57 -28.02
CA CYS D 152 -33.56 -5.02 -29.41
C CYS D 152 -33.65 -6.55 -29.44
N ILE D 153 -33.76 -7.12 -30.63
CA ILE D 153 -34.16 -8.52 -30.78
C ILE D 153 -33.12 -9.27 -31.58
N CYS D 154 -32.46 -10.23 -30.93
CA CYS D 154 -31.38 -10.98 -31.57
C CYS D 154 -31.83 -12.39 -31.95
N ILE D 155 -31.43 -12.84 -33.13
CA ILE D 155 -31.63 -14.22 -33.54
C ILE D 155 -30.50 -14.67 -34.46
N GLU D 156 -29.85 -15.76 -34.05
CA GLU D 156 -28.77 -16.35 -34.82
C GLU D 156 -27.74 -15.28 -35.14
N GLY D 157 -27.51 -14.36 -34.20
CA GLY D 157 -26.45 -13.39 -34.29
C GLY D 157 -26.84 -12.09 -34.99
N SER D 158 -28.06 -12.02 -35.51
CA SER D 158 -28.56 -10.78 -36.10
C SER D 158 -29.49 -10.09 -35.11
N CYS D 159 -29.22 -8.81 -34.87
CA CYS D 159 -30.04 -8.05 -33.93
C CYS D 159 -30.82 -6.96 -34.65
N PHE D 160 -32.09 -6.88 -34.29
CA PHE D 160 -33.04 -6.04 -35.00
C PHE D 160 -33.65 -4.97 -34.07
N VAL D 161 -33.78 -3.78 -34.61
CA VAL D 161 -34.28 -2.66 -33.82
C VAL D 161 -35.01 -1.66 -34.73
N ILE D 162 -36.08 -1.06 -34.20
CA ILE D 162 -36.84 -0.05 -34.92
C ILE D 162 -36.29 1.33 -34.60
N VAL D 163 -35.89 2.05 -35.65
CA VAL D 163 -35.38 3.40 -35.49
C VAL D 163 -36.35 4.40 -36.14
N SER D 164 -36.70 5.44 -35.40
CA SER D 164 -37.65 6.43 -35.87
C SER D 164 -36.96 7.77 -36.14
N ASP D 165 -37.53 8.55 -37.04
CA ASP D 165 -36.92 9.79 -37.54
C ASP D 165 -38.07 10.76 -37.88
N GLY D 166 -37.76 12.00 -38.22
CA GLY D 166 -38.79 12.97 -38.57
C GLY D 166 -39.21 13.83 -37.40
N PRO D 167 -39.37 15.15 -37.62
CA PRO D 167 -39.57 16.14 -36.56
C PRO D 167 -40.97 16.13 -35.94
N ASN D 168 -41.95 15.62 -36.68
CA ASN D 168 -43.33 15.61 -36.20
C ASN D 168 -43.99 14.23 -36.30
N VAL D 169 -44.93 13.97 -35.40
CA VAL D 169 -45.57 12.67 -35.33
C VAL D 169 -46.49 12.44 -36.52
N ASN D 170 -46.96 13.52 -37.14
CA ASN D 170 -47.78 13.40 -38.33
C ASN D 170 -46.96 13.18 -39.60
N GLN D 171 -45.64 13.23 -39.47
CA GLN D 171 -44.75 12.94 -40.59
C GLN D 171 -43.53 12.18 -40.12
N SER D 172 -43.78 11.05 -39.45
CA SER D 172 -42.69 10.27 -38.87
C SER D 172 -42.24 9.18 -39.83
N VAL D 173 -40.98 8.76 -39.68
CA VAL D 173 -40.44 7.71 -40.51
C VAL D 173 -39.87 6.62 -39.59
N HIS D 174 -39.99 5.36 -40.01
CA HIS D 174 -39.58 4.25 -39.17
C HIS D 174 -38.90 3.18 -40.00
N ARG D 175 -37.73 2.74 -39.55
CA ARG D 175 -36.94 1.73 -40.24
C ARG D 175 -36.62 0.55 -39.32
N ILE D 176 -36.63 -0.65 -39.90
CA ILE D 176 -36.03 -1.81 -39.24
C ILE D 176 -34.57 -1.85 -39.64
N TYR D 177 -33.69 -1.83 -38.65
CA TYR D 177 -32.26 -1.98 -38.85
C TYR D 177 -31.83 -3.37 -38.37
N GLU D 178 -31.07 -4.07 -39.21
CA GLU D 178 -30.40 -5.32 -38.81
C GLU D 178 -28.92 -5.10 -38.57
N LEU D 179 -28.44 -5.60 -37.43
CA LEU D 179 -27.05 -5.51 -37.05
C LEU D 179 -26.49 -6.91 -36.80
N GLN D 180 -25.21 -7.06 -37.12
CA GLN D 180 -24.43 -8.21 -36.68
C GLN D 180 -23.11 -7.63 -36.22
N ASN D 181 -22.63 -8.06 -35.06
CA ASN D 181 -21.40 -7.51 -34.50
C ASN D 181 -21.50 -5.99 -34.41
N GLY D 182 -22.67 -5.48 -34.07
CA GLY D 182 -22.83 -4.05 -33.91
C GLY D 182 -22.71 -3.25 -35.20
N THR D 183 -22.78 -3.95 -36.32
CA THR D 183 -22.59 -3.35 -37.64
C THR D 183 -23.86 -3.48 -38.48
N VAL D 184 -24.34 -2.36 -39.00
CA VAL D 184 -25.55 -2.39 -39.81
C VAL D 184 -25.33 -3.21 -41.08
N GLN D 185 -26.20 -4.20 -41.28
CA GLN D 185 -26.14 -5.10 -42.43
C GLN D 185 -27.08 -4.65 -43.53
N ARG D 186 -28.24 -4.15 -43.10
CA ARG D 186 -29.27 -3.69 -44.00
C ARG D 186 -30.31 -2.97 -43.15
N TRP D 187 -31.13 -2.15 -43.80
CA TRP D 187 -32.28 -1.56 -43.15
C TRP D 187 -33.42 -1.48 -44.15
N LYS D 188 -34.65 -1.43 -43.63
CA LYS D 188 -35.83 -1.39 -44.50
C LYS D 188 -36.78 -0.34 -43.96
N GLN D 189 -37.19 0.59 -44.81
CA GLN D 189 -38.11 1.63 -44.36
C GLN D 189 -39.53 1.12 -44.46
N LEU D 190 -40.26 1.21 -43.37
CA LEU D 190 -41.61 0.69 -43.33
C LEU D 190 -42.55 1.69 -43.97
N ASN D 191 -43.58 1.17 -44.63
CA ASN D 191 -44.65 2.03 -45.12
C ASN D 191 -45.66 2.25 -43.99
N THR D 192 -45.54 3.39 -43.32
CA THR D 192 -46.36 3.70 -42.17
C THR D 192 -47.27 4.89 -42.47
N THR D 193 -47.54 5.14 -43.74
CA THR D 193 -48.35 6.29 -44.13
C THR D 193 -49.71 6.20 -43.45
N GLY D 194 -50.11 7.29 -42.82
CA GLY D 194 -51.38 7.33 -42.13
C GLY D 194 -51.25 7.08 -40.63
N ILE D 195 -50.11 6.58 -40.19
CA ILE D 195 -49.93 6.31 -38.76
C ILE D 195 -48.60 6.81 -38.21
N ASN D 196 -48.39 6.55 -36.93
CA ASN D 196 -47.15 6.84 -36.22
C ASN D 196 -46.84 5.61 -35.40
N PHE D 197 -45.56 5.25 -35.30
CA PHE D 197 -45.11 3.98 -34.69
C PHE D 197 -43.88 4.21 -33.80
N GLU D 198 -44.10 4.81 -32.62
CA GLU D 198 -43.02 5.09 -31.69
C GLU D 198 -42.90 3.99 -30.63
N TYR D 199 -41.77 3.97 -29.94
CA TYR D 199 -41.60 3.14 -28.74
C TYR D 199 -41.82 1.64 -29.01
N SER D 200 -41.39 1.18 -30.18
CA SER D 200 -41.49 -0.25 -30.48
C SER D 200 -40.99 -1.08 -29.30
N THR D 201 -41.82 -2.04 -28.87
CA THR D 201 -41.37 -3.04 -27.91
C THR D 201 -41.67 -4.39 -28.53
N CYS D 202 -40.66 -5.26 -28.55
CA CYS D 202 -40.71 -6.44 -29.39
C CYS D 202 -40.32 -7.71 -28.65
N TYR D 203 -40.64 -8.85 -29.26
CA TYR D 203 -40.12 -10.13 -28.83
C TYR D 203 -39.99 -11.00 -30.07
N THR D 204 -39.41 -12.18 -29.94
CA THR D 204 -39.30 -13.10 -31.09
C THR D 204 -39.71 -14.53 -30.73
N ILE D 205 -40.14 -15.25 -31.76
CA ILE D 205 -40.33 -16.69 -31.72
C ILE D 205 -40.19 -17.19 -33.17
N ASN D 206 -39.47 -18.29 -33.34
CA ASN D 206 -39.43 -18.99 -34.62
C ASN D 206 -39.12 -18.09 -35.83
N ASN D 207 -38.00 -17.37 -35.75
CA ASN D 207 -37.58 -16.48 -36.84
C ASN D 207 -38.57 -15.36 -37.21
N LEU D 208 -39.61 -15.19 -36.38
CA LEU D 208 -40.51 -14.04 -36.50
C LEU D 208 -40.22 -13.03 -35.38
N ILE D 209 -40.33 -11.74 -35.70
CA ILE D 209 -40.22 -10.71 -34.68
C ILE D 209 -41.56 -9.98 -34.66
N LYS D 210 -42.06 -9.71 -33.46
CA LYS D 210 -43.33 -8.99 -33.31
C LYS D 210 -43.12 -7.80 -32.40
N CYS D 211 -43.62 -6.65 -32.81
CA CYS D 211 -43.48 -5.44 -32.01
C CYS D 211 -44.82 -4.77 -31.85
N THR D 212 -44.98 -4.16 -30.69
CA THR D 212 -46.11 -3.29 -30.42
C THR D 212 -45.59 -1.85 -30.42
N GLY D 213 -46.27 -0.98 -31.15
CA GLY D 213 -45.88 0.41 -31.23
C GLY D 213 -46.83 1.32 -30.47
N THR D 214 -46.48 2.59 -30.41
CA THR D 214 -47.33 3.61 -29.79
C THR D 214 -47.56 4.71 -30.82
N ASN D 215 -48.82 4.92 -31.17
CA ASN D 215 -49.20 6.00 -32.10
C ASN D 215 -49.46 7.27 -31.33
N LEU D 216 -48.54 8.22 -31.42
CA LEU D 216 -48.65 9.50 -30.72
C LEU D 216 -49.44 10.54 -31.51
N TRP D 217 -49.95 10.16 -32.67
CA TRP D 217 -50.59 11.11 -33.58
C TRP D 217 -52.10 10.95 -33.60
N ASN D 218 -52.58 9.83 -34.11
CA ASN D 218 -54.00 9.68 -34.35
C ASN D 218 -54.58 8.32 -34.00
N ASP D 219 -54.04 7.65 -32.99
CA ASP D 219 -54.58 6.33 -32.61
C ASP D 219 -54.46 6.05 -31.10
N ALA D 220 -55.54 5.54 -30.54
CA ALA D 220 -55.55 5.13 -29.13
C ALA D 220 -55.47 3.61 -29.04
N LYS D 221 -55.63 2.94 -30.17
CA LYS D 221 -55.24 1.54 -30.29
C LYS D 221 -53.76 1.55 -30.61
N ARG D 222 -53.10 0.41 -30.41
CA ARG D 222 -51.68 0.31 -30.68
C ARG D 222 -51.43 -0.42 -32.00
N PRO D 223 -50.68 0.21 -32.90
CA PRO D 223 -50.32 -0.51 -34.12
C PRO D 223 -49.38 -1.68 -33.82
N LEU D 224 -49.47 -2.75 -34.59
CA LEU D 224 -48.62 -3.91 -34.40
C LEU D 224 -47.82 -4.17 -35.65
N LEU D 225 -46.59 -4.63 -35.46
CA LEU D 225 -45.70 -4.98 -36.57
C LEU D 225 -45.24 -6.44 -36.45
N ARG D 226 -45.26 -7.16 -37.57
CA ARG D 226 -44.72 -8.51 -37.62
C ARG D 226 -43.72 -8.56 -38.76
N PHE D 227 -42.54 -9.16 -38.52
CA PHE D 227 -41.61 -9.29 -39.62
C PHE D 227 -40.68 -10.49 -39.50
N THR D 228 -40.12 -10.87 -40.63
CA THR D 228 -39.20 -12.00 -40.70
C THR D 228 -37.75 -11.52 -40.61
N LYS D 229 -36.85 -12.45 -40.35
CA LYS D 229 -35.43 -12.14 -40.35
C LYS D 229 -35.02 -11.44 -41.64
N GLU D 230 -35.68 -11.78 -42.75
CA GLU D 230 -35.39 -11.19 -44.06
C GLU D 230 -36.13 -9.85 -44.29
N LEU D 231 -36.77 -9.34 -43.24
CA LEU D 231 -37.40 -8.00 -43.26
C LEU D 231 -38.63 -7.89 -44.16
N ASN D 232 -39.27 -9.02 -44.45
CA ASN D 232 -40.63 -8.98 -44.95
C ASN D 232 -41.54 -8.71 -43.75
N TYR D 233 -42.48 -7.79 -43.89
CA TYR D 233 -43.24 -7.34 -42.73
C TYR D 233 -44.69 -7.02 -43.07
N GLN D 234 -45.52 -6.98 -42.04
CA GLN D 234 -46.86 -6.44 -42.17
C GLN D 234 -47.19 -5.62 -40.93
N ILE D 235 -47.90 -4.51 -41.14
CA ILE D 235 -48.38 -3.70 -40.06
C ILE D 235 -49.87 -3.91 -39.96
N VAL D 236 -50.34 -4.23 -38.76
CA VAL D 236 -51.70 -4.69 -38.57
C VAL D 236 -52.32 -3.92 -37.43
N GLU D 237 -53.65 -3.85 -37.40
CA GLU D 237 -54.36 -3.08 -36.39
C GLU D 237 -55.25 -3.99 -35.56
N PRO D 238 -55.25 -3.80 -34.24
CA PRO D 238 -56.16 -4.60 -33.39
C PRO D 238 -57.62 -4.42 -33.82
N CYS D 239 -58.36 -5.52 -33.89
CA CYS D 239 -59.72 -5.46 -34.43
C CYS D 239 -60.79 -5.59 -33.36
N ASN D 240 -60.41 -5.37 -32.10
CA ASN D 240 -61.37 -5.29 -31.03
C ASN D 240 -61.91 -3.86 -30.91
N GLY D 241 -62.59 -3.57 -29.80
CA GLY D 241 -63.16 -2.25 -29.58
C GLY D 241 -62.67 -1.63 -28.27
N ALA D 242 -61.56 -2.13 -27.77
CA ALA D 242 -61.01 -1.67 -26.51
C ALA D 242 -59.58 -1.19 -26.71
N PRO D 243 -59.39 0.11 -26.90
CA PRO D 243 -58.01 0.59 -27.10
C PRO D 243 -57.18 0.46 -25.82
N THR D 244 -55.86 0.40 -25.98
CA THR D 244 -54.99 0.12 -24.83
C THR D 244 -53.90 1.16 -24.64
N ASP D 245 -53.88 2.18 -25.49
CA ASP D 245 -52.97 3.31 -25.29
C ASP D 245 -53.50 4.16 -24.12
N PHE D 246 -52.66 5.10 -23.66
CA PHE D 246 -53.10 6.14 -22.76
C PHE D 246 -52.48 7.45 -23.21
N PRO D 247 -53.31 8.48 -23.47
CA PRO D 247 -54.77 8.50 -23.27
C PRO D 247 -55.55 7.66 -24.27
N ARG D 248 -56.86 7.61 -24.04
CA ARG D 248 -57.76 6.85 -24.91
C ARG D 248 -59.20 7.20 -24.59
N GLY D 249 -60.11 6.86 -25.49
CA GLY D 249 -61.52 7.03 -25.23
C GLY D 249 -62.06 5.75 -24.63
N GLY D 250 -63.38 5.60 -24.66
CA GLY D 250 -64.02 4.42 -24.10
C GLY D 250 -64.19 3.33 -25.13
N LEU D 251 -64.85 2.25 -24.72
CA LEU D 251 -65.10 1.12 -25.61
C LEU D 251 -65.97 1.52 -26.79
N THR D 252 -65.78 0.83 -27.90
CA THR D 252 -66.57 1.05 -29.09
C THR D 252 -66.91 -0.29 -29.72
N THR D 253 -67.62 -0.26 -30.84
CA THR D 253 -67.91 -1.48 -31.58
C THR D 253 -66.62 -2.04 -32.16
N PRO D 254 -66.43 -3.36 -32.05
CA PRO D 254 -65.25 -4.01 -32.61
C PRO D 254 -65.08 -3.80 -34.11
N SER D 255 -63.88 -3.44 -34.54
CA SER D 255 -63.53 -3.45 -35.95
C SER D 255 -62.05 -3.20 -36.10
N CYS D 256 -61.54 -3.43 -37.31
CA CYS D 256 -60.12 -3.28 -37.58
C CYS D 256 -59.74 -1.83 -37.86
N LYS D 257 -60.64 -0.90 -37.52
CA LYS D 257 -60.39 0.52 -37.73
C LYS D 257 -59.65 1.14 -36.54
N MET D 258 -58.85 2.17 -36.81
CA MET D 258 -58.20 2.92 -35.75
C MET D 258 -59.22 3.57 -34.80
N ALA D 259 -58.75 3.94 -33.61
CA ALA D 259 -59.56 4.66 -32.64
C ALA D 259 -58.96 6.06 -32.46
N GLN D 260 -59.51 7.04 -33.18
CA GLN D 260 -58.89 8.35 -33.22
C GLN D 260 -59.33 9.22 -32.04
N GLU D 261 -60.40 8.82 -31.36
CA GLU D 261 -60.82 9.56 -30.18
C GLU D 261 -59.67 9.54 -29.19
N LYS D 262 -59.17 10.71 -28.84
CA LYS D 262 -58.06 10.83 -27.92
C LYS D 262 -56.86 10.01 -28.43
N GLY D 263 -56.67 10.03 -29.74
CA GLY D 263 -55.60 9.30 -30.39
C GLY D 263 -54.26 9.99 -30.25
N GLU D 264 -54.27 11.30 -30.07
CA GLU D 264 -53.04 12.06 -29.95
C GLU D 264 -52.37 11.81 -28.59
N GLY D 265 -51.04 11.71 -28.61
CA GLY D 265 -50.28 11.31 -27.44
C GLY D 265 -50.34 9.81 -27.22
N GLY D 266 -49.69 9.36 -26.15
CA GLY D 266 -49.65 7.95 -25.82
C GLY D 266 -48.50 7.60 -24.88
N ILE D 267 -48.39 6.32 -24.57
CA ILE D 267 -47.32 5.82 -23.71
C ILE D 267 -46.90 4.43 -24.18
N GLN D 268 -45.62 4.13 -24.07
CA GLN D 268 -45.07 2.86 -24.52
C GLN D 268 -45.82 1.70 -23.86
N GLY D 269 -46.26 0.73 -24.66
CA GLY D 269 -46.98 -0.42 -24.14
C GLY D 269 -46.94 -1.60 -25.10
N PHE D 270 -47.56 -2.71 -24.71
CA PHE D 270 -47.38 -3.95 -25.44
C PHE D 270 -48.66 -4.75 -25.61
N ILE D 271 -48.69 -5.55 -26.66
CA ILE D 271 -49.72 -6.54 -26.88
C ILE D 271 -49.03 -7.83 -27.24
N LEU D 272 -49.35 -8.90 -26.52
CA LEU D 272 -48.81 -10.19 -26.89
C LEU D 272 -49.61 -10.72 -28.10
N ASP D 273 -48.97 -10.71 -29.26
CA ASP D 273 -49.63 -10.95 -30.54
C ASP D 273 -49.54 -12.42 -30.94
N GLU D 274 -50.22 -13.26 -30.17
CA GLU D 274 -50.29 -14.69 -30.45
C GLU D 274 -51.76 -15.10 -30.49
N LYS D 275 -52.02 -16.40 -30.53
CA LYS D 275 -53.36 -16.92 -30.28
C LYS D 275 -53.29 -17.95 -29.16
N PRO D 276 -53.84 -17.63 -27.98
CA PRO D 276 -54.50 -16.39 -27.56
C PRO D 276 -53.58 -15.19 -27.57
N ALA D 277 -54.17 -14.00 -27.61
CA ALA D 277 -53.43 -12.76 -27.51
C ALA D 277 -53.64 -12.21 -26.11
N TRP D 278 -52.73 -11.35 -25.67
CA TRP D 278 -52.94 -10.65 -24.41
C TRP D 278 -52.78 -9.15 -24.64
N THR D 279 -53.77 -8.38 -24.20
CA THR D 279 -53.68 -6.94 -24.20
C THR D 279 -53.38 -6.48 -22.78
N SER D 280 -52.83 -5.28 -22.66
CA SER D 280 -52.53 -4.71 -21.36
C SER D 280 -52.83 -3.23 -21.39
N LYS D 281 -53.31 -2.71 -20.27
CA LYS D 281 -53.69 -1.31 -20.18
C LYS D 281 -53.98 -0.90 -18.75
N THR D 282 -54.04 0.42 -18.52
CA THR D 282 -54.47 0.97 -17.24
C THR D 282 -55.89 0.53 -16.96
N LYS D 283 -56.29 0.52 -15.69
CA LYS D 283 -57.60 -0.02 -15.33
C LYS D 283 -58.75 0.78 -15.94
N ALA D 284 -58.58 2.09 -16.04
CA ALA D 284 -59.63 2.94 -16.62
C ALA D 284 -59.05 4.02 -17.52
N GLU D 285 -59.88 4.54 -18.41
CA GLU D 285 -59.44 5.58 -19.34
C GLU D 285 -59.21 6.91 -18.65
N SER D 286 -59.74 7.06 -17.44
CA SER D 286 -59.73 8.36 -16.76
C SER D 286 -58.36 8.71 -16.17
N SER D 287 -57.60 7.70 -15.75
CA SER D 287 -56.33 7.96 -15.08
C SER D 287 -55.33 6.84 -15.34
N GLN D 288 -54.07 7.13 -15.04
CA GLN D 288 -52.98 6.18 -15.27
C GLN D 288 -52.80 5.31 -14.03
N ASN D 289 -53.89 4.64 -13.64
CA ASN D 289 -53.90 3.83 -12.44
C ASN D 289 -54.23 2.39 -12.75
N GLY D 290 -53.54 1.49 -12.06
CA GLY D 290 -53.76 0.06 -12.23
C GLY D 290 -53.20 -0.45 -13.53
N PHE D 291 -53.30 -1.76 -13.71
CA PHE D 291 -52.81 -2.41 -14.91
C PHE D 291 -53.57 -3.70 -15.07
N VAL D 292 -54.16 -3.89 -16.24
CA VAL D 292 -55.01 -5.05 -16.47
C VAL D 292 -54.56 -5.84 -17.68
N LEU D 293 -54.42 -7.15 -17.49
CA LEU D 293 -54.05 -8.06 -18.57
C LEU D 293 -55.28 -8.86 -19.00
N GLU D 294 -55.59 -8.84 -20.29
CA GLU D 294 -56.76 -9.54 -20.79
C GLU D 294 -56.39 -10.49 -21.91
N GLN D 295 -56.97 -11.69 -21.85
CA GLN D 295 -56.70 -12.73 -22.83
C GLN D 295 -57.78 -12.77 -23.91
N ILE D 296 -57.34 -12.85 -25.16
CA ILE D 296 -58.24 -12.90 -26.30
C ILE D 296 -57.92 -14.16 -27.09
N PRO D 297 -58.64 -15.25 -26.78
CA PRO D 297 -58.37 -16.57 -27.39
C PRO D 297 -58.25 -16.52 -28.90
N ASN D 298 -59.08 -15.74 -29.60
CA ASN D 298 -59.08 -15.77 -31.06
C ASN D 298 -58.02 -14.89 -31.71
N GLY D 299 -57.27 -14.15 -30.90
CA GLY D 299 -56.16 -13.36 -31.40
C GLY D 299 -56.53 -11.91 -31.63
N ILE D 300 -55.51 -11.06 -31.76
CA ILE D 300 -55.71 -9.61 -31.74
C ILE D 300 -56.49 -9.10 -32.96
N GLU D 301 -56.57 -9.90 -34.02
CA GLU D 301 -57.31 -9.51 -35.21
C GLU D 301 -58.74 -10.04 -35.21
N SER D 302 -59.11 -10.72 -34.13
CA SER D 302 -60.48 -11.16 -33.99
C SER D 302 -61.32 -10.02 -33.45
N GLU D 303 -62.58 -10.33 -33.15
CA GLU D 303 -63.53 -9.38 -32.59
C GLU D 303 -63.13 -8.98 -31.16
N GLY D 304 -62.33 -9.83 -30.51
CA GLY D 304 -61.69 -9.44 -29.26
C GLY D 304 -62.37 -9.92 -27.99
N THR D 305 -63.17 -10.97 -28.11
CA THR D 305 -63.83 -11.53 -26.93
C THR D 305 -62.77 -11.95 -25.92
N VAL D 306 -62.92 -11.49 -24.68
CA VAL D 306 -61.96 -11.77 -23.62
C VAL D 306 -62.37 -12.97 -22.78
N SER D 307 -61.39 -13.75 -22.36
CA SER D 307 -61.63 -14.85 -21.43
C SER D 307 -60.95 -14.58 -20.09
N LEU D 308 -59.67 -14.92 -19.97
CA LEU D 308 -58.94 -14.62 -18.74
C LEU D 308 -58.74 -13.12 -18.58
N SER D 309 -58.82 -12.65 -17.34
CA SER D 309 -58.60 -11.25 -17.05
C SER D 309 -57.93 -11.09 -15.68
N TYR D 310 -56.77 -10.44 -15.66
CA TYR D 310 -56.03 -10.21 -14.43
C TYR D 310 -55.85 -8.72 -14.16
N GLU D 311 -56.28 -8.28 -12.99
CA GLU D 311 -56.03 -6.91 -12.54
C GLU D 311 -54.81 -6.95 -11.61
N LEU D 312 -53.63 -6.84 -12.21
CA LEU D 312 -52.37 -6.95 -11.49
C LEU D 312 -52.15 -5.79 -10.54
N PHE D 313 -52.69 -4.63 -10.91
CA PHE D 313 -52.65 -3.46 -10.04
C PHE D 313 -53.98 -2.71 -10.19
N SER D 314 -54.45 -2.11 -9.10
CA SER D 314 -55.71 -1.36 -9.15
C SER D 314 -55.45 0.13 -9.01
N ASN D 315 -54.80 0.51 -7.91
CA ASN D 315 -54.64 1.93 -7.58
C ASN D 315 -53.24 2.48 -7.81
N LYS D 316 -52.22 1.62 -7.86
CA LYS D 316 -50.88 2.12 -8.15
C LYS D 316 -50.87 2.81 -9.52
N ARG D 317 -50.22 3.97 -9.58
CA ARG D 317 -49.99 4.65 -10.83
C ARG D 317 -48.96 3.89 -11.66
N THR D 318 -49.27 3.67 -12.93
CA THR D 318 -48.40 2.87 -13.80
C THR D 318 -47.99 3.72 -15.00
N GLY D 319 -46.91 3.33 -15.66
CA GLY D 319 -46.37 4.09 -16.77
C GLY D 319 -46.07 3.23 -17.97
N ARG D 320 -44.85 3.39 -18.50
CA ARG D 320 -44.38 2.62 -19.65
C ARG D 320 -44.35 1.13 -19.36
N SER D 321 -44.53 0.33 -20.41
CA SER D 321 -44.32 -1.11 -20.27
C SER D 321 -43.82 -1.70 -21.58
N GLY D 322 -43.07 -2.79 -21.50
CA GLY D 322 -42.60 -3.47 -22.69
C GLY D 322 -42.13 -4.89 -22.43
N PHE D 323 -41.78 -5.60 -23.51
CA PHE D 323 -41.38 -6.98 -23.44
C PHE D 323 -39.91 -7.14 -23.10
N PHE D 324 -39.58 -8.26 -22.46
CA PHE D 324 -38.21 -8.76 -22.52
C PHE D 324 -38.25 -10.28 -22.46
N GLN D 325 -37.19 -10.88 -22.98
CA GLN D 325 -37.05 -12.32 -23.02
C GLN D 325 -35.75 -12.71 -22.33
N PRO D 326 -35.86 -13.44 -21.21
CA PRO D 326 -34.69 -13.99 -20.51
C PRO D 326 -33.90 -14.85 -21.50
N LYS D 327 -32.58 -14.65 -21.57
CA LYS D 327 -31.74 -15.27 -22.60
C LYS D 327 -31.03 -16.54 -22.13
N GLY D 328 -31.34 -17.00 -20.93
CA GLY D 328 -30.61 -18.11 -20.37
C GLY D 328 -31.46 -19.36 -20.25
N ASP D 329 -32.66 -19.31 -20.81
CA ASP D 329 -33.62 -20.40 -20.68
C ASP D 329 -33.09 -21.71 -21.24
N LEU D 330 -32.68 -22.60 -20.34
CA LEU D 330 -32.09 -23.87 -20.75
C LEU D 330 -33.08 -25.03 -20.63
N ILE D 331 -34.10 -24.89 -19.78
CA ILE D 331 -35.00 -26.00 -19.50
C ILE D 331 -36.21 -26.04 -20.40
N SER D 332 -36.87 -24.89 -20.58
CA SER D 332 -38.09 -24.83 -21.38
C SER D 332 -37.87 -25.25 -22.84
N GLY D 333 -38.80 -26.05 -23.36
CA GLY D 333 -38.82 -26.37 -24.78
C GLY D 333 -39.51 -25.29 -25.58
N CYS D 334 -40.34 -24.50 -24.90
CA CYS D 334 -41.06 -23.39 -25.53
C CYS D 334 -40.48 -22.05 -25.10
N GLN D 335 -40.83 -21.00 -25.83
CA GLN D 335 -40.28 -19.67 -25.57
C GLN D 335 -41.10 -18.94 -24.49
N ARG D 336 -40.46 -18.55 -23.40
CA ARG D 336 -41.14 -17.76 -22.38
C ARG D 336 -41.24 -16.29 -22.79
N ILE D 337 -42.12 -15.56 -22.12
CA ILE D 337 -42.23 -14.11 -22.35
C ILE D 337 -42.41 -13.42 -21.02
N CYS D 338 -41.80 -12.26 -20.88
CA CYS D 338 -41.95 -11.43 -19.70
C CYS D 338 -42.20 -9.98 -20.13
N PHE D 339 -42.61 -9.15 -19.18
CA PHE D 339 -42.71 -7.72 -19.43
C PHE D 339 -42.22 -6.92 -18.23
N TRP D 340 -41.73 -5.72 -18.53
CA TRP D 340 -41.37 -4.76 -17.49
C TRP D 340 -42.44 -3.67 -17.46
N LEU D 341 -42.51 -2.93 -16.36
CA LEU D 341 -43.61 -2.00 -16.12
C LEU D 341 -43.23 -0.96 -15.09
N GLU D 342 -43.33 0.31 -15.51
CA GLU D 342 -43.08 1.42 -14.59
C GLU D 342 -44.19 1.52 -13.55
N ILE D 343 -43.78 1.51 -12.30
CA ILE D 343 -44.67 1.84 -11.20
C ILE D 343 -44.20 3.17 -10.66
N GLU D 344 -45.14 4.10 -10.50
CA GLU D 344 -44.82 5.45 -10.06
C GLU D 344 -45.09 5.57 -8.57
N ASP D 345 -44.16 6.18 -7.85
CA ASP D 345 -44.32 6.42 -6.42
C ASP D 345 -43.96 7.85 -6.05
N GLN D 346 -44.69 8.39 -5.08
CA GLN D 346 -44.44 9.73 -4.58
C GLN D 346 -43.38 9.70 -3.49
N THR D 347 -42.50 10.68 -3.51
CA THR D 347 -41.46 10.79 -2.50
C THR D 347 -41.60 12.11 -1.74
N VAL D 348 -41.05 12.16 -0.54
CA VAL D 348 -41.20 13.33 0.30
C VAL D 348 -40.55 14.56 -0.31
N GLY D 349 -39.46 14.37 -1.05
CA GLY D 349 -38.68 15.52 -1.47
C GLY D 349 -38.01 15.56 -2.83
N LEU D 350 -38.37 14.69 -3.76
CA LEU D 350 -37.78 14.77 -5.09
C LEU D 350 -38.73 14.31 -6.19
N GLY D 351 -40.01 14.54 -5.95
CA GLY D 351 -41.02 14.32 -6.95
C GLY D 351 -41.45 12.87 -7.04
N MET D 352 -42.17 12.55 -8.11
CA MET D 352 -42.63 11.20 -8.35
C MET D 352 -41.52 10.44 -9.08
N ILE D 353 -41.14 9.29 -8.55
CA ILE D 353 -40.14 8.46 -9.20
C ILE D 353 -40.78 7.26 -9.86
N GLN D 354 -40.07 6.66 -10.81
CA GLN D 354 -40.52 5.45 -11.48
C GLN D 354 -39.58 4.31 -11.11
N GLU D 355 -40.12 3.11 -10.97
CA GLU D 355 -39.30 1.95 -10.68
C GLU D 355 -39.88 0.78 -11.47
N LEU D 356 -39.02 -0.04 -12.07
CA LEU D 356 -39.52 -1.13 -12.90
C LEU D 356 -39.90 -2.33 -12.06
N SER D 357 -41.08 -2.86 -12.35
CA SER D 357 -41.45 -4.19 -11.89
C SER D 357 -41.41 -5.09 -13.10
N THR D 358 -41.16 -6.37 -12.89
CA THR D 358 -41.19 -7.33 -13.98
C THR D 358 -42.14 -8.46 -13.69
N PHE D 359 -42.86 -8.89 -14.72
CA PHE D 359 -43.73 -10.05 -14.65
C PHE D 359 -43.38 -11.02 -15.79
N CYS D 360 -43.54 -12.31 -15.53
CA CYS D 360 -43.34 -13.32 -16.57
C CYS D 360 -44.56 -14.21 -16.69
N GLY D 361 -44.88 -14.61 -17.90
CA GLY D 361 -46.01 -15.49 -18.12
C GLY D 361 -45.71 -16.91 -17.66
N ILE D 362 -46.72 -17.54 -17.07
CA ILE D 362 -46.61 -18.94 -16.66
C ILE D 362 -47.73 -19.75 -17.32
N ASN D 363 -47.54 -21.06 -17.45
CA ASN D 363 -48.45 -21.89 -18.22
C ASN D 363 -49.60 -22.43 -17.38
N SER D 364 -49.82 -21.83 -16.22
CA SER D 364 -50.90 -22.21 -15.34
C SER D 364 -51.54 -20.95 -14.77
N PRO D 365 -52.85 -21.01 -14.46
CA PRO D 365 -53.51 -19.83 -13.87
C PRO D 365 -53.10 -19.61 -12.42
N VAL D 366 -53.25 -18.38 -11.94
CA VAL D 366 -53.14 -18.07 -10.52
C VAL D 366 -54.32 -17.21 -10.18
N GLN D 367 -54.52 -16.97 -8.89
CA GLN D 367 -55.65 -16.16 -8.47
C GLN D 367 -55.41 -14.71 -8.85
N ASN D 368 -56.50 -13.93 -8.86
CA ASN D 368 -56.50 -12.55 -9.30
C ASN D 368 -55.91 -11.60 -8.26
N ILE D 369 -54.63 -11.79 -7.96
CA ILE D 369 -53.95 -11.02 -6.93
C ILE D 369 -53.70 -9.57 -7.36
N ASN D 370 -53.94 -8.64 -6.44
CA ASN D 370 -53.65 -7.23 -6.64
C ASN D 370 -52.34 -6.86 -5.98
N TRP D 371 -51.34 -6.47 -6.78
CA TRP D 371 -50.00 -6.23 -6.26
C TRP D 371 -49.78 -4.80 -5.76
N ASP D 372 -50.85 -4.03 -5.64
CA ASP D 372 -50.78 -2.68 -5.06
C ASP D 372 -50.05 -2.64 -3.72
N SER D 373 -50.29 -3.65 -2.90
CA SER D 373 -49.65 -3.75 -1.60
C SER D 373 -49.24 -5.18 -1.32
N PHE E 7 25.38 -18.39 -25.64
CA PHE E 7 26.69 -18.39 -26.28
C PHE E 7 27.55 -17.18 -25.86
N TYR E 8 27.00 -16.28 -25.06
CA TYR E 8 27.80 -15.14 -24.57
C TYR E 8 28.70 -15.56 -23.43
N TRP E 9 29.92 -15.04 -23.42
CA TRP E 9 30.90 -15.36 -22.40
C TRP E 9 30.51 -14.77 -21.06
N ARG E 10 30.78 -15.52 -20.00
CA ARG E 10 30.89 -14.97 -18.65
C ARG E 10 32.04 -15.66 -17.93
N ALA E 11 32.64 -14.96 -16.98
CA ALA E 11 33.76 -15.48 -16.21
C ALA E 11 33.33 -16.74 -15.47
N LYS E 12 34.31 -17.59 -15.15
CA LYS E 12 34.01 -18.80 -14.40
C LYS E 12 33.65 -18.39 -12.98
N SER E 13 32.96 -19.27 -12.26
CA SER E 13 32.31 -18.90 -11.01
C SER E 13 33.20 -18.16 -10.02
N GLN E 14 34.43 -18.65 -9.84
CA GLN E 14 35.34 -18.05 -8.87
C GLN E 14 36.72 -17.82 -9.49
N MET E 15 37.47 -16.91 -8.89
CA MET E 15 38.81 -16.62 -9.36
C MET E 15 39.80 -17.63 -8.82
N CYS E 16 40.76 -18.03 -9.64
CA CYS E 16 41.80 -18.94 -9.19
C CYS E 16 42.62 -18.27 -8.11
N GLU E 17 43.17 -19.06 -7.21
CA GLU E 17 44.10 -18.54 -6.22
C GLU E 17 45.37 -18.11 -6.93
N VAL E 18 45.97 -17.02 -6.48
CA VAL E 18 47.19 -16.51 -7.10
C VAL E 18 48.34 -16.51 -6.08
N LYS E 19 49.31 -17.38 -6.31
CA LYS E 19 50.49 -17.45 -5.43
C LYS E 19 51.74 -17.01 -6.18
N GLY E 20 51.57 -16.69 -7.46
CA GLY E 20 52.67 -16.21 -8.27
C GLY E 20 52.24 -15.79 -9.66
N TRP E 21 53.20 -15.28 -10.42
CA TRP E 21 52.94 -14.79 -11.75
C TRP E 21 54.04 -15.29 -12.68
N VAL E 22 53.64 -15.88 -13.81
CA VAL E 22 54.62 -16.35 -14.78
C VAL E 22 54.41 -15.70 -16.15
N PRO E 23 55.52 -15.42 -16.84
CA PRO E 23 55.42 -14.79 -18.16
C PRO E 23 54.91 -15.79 -19.20
N THR E 24 53.80 -15.44 -19.84
CA THR E 24 53.30 -16.22 -20.96
C THR E 24 53.82 -15.67 -22.29
N HIS E 25 54.23 -14.40 -22.29
CA HIS E 25 54.82 -13.78 -23.47
C HIS E 25 55.83 -12.71 -23.05
N ARG E 26 57.09 -12.89 -23.43
CA ARG E 26 58.07 -11.83 -23.26
C ARG E 26 57.99 -10.95 -24.49
N GLY E 27 58.12 -9.65 -24.29
CA GLY E 27 58.09 -8.73 -25.41
C GLY E 27 59.25 -9.04 -26.32
N PHE E 28 59.01 -9.00 -27.63
CA PHE E 28 60.08 -9.18 -28.59
C PHE E 28 61.32 -8.39 -28.15
N PRO E 29 62.51 -9.03 -28.20
CA PRO E 29 63.67 -8.43 -27.52
C PRO E 29 64.41 -7.37 -28.34
N TRP E 30 63.67 -6.48 -28.99
CA TRP E 30 64.29 -5.46 -29.84
C TRP E 30 65.08 -4.46 -28.99
N GLY E 31 66.08 -3.83 -29.61
CA GLY E 31 66.91 -2.85 -28.92
C GLY E 31 68.31 -3.38 -28.70
N PRO E 32 69.33 -2.58 -29.08
CA PRO E 32 69.26 -1.24 -29.65
C PRO E 32 68.77 -1.19 -31.11
N GLU E 33 68.89 -2.30 -31.82
CA GLU E 33 68.38 -2.37 -33.19
C GLU E 33 67.08 -3.15 -33.24
N LEU E 34 66.28 -2.84 -34.25
CA LEU E 34 65.06 -3.58 -34.52
C LEU E 34 64.93 -3.70 -36.03
N PRO E 35 64.18 -4.71 -36.50
CA PRO E 35 64.06 -4.93 -37.93
C PRO E 35 63.18 -3.87 -38.60
N GLY E 36 63.30 -3.74 -39.91
CA GLY E 36 62.47 -2.79 -40.64
C GLY E 36 61.06 -3.30 -40.82
N ASP E 37 60.16 -2.39 -41.17
CA ASP E 37 58.77 -2.72 -41.45
C ASP E 37 58.02 -3.22 -40.21
N LEU E 38 58.52 -2.84 -39.04
CA LEU E 38 57.80 -3.07 -37.79
C LEU E 38 56.87 -1.89 -37.56
N ILE E 39 55.62 -2.15 -37.18
CA ILE E 39 54.71 -1.08 -36.81
C ILE E 39 54.92 -0.72 -35.34
N LEU E 40 55.39 0.51 -35.07
CA LEU E 40 55.66 0.95 -33.71
C LEU E 40 54.34 1.29 -33.01
N SER E 41 54.20 0.91 -31.75
CA SER E 41 52.90 1.00 -31.10
C SER E 41 52.91 1.80 -29.81
N ARG E 42 51.78 2.44 -29.52
CA ARG E 42 51.56 2.97 -28.18
C ARG E 42 50.14 2.71 -27.72
N ARG E 43 49.92 2.91 -26.42
CA ARG E 43 48.61 2.66 -25.81
C ARG E 43 48.11 1.24 -26.12
N ALA E 44 49.03 0.29 -26.09
CA ALA E 44 48.70 -1.11 -26.40
C ALA E 44 48.12 -1.82 -25.19
N TYR E 45 47.31 -2.83 -25.46
CA TYR E 45 46.76 -3.67 -24.42
C TYR E 45 46.42 -5.00 -25.07
N VAL E 46 45.97 -5.95 -24.25
CA VAL E 46 45.67 -7.29 -24.72
C VAL E 46 44.23 -7.64 -24.45
N SER E 47 43.62 -8.39 -25.37
CA SER E 47 42.27 -8.89 -25.16
C SER E 47 42.12 -10.18 -25.96
N CYS E 48 41.23 -11.07 -25.55
CA CYS E 48 41.21 -12.41 -26.11
C CYS E 48 39.82 -12.78 -26.58
N ASP E 49 39.76 -13.57 -27.65
CA ASP E 49 38.53 -14.25 -28.00
C ASP E 49 38.53 -15.60 -27.28
N LEU E 50 37.67 -16.53 -27.69
CA LEU E 50 37.55 -17.81 -27.00
C LEU E 50 38.67 -18.79 -27.33
N THR E 51 39.57 -18.38 -28.21
CA THR E 51 40.64 -19.26 -28.64
C THR E 51 42.03 -18.70 -28.33
N SER E 52 42.27 -17.45 -28.70
CA SER E 52 43.60 -16.85 -28.56
C SER E 52 43.52 -15.37 -28.19
N CYS E 53 44.68 -14.76 -28.02
CA CYS E 53 44.78 -13.38 -27.56
C CYS E 53 45.45 -12.47 -28.58
N PHE E 54 45.13 -11.18 -28.50
CA PHE E 54 45.59 -10.18 -29.46
C PHE E 54 46.14 -8.92 -28.78
N LYS E 55 47.15 -8.32 -29.42
CA LYS E 55 47.61 -7.00 -29.02
C LYS E 55 46.82 -5.96 -29.81
N PHE E 56 46.12 -5.08 -29.10
CA PHE E 56 45.45 -3.93 -29.72
C PHE E 56 46.30 -2.71 -29.42
N PHE E 57 46.45 -1.82 -30.40
CA PHE E 57 47.36 -0.71 -30.20
C PHE E 57 47.15 0.39 -31.21
N ILE E 58 47.62 1.58 -30.85
CA ILE E 58 47.63 2.71 -31.75
C ILE E 58 48.98 2.81 -32.44
N ALA E 59 48.99 2.75 -33.77
CA ALA E 59 50.24 2.82 -34.51
C ALA E 59 50.73 4.26 -34.61
N TYR E 60 52.04 4.46 -34.49
CA TYR E 60 52.61 5.80 -34.64
C TYR E 60 53.79 5.86 -35.60
N GLY E 61 54.17 4.74 -36.19
CA GLY E 61 55.27 4.77 -37.13
C GLY E 61 55.73 3.42 -37.61
N LEU E 62 56.71 3.45 -38.52
CA LEU E 62 57.21 2.26 -39.15
C LEU E 62 58.71 2.37 -39.15
N SER E 63 59.40 1.34 -38.71
CA SER E 63 60.85 1.32 -38.73
C SER E 63 61.39 1.11 -40.16
N ALA E 64 62.51 1.76 -40.47
CA ALA E 64 63.32 1.41 -41.64
C ALA E 64 64.79 1.74 -41.35
N ASN E 65 65.66 0.75 -41.54
CA ASN E 65 67.10 0.93 -41.30
C ASN E 65 67.38 1.65 -39.98
N GLN E 66 66.66 1.23 -38.93
CA GLN E 66 66.84 1.77 -37.59
C GLN E 66 66.19 3.14 -37.41
N HIS E 67 65.69 3.72 -38.49
CA HIS E 67 65.10 5.06 -38.44
C HIS E 67 63.60 4.97 -38.64
N LEU E 68 62.88 6.00 -38.20
CA LEU E 68 61.47 6.13 -38.52
C LEU E 68 61.31 6.53 -39.98
N LEU E 69 60.59 5.73 -40.75
CA LEU E 69 60.21 6.13 -42.10
C LEU E 69 59.49 7.48 -42.00
N ASN E 70 59.76 8.38 -42.94
CA ASN E 70 59.11 9.70 -42.93
C ASN E 70 57.69 9.62 -43.46
N THR E 71 56.72 9.52 -42.56
CA THR E 71 55.33 9.35 -42.91
C THR E 71 54.46 10.21 -42.00
N SER E 72 53.15 10.11 -42.19
CA SER E 72 52.21 10.87 -41.37
C SER E 72 51.59 10.03 -40.26
N MET E 73 52.17 8.87 -39.97
CA MET E 73 51.56 7.90 -39.04
C MET E 73 51.47 8.43 -37.60
N GLU E 74 52.41 9.27 -37.20
CA GLU E 74 52.41 9.79 -35.81
C GLU E 74 51.18 10.64 -35.50
N TRP E 75 50.70 11.41 -36.46
CA TRP E 75 49.55 12.28 -36.22
C TRP E 75 48.25 11.82 -36.90
N GLU E 76 48.34 10.84 -37.80
CA GLU E 76 47.12 10.19 -38.32
C GLU E 76 46.97 8.83 -37.66
N GLU E 77 46.31 8.82 -36.51
CA GLU E 77 46.35 7.66 -35.63
C GLU E 77 45.25 6.65 -35.88
N SER E 78 45.64 5.39 -35.99
CA SER E 78 44.66 4.31 -36.14
C SER E 78 44.98 3.15 -35.22
N LEU E 79 43.92 2.49 -34.77
CA LEU E 79 43.97 1.28 -33.99
C LEU E 79 44.22 0.07 -34.88
N TYR E 80 45.18 -0.76 -34.47
CA TYR E 80 45.50 -2.02 -35.14
C TYR E 80 45.42 -3.18 -34.14
N LYS E 81 45.46 -4.40 -34.69
CA LYS E 81 45.38 -5.62 -33.91
C LYS E 81 46.39 -6.62 -34.47
N THR E 82 47.20 -7.22 -33.60
CA THR E 82 48.14 -8.26 -33.99
C THR E 82 47.95 -9.49 -33.10
N PRO E 83 48.00 -10.69 -33.67
CA PRO E 83 48.01 -11.88 -32.79
C PRO E 83 49.18 -11.79 -31.83
N ILE E 84 48.97 -12.12 -30.57
CA ILE E 84 50.00 -11.85 -29.54
C ILE E 84 51.34 -12.54 -29.84
N GLY E 85 51.30 -13.71 -30.45
CA GLY E 85 52.52 -14.44 -30.76
C GLY E 85 53.27 -13.97 -31.99
N SER E 86 52.77 -12.93 -32.65
CA SER E 86 53.47 -12.36 -33.80
C SER E 86 53.99 -10.94 -33.53
N ALA E 87 55.12 -10.59 -34.12
CA ALA E 87 55.58 -9.21 -34.17
C ALA E 87 54.61 -8.41 -35.07
N SER E 88 54.45 -7.13 -34.78
CA SER E 88 53.51 -6.31 -35.53
C SER E 88 54.19 -5.78 -36.79
N THR E 89 53.79 -6.33 -37.93
CA THR E 89 54.33 -5.94 -39.22
C THR E 89 53.16 -5.71 -40.17
N LEU E 90 53.46 -5.16 -41.34
CA LEU E 90 52.43 -4.91 -42.35
C LEU E 90 51.69 -6.19 -42.78
N SER E 91 52.37 -7.34 -42.68
CA SER E 91 51.76 -8.60 -43.09
C SER E 91 50.96 -9.27 -41.96
N THR E 92 51.31 -8.98 -40.71
CA THR E 92 50.69 -9.67 -39.59
C THR E 92 49.63 -8.85 -38.84
N SER E 93 49.61 -7.54 -39.04
CA SER E 93 48.69 -6.67 -38.29
C SER E 93 47.56 -6.13 -39.18
N GLU E 94 46.41 -5.93 -38.55
CA GLU E 94 45.22 -5.48 -39.24
C GLU E 94 44.81 -4.10 -38.74
N MET E 95 44.61 -3.16 -39.66
CA MET E 95 44.07 -1.85 -39.28
C MET E 95 42.58 -2.00 -39.01
N ILE E 96 42.13 -1.51 -37.85
CA ILE E 96 40.75 -1.74 -37.43
C ILE E 96 39.87 -0.50 -37.60
N LEU E 97 40.28 0.60 -37.00
CA LEU E 97 39.56 1.87 -37.07
C LEU E 97 40.53 3.01 -36.79
N PRO E 98 40.21 4.21 -37.29
CA PRO E 98 40.95 5.39 -36.82
C PRO E 98 40.63 5.64 -35.35
N GLY E 99 41.62 6.08 -34.59
CA GLY E 99 41.39 6.37 -33.19
C GLY E 99 42.67 6.78 -32.48
N ARG E 100 42.51 7.58 -31.43
CA ARG E 100 43.62 8.07 -30.63
C ARG E 100 43.70 7.30 -29.31
N SER E 101 42.56 6.81 -28.85
CA SER E 101 42.50 5.91 -27.70
C SER E 101 41.41 4.91 -27.97
N SER E 102 41.38 3.79 -27.26
CA SER E 102 40.44 2.74 -27.62
C SER E 102 40.16 1.79 -26.48
N SER E 103 39.19 0.91 -26.70
CA SER E 103 38.97 -0.23 -25.87
C SER E 103 38.32 -1.32 -26.73
N ALA E 104 38.55 -2.58 -26.39
CA ALA E 104 38.02 -3.69 -27.17
C ALA E 104 37.73 -4.87 -26.25
N CYS E 105 36.75 -5.67 -26.62
CA CYS E 105 36.41 -6.83 -25.85
C CYS E 105 35.50 -7.78 -26.65
N PHE E 106 35.74 -9.06 -26.44
CA PHE E 106 35.02 -10.09 -27.16
C PHE E 106 33.96 -10.64 -26.23
N ASP E 107 32.71 -10.70 -26.70
CA ASP E 107 31.60 -11.11 -25.83
C ASP E 107 31.20 -12.58 -25.95
N GLY E 108 31.94 -13.34 -26.73
CA GLY E 108 31.62 -14.75 -26.95
C GLY E 108 31.27 -14.98 -28.42
N LEU E 109 30.68 -13.95 -29.03
CA LEU E 109 30.25 -13.99 -30.42
C LEU E 109 31.04 -13.04 -31.32
N LYS E 110 31.16 -11.78 -30.92
CA LYS E 110 31.85 -10.78 -31.75
C LYS E 110 32.69 -9.80 -30.92
N TRP E 111 33.67 -9.19 -31.57
CA TRP E 111 34.40 -8.09 -30.97
C TRP E 111 33.57 -6.81 -30.92
N THR E 112 33.50 -6.22 -29.74
CA THR E 112 33.10 -4.82 -29.59
C THR E 112 34.37 -3.99 -29.55
N VAL E 113 34.43 -2.99 -30.42
CA VAL E 113 35.59 -2.09 -30.48
C VAL E 113 35.10 -0.63 -30.37
N LEU E 114 35.70 0.15 -29.47
CA LEU E 114 35.43 1.59 -29.37
C LEU E 114 36.70 2.41 -29.63
N VAL E 115 36.53 3.50 -30.37
CA VAL E 115 37.63 4.42 -30.62
C VAL E 115 37.21 5.85 -30.43
N ALA E 116 38.15 6.70 -30.01
CA ALA E 116 37.88 8.12 -29.84
C ALA E 116 38.68 8.92 -30.85
N ASN E 117 38.03 9.91 -31.45
CA ASN E 117 38.64 10.77 -32.44
C ASN E 117 38.20 12.23 -32.26
N GLY E 118 38.97 13.14 -32.85
CA GLY E 118 38.63 14.55 -32.84
C GLY E 118 39.31 15.30 -31.72
N ARG E 119 39.37 16.62 -31.88
CA ARG E 119 40.03 17.48 -30.90
C ARG E 119 39.00 18.12 -29.97
N ASP E 120 39.31 18.11 -28.67
CA ASP E 120 38.45 18.72 -27.65
C ASP E 120 36.95 18.61 -27.95
N ARG E 121 36.29 19.71 -28.30
CA ARG E 121 34.83 19.68 -28.41
C ARG E 121 34.33 18.88 -29.62
N ASN E 122 35.20 18.66 -30.59
CA ASN E 122 34.83 17.85 -31.75
C ASN E 122 35.00 16.36 -31.49
N SER E 123 35.46 16.01 -30.30
CA SER E 123 35.78 14.62 -30.01
C SER E 123 34.50 13.78 -30.02
N PHE E 124 34.58 12.58 -30.58
CA PHE E 124 33.46 11.65 -30.50
C PHE E 124 33.98 10.22 -30.45
N ILE E 125 33.12 9.31 -30.01
CA ILE E 125 33.47 7.91 -29.98
C ILE E 125 32.65 7.16 -31.00
N MET E 126 33.26 6.21 -31.69
CA MET E 126 32.45 5.27 -32.47
C MET E 126 32.68 3.84 -32.01
N ILE E 127 31.69 3.00 -32.26
CA ILE E 127 31.70 1.63 -31.80
C ILE E 127 31.45 0.71 -32.97
N LYS E 128 32.28 -0.32 -33.11
CA LYS E 128 32.05 -1.39 -34.07
C LYS E 128 31.65 -2.66 -33.34
N TYR E 129 30.66 -3.36 -33.85
CA TYR E 129 30.39 -4.72 -33.41
C TYR E 129 30.60 -5.67 -34.58
N GLY E 130 31.54 -6.60 -34.46
CA GLY E 130 31.99 -7.33 -35.63
C GLY E 130 32.56 -6.35 -36.65
N GLU E 131 32.12 -6.43 -37.90
CA GLU E 131 32.64 -5.54 -38.93
C GLU E 131 31.68 -4.38 -39.19
N GLU E 132 30.80 -4.13 -38.22
CA GLU E 132 29.71 -3.17 -38.40
C GLU E 132 29.81 -2.02 -37.40
N VAL E 133 29.91 -0.79 -37.87
CA VAL E 133 29.76 0.38 -37.00
C VAL E 133 28.32 0.46 -36.51
N THR E 134 28.15 0.45 -35.19
CA THR E 134 26.85 0.28 -34.58
C THR E 134 26.39 1.50 -33.76
N ASP E 135 27.31 2.37 -33.39
CA ASP E 135 26.91 3.52 -32.58
C ASP E 135 27.99 4.60 -32.53
N THR E 136 27.57 5.81 -32.18
CA THR E 136 28.49 6.91 -31.95
C THR E 136 27.91 7.79 -30.85
N PHE E 137 28.77 8.56 -30.19
CA PHE E 137 28.31 9.61 -29.29
C PHE E 137 29.40 10.66 -29.12
N SER E 138 28.99 11.91 -28.86
CA SER E 138 29.94 13.03 -28.84
C SER E 138 30.27 13.48 -27.42
N ALA E 139 31.31 14.30 -27.29
CA ALA E 139 31.70 14.81 -25.99
C ALA E 139 30.56 15.66 -25.40
N SER E 140 30.43 15.63 -24.08
CA SER E 140 29.38 16.38 -23.42
C SER E 140 29.94 17.42 -22.45
N ARG E 141 31.20 17.24 -22.04
CA ARG E 141 31.83 18.16 -21.09
C ARG E 141 33.07 18.80 -21.66
N GLY E 142 33.06 19.06 -22.97
CA GLY E 142 34.13 19.83 -23.59
C GLY E 142 35.18 18.98 -24.28
N GLY E 143 35.18 17.68 -24.00
CA GLY E 143 36.16 16.80 -24.60
C GLY E 143 37.58 17.05 -24.09
N PRO E 144 38.53 16.24 -24.57
CA PRO E 144 38.24 15.15 -25.51
C PRO E 144 37.64 13.96 -24.77
N LEU E 145 36.81 13.17 -25.45
CA LEU E 145 36.44 11.86 -24.91
C LEU E 145 37.68 10.97 -24.91
N ARG E 146 37.81 10.17 -23.86
CA ARG E 146 39.01 9.35 -23.67
C ARG E 146 38.63 7.93 -23.24
N LEU E 147 39.01 6.95 -24.06
CA LEU E 147 38.87 5.55 -23.71
C LEU E 147 40.11 5.03 -22.96
N PRO E 148 39.95 3.96 -22.20
CA PRO E 148 40.97 3.54 -21.23
C PRO E 148 42.19 2.81 -21.77
N ASN E 149 42.19 2.41 -23.04
CA ASN E 149 43.33 1.66 -23.58
C ASN E 149 43.59 0.41 -22.73
N SER E 150 42.51 -0.29 -22.40
CA SER E 150 42.55 -1.59 -21.75
C SER E 150 41.27 -2.28 -22.19
N GLU E 151 41.17 -3.60 -22.08
CA GLU E 151 39.97 -4.25 -22.58
C GLU E 151 38.72 -3.83 -21.84
N CYS E 152 37.60 -3.75 -22.55
CA CYS E 152 36.33 -3.56 -21.90
C CYS E 152 35.89 -4.89 -21.35
N ILE E 153 34.80 -4.90 -20.60
CA ILE E 153 34.42 -6.05 -19.80
C ILE E 153 33.05 -6.57 -20.20
N CYS E 154 33.00 -7.80 -20.68
CA CYS E 154 31.74 -8.38 -21.15
C CYS E 154 31.22 -9.40 -20.13
N ILE E 155 29.91 -9.35 -19.91
CA ILE E 155 29.20 -10.27 -19.02
C ILE E 155 27.87 -10.60 -19.65
N GLU E 156 27.72 -11.85 -20.07
CA GLU E 156 26.49 -12.33 -20.67
C GLU E 156 25.96 -11.39 -21.76
N GLY E 157 26.84 -10.88 -22.61
CA GLY E 157 26.39 -10.10 -23.76
C GLY E 157 26.32 -8.61 -23.51
N SER E 158 26.54 -8.19 -22.27
CA SER E 158 26.65 -6.77 -21.97
C SER E 158 28.09 -6.43 -21.74
N CYS E 159 28.57 -5.41 -22.44
CA CYS E 159 29.95 -5.00 -22.32
C CYS E 159 30.04 -3.60 -21.70
N PHE E 160 30.95 -3.44 -20.74
CA PHE E 160 31.07 -2.20 -19.98
C PHE E 160 32.44 -1.56 -20.15
N VAL E 161 32.47 -0.22 -20.21
CA VAL E 161 33.70 0.52 -20.40
C VAL E 161 33.59 1.88 -19.73
N ILE E 162 34.69 2.35 -19.18
CA ILE E 162 34.74 3.67 -18.55
C ILE E 162 35.20 4.69 -19.57
N VAL E 163 34.38 5.71 -19.78
CA VAL E 163 34.69 6.78 -20.71
C VAL E 163 34.89 8.09 -19.94
N SER E 164 35.99 8.79 -20.23
CA SER E 164 36.30 10.01 -19.53
C SER E 164 36.16 11.25 -20.43
N ASP E 165 35.83 12.38 -19.81
CA ASP E 165 35.59 13.62 -20.53
C ASP E 165 36.16 14.80 -19.72
N GLY E 166 36.15 15.99 -20.31
CA GLY E 166 36.62 17.18 -19.62
C GLY E 166 38.04 17.52 -20.03
N PRO E 167 38.33 18.82 -20.22
CA PRO E 167 39.64 19.25 -20.70
C PRO E 167 40.76 19.20 -19.66
N ASN E 168 40.42 19.15 -18.38
CA ASN E 168 41.45 19.18 -17.34
C ASN E 168 41.24 18.06 -16.33
N VAL E 169 42.35 17.53 -15.81
CA VAL E 169 42.27 16.45 -14.83
C VAL E 169 41.71 16.93 -13.49
N ASN E 170 41.76 18.25 -13.24
CA ASN E 170 41.18 18.79 -12.00
C ASN E 170 39.66 18.98 -12.10
N GLN E 171 39.11 18.74 -13.28
CA GLN E 171 37.66 18.77 -13.46
C GLN E 171 37.20 17.72 -14.48
N SER E 172 37.60 16.47 -14.24
CA SER E 172 37.29 15.41 -15.19
C SER E 172 35.95 14.77 -14.85
N VAL E 173 35.36 14.12 -15.84
CA VAL E 173 34.11 13.42 -15.66
C VAL E 173 34.29 12.00 -16.15
N HIS E 174 33.61 11.07 -15.49
CA HIS E 174 33.82 9.66 -15.81
C HIS E 174 32.49 8.94 -15.80
N ARG E 175 32.23 8.20 -16.88
CA ARG E 175 30.98 7.46 -17.04
C ARG E 175 31.25 5.99 -17.32
N ILE E 176 30.39 5.14 -16.76
CA ILE E 176 30.30 3.76 -17.14
C ILE E 176 29.26 3.67 -18.25
N TYR E 177 29.66 3.15 -19.40
CA TYR E 177 28.76 2.89 -20.52
C TYR E 177 28.51 1.38 -20.64
N GLU E 178 27.25 0.98 -20.77
CA GLU E 178 26.91 -0.40 -21.07
C GLU E 178 26.51 -0.56 -22.53
N LEU E 179 27.13 -1.53 -23.20
CA LEU E 179 26.86 -1.83 -24.58
C LEU E 179 26.29 -3.24 -24.73
N GLN E 180 25.40 -3.40 -25.70
CA GLN E 180 25.01 -4.71 -26.19
C GLN E 180 24.97 -4.60 -27.70
N ASN E 181 25.56 -5.57 -28.39
CA ASN E 181 25.66 -5.52 -29.84
C ASN E 181 26.25 -4.20 -30.29
N GLY E 182 27.20 -3.68 -29.54
CA GLY E 182 27.86 -2.45 -29.94
C GLY E 182 26.99 -1.23 -29.79
N THR E 183 25.91 -1.36 -29.01
CA THR E 183 24.89 -0.33 -28.93
C THR E 183 24.70 0.12 -27.48
N VAL E 184 24.89 1.43 -27.24
CA VAL E 184 24.77 1.96 -25.89
C VAL E 184 23.37 1.72 -25.39
N GLN E 185 23.28 1.01 -24.27
CA GLN E 185 22.01 0.70 -23.60
C GLN E 185 21.71 1.75 -22.52
N ARG E 186 22.78 2.17 -21.84
CA ARG E 186 22.68 3.12 -20.75
C ARG E 186 24.08 3.58 -20.38
N TRP E 187 24.14 4.70 -19.68
CA TRP E 187 25.39 5.15 -19.09
C TRP E 187 25.11 5.74 -17.72
N LYS E 188 26.15 5.81 -16.89
CA LYS E 188 26.00 6.33 -15.54
C LYS E 188 27.21 7.20 -15.21
N GLN E 189 26.98 8.47 -14.89
CA GLN E 189 28.10 9.33 -14.53
C GLN E 189 28.47 9.06 -13.09
N LEU E 190 29.75 8.82 -12.84
CA LEU E 190 30.21 8.47 -11.51
C LEU E 190 30.43 9.75 -10.72
N ASN E 191 30.20 9.68 -9.41
CA ASN E 191 30.59 10.76 -8.52
C ASN E 191 32.06 10.63 -8.17
N THR E 192 32.89 11.38 -8.88
CA THR E 192 34.34 11.33 -8.68
C THR E 192 34.82 12.66 -8.10
N THR E 193 33.93 13.34 -7.38
CA THR E 193 34.23 14.66 -6.83
C THR E 193 35.49 14.59 -6.00
N GLY E 194 36.48 15.41 -6.34
CA GLY E 194 37.71 15.46 -5.56
C GLY E 194 38.81 14.56 -6.09
N ILE E 195 38.53 13.74 -7.10
CA ILE E 195 39.55 12.87 -7.65
C ILE E 195 39.55 12.93 -9.17
N ASN E 196 40.43 12.12 -9.76
CA ASN E 196 40.54 11.95 -11.20
C ASN E 196 40.75 10.46 -11.42
N PHE E 197 40.10 9.92 -12.46
CA PHE E 197 40.05 8.47 -12.68
C PHE E 197 40.29 8.10 -14.16
N GLU E 198 41.54 8.26 -14.61
CA GLU E 198 41.89 7.95 -15.99
C GLU E 198 42.40 6.52 -16.14
N TYR E 199 42.43 6.04 -17.38
CA TYR E 199 43.12 4.79 -17.71
C TYR E 199 42.57 3.56 -16.97
N SER E 200 41.26 3.47 -16.81
CA SER E 200 40.66 2.33 -16.13
C SER E 200 41.15 1.02 -16.71
N THR E 201 41.60 0.11 -15.85
CA THR E 201 41.89 -1.24 -16.28
C THR E 201 41.10 -2.16 -15.36
N CYS E 202 40.34 -3.06 -15.98
CA CYS E 202 39.25 -3.78 -15.32
C CYS E 202 39.32 -5.28 -15.55
N TYR E 203 38.65 -6.02 -14.66
CA TYR E 203 38.37 -7.44 -14.86
C TYR E 203 37.02 -7.72 -14.25
N THR E 204 36.48 -8.90 -14.50
CA THR E 204 35.19 -9.26 -13.91
C THR E 204 35.26 -10.61 -13.19
N ILE E 205 34.51 -10.71 -12.10
CA ILE E 205 34.35 -11.99 -11.43
C ILE E 205 33.03 -11.98 -10.68
N ASN E 206 32.29 -13.09 -10.83
CA ASN E 206 30.91 -13.22 -10.34
C ASN E 206 30.09 -11.93 -10.37
N ASN E 207 29.74 -11.50 -11.58
CA ASN E 207 28.74 -10.44 -11.75
C ASN E 207 29.17 -9.04 -11.28
N LEU E 208 30.42 -8.94 -10.82
CA LEU E 208 31.02 -7.68 -10.47
C LEU E 208 32.13 -7.29 -11.46
N ILE E 209 32.27 -5.99 -11.66
CA ILE E 209 33.37 -5.44 -12.43
C ILE E 209 34.26 -4.65 -11.47
N LYS E 210 35.55 -4.87 -11.54
CA LYS E 210 36.49 -4.15 -10.70
C LYS E 210 37.53 -3.47 -11.58
N CYS E 211 37.73 -2.18 -11.38
CA CYS E 211 38.71 -1.41 -12.15
C CYS E 211 39.68 -0.65 -11.24
N THR E 212 40.91 -0.55 -11.71
CA THR E 212 41.92 0.31 -11.13
C THR E 212 42.11 1.54 -12.01
N GLY E 213 42.13 2.71 -11.38
CA GLY E 213 42.32 3.96 -12.08
C GLY E 213 43.68 4.56 -11.84
N THR E 214 43.96 5.63 -12.57
CA THR E 214 45.14 6.43 -12.36
C THR E 214 44.67 7.85 -12.13
N ASN E 215 44.98 8.38 -10.97
CA ASN E 215 44.64 9.76 -10.65
C ASN E 215 45.78 10.64 -11.12
N LEU E 216 45.55 11.40 -12.19
CA LEU E 216 46.60 12.23 -12.77
C LEU E 216 46.70 13.58 -12.07
N TRP E 217 45.83 13.80 -11.11
CA TRP E 217 45.62 15.13 -10.54
C TRP E 217 46.30 15.30 -9.18
N ASN E 218 45.91 14.46 -8.23
CA ASN E 218 46.21 14.71 -6.83
C ASN E 218 46.26 13.44 -5.99
N ASP E 219 46.73 12.34 -6.56
CA ASP E 219 46.91 11.12 -5.79
C ASP E 219 48.01 10.24 -6.41
N ALA E 220 48.89 9.75 -5.55
CA ALA E 220 49.93 8.79 -5.93
C ALA E 220 49.50 7.38 -5.57
N LYS E 221 48.42 7.27 -4.80
CA LYS E 221 47.70 6.00 -4.68
C LYS E 221 46.73 5.86 -5.86
N ARG E 222 46.33 4.64 -6.18
CA ARG E 222 45.43 4.42 -7.30
C ARG E 222 44.00 4.27 -6.79
N PRO E 223 43.08 5.11 -7.28
CA PRO E 223 41.68 4.88 -6.93
C PRO E 223 41.14 3.57 -7.53
N LEU E 224 40.18 2.97 -6.84
CA LEU E 224 39.58 1.70 -7.26
C LEU E 224 38.10 1.88 -7.47
N LEU E 225 37.55 1.17 -8.43
CA LEU E 225 36.14 1.21 -8.72
C LEU E 225 35.59 -0.20 -8.68
N ARG E 226 34.44 -0.37 -8.04
CA ARG E 226 33.72 -1.65 -8.04
C ARG E 226 32.30 -1.41 -8.47
N PHE E 227 31.81 -2.16 -9.45
CA PHE E 227 30.43 -1.97 -9.87
C PHE E 227 29.75 -3.24 -10.35
N THR E 228 28.43 -3.22 -10.36
CA THR E 228 27.62 -4.36 -10.78
C THR E 228 27.07 -4.12 -12.16
N LYS E 229 26.41 -5.13 -12.72
CA LYS E 229 25.78 -5.01 -14.04
C LYS E 229 24.70 -3.95 -14.00
N GLU E 230 24.12 -3.75 -12.82
CA GLU E 230 23.07 -2.74 -12.66
C GLU E 230 23.64 -1.34 -12.49
N LEU E 231 24.97 -1.24 -12.47
CA LEU E 231 25.65 0.04 -12.36
C LEU E 231 25.55 0.70 -10.97
N ASN E 232 25.24 -0.08 -9.94
CA ASN E 232 25.55 0.35 -8.58
C ASN E 232 27.07 0.30 -8.43
N TYR E 233 27.66 1.21 -7.69
CA TYR E 233 29.10 1.27 -7.63
C TYR E 233 29.63 1.88 -6.34
N GLN E 234 30.88 1.57 -6.03
CA GLN E 234 31.65 2.32 -5.06
C GLN E 234 33.05 2.58 -5.58
N ILE E 235 33.56 3.75 -5.24
CA ILE E 235 34.95 4.08 -5.47
C ILE E 235 35.63 4.08 -4.11
N VAL E 236 36.76 3.38 -4.03
CA VAL E 236 37.45 3.13 -2.77
C VAL E 236 38.93 3.51 -2.89
N GLU E 237 39.56 3.78 -1.76
CA GLU E 237 40.95 4.20 -1.74
C GLU E 237 41.76 3.09 -1.06
N PRO E 238 42.94 2.78 -1.60
CA PRO E 238 43.77 1.80 -0.88
C PRO E 238 44.10 2.31 0.53
N CYS E 239 44.05 1.42 1.52
CA CYS E 239 44.27 1.82 2.91
C CYS E 239 45.67 1.46 3.42
N ASN E 240 46.56 1.01 2.55
CA ASN E 240 47.93 0.75 2.97
C ASN E 240 48.70 2.05 2.92
N GLY E 241 50.02 1.97 3.06
CA GLY E 241 50.84 3.17 3.07
C GLY E 241 51.86 3.17 1.95
N ALA E 242 51.66 2.29 0.97
CA ALA E 242 52.56 2.16 -0.16
C ALA E 242 51.88 2.51 -1.48
N PRO E 243 51.97 3.77 -1.90
CA PRO E 243 51.37 4.20 -3.17
C PRO E 243 52.00 3.45 -4.35
N THR E 244 51.20 3.18 -5.39
CA THR E 244 51.66 2.37 -6.52
C THR E 244 51.67 3.09 -7.88
N ASP E 245 51.21 4.33 -7.91
CA ASP E 245 51.33 5.14 -9.12
C ASP E 245 52.79 5.57 -9.32
N PHE E 246 53.10 6.09 -10.49
CA PHE E 246 54.39 6.73 -10.72
C PHE E 246 54.16 7.99 -11.56
N PRO E 247 54.59 9.15 -11.05
CA PRO E 247 55.42 9.31 -9.85
C PRO E 247 54.67 9.09 -8.54
N ARG E 248 55.44 9.00 -7.45
CA ARG E 248 54.89 8.88 -6.12
C ARG E 248 55.95 9.32 -5.11
N GLY E 249 55.53 9.41 -3.85
CA GLY E 249 56.46 9.65 -2.76
C GLY E 249 56.85 8.34 -2.16
N GLY E 250 57.47 8.39 -0.98
CA GLY E 250 57.90 7.18 -0.29
C GLY E 250 56.80 6.62 0.59
N LEU E 251 57.12 5.55 1.30
CA LEU E 251 56.17 4.86 2.16
C LEU E 251 55.73 5.76 3.30
N THR E 252 54.45 5.68 3.62
CA THR E 252 53.91 6.35 4.80
C THR E 252 53.15 5.35 5.65
N THR E 253 52.63 5.85 6.77
CA THR E 253 51.78 5.09 7.66
C THR E 253 50.45 4.78 6.98
N PRO E 254 50.00 3.52 7.09
CA PRO E 254 48.72 3.09 6.52
C PRO E 254 47.56 3.99 6.94
N SER E 255 46.78 4.39 5.94
CA SER E 255 45.50 5.04 6.18
C SER E 255 44.69 4.94 4.89
N CYS E 256 43.40 5.24 4.98
CA CYS E 256 42.55 5.25 3.80
C CYS E 256 42.56 6.61 3.12
N LYS E 257 43.53 7.44 3.49
CA LYS E 257 43.66 8.75 2.88
C LYS E 257 44.53 8.71 1.62
N MET E 258 44.28 9.67 0.73
CA MET E 258 45.03 9.81 -0.50
C MET E 258 46.48 10.18 -0.19
N ALA E 259 47.39 9.74 -1.05
CA ALA E 259 48.79 10.13 -0.96
C ALA E 259 49.03 11.27 -1.91
N GLN E 260 49.01 12.50 -1.39
CA GLN E 260 49.00 13.66 -2.27
C GLN E 260 50.41 14.10 -2.65
N GLU E 261 51.40 13.53 -1.99
CA GLU E 261 52.80 13.75 -2.32
C GLU E 261 53.08 13.23 -3.73
N LYS E 262 53.50 14.12 -4.63
CA LYS E 262 53.73 13.76 -6.03
C LYS E 262 52.52 13.00 -6.59
N GLY E 263 51.34 13.55 -6.32
CA GLY E 263 50.11 12.98 -6.81
C GLY E 263 49.80 13.39 -8.24
N GLU E 264 50.37 14.50 -8.69
CA GLU E 264 50.14 14.95 -10.05
C GLU E 264 50.86 14.06 -11.06
N GLY E 265 50.19 13.77 -12.17
CA GLY E 265 50.71 12.86 -13.16
C GLY E 265 50.47 11.43 -12.74
N GLY E 266 50.96 10.49 -13.54
CA GLY E 266 50.71 9.09 -13.26
C GLY E 266 50.86 8.25 -14.51
N ILE E 267 50.63 6.96 -14.37
CA ILE E 267 50.77 6.03 -15.48
C ILE E 267 49.80 4.89 -15.24
N GLN E 268 49.20 4.36 -16.31
CA GLN E 268 48.22 3.29 -16.19
C GLN E 268 48.81 2.13 -15.39
N GLY E 269 48.02 1.57 -14.48
CA GLY E 269 48.46 0.49 -13.63
C GLY E 269 47.28 -0.19 -12.96
N PHE E 270 47.56 -1.29 -12.27
CA PHE E 270 46.50 -2.16 -11.76
C PHE E 270 46.72 -2.65 -10.33
N ILE E 271 45.62 -3.02 -9.70
CA ILE E 271 45.62 -3.59 -8.38
C ILE E 271 44.57 -4.67 -8.44
N LEU E 272 44.95 -5.89 -8.09
CA LEU E 272 44.01 -6.99 -8.05
C LEU E 272 43.24 -6.89 -6.72
N ASP E 273 41.97 -6.53 -6.85
CA ASP E 273 41.13 -6.12 -5.72
C ASP E 273 40.34 -7.33 -5.21
N GLU E 274 41.07 -8.26 -4.60
CA GLU E 274 40.52 -9.47 -4.04
C GLU E 274 41.07 -9.66 -2.62
N LYS E 275 40.77 -10.80 -2.02
CA LYS E 275 41.40 -11.22 -0.78
C LYS E 275 41.97 -12.60 -0.99
N PRO E 276 43.31 -12.71 -1.05
CA PRO E 276 44.34 -11.68 -0.99
C PRO E 276 44.32 -10.71 -2.16
N ALA E 277 44.89 -9.52 -1.95
CA ALA E 277 45.00 -8.53 -3.00
C ALA E 277 46.43 -8.51 -3.48
N TRP E 278 46.65 -7.95 -4.66
CA TRP E 278 47.99 -7.77 -5.18
C TRP E 278 48.15 -6.36 -5.70
N THR E 279 49.26 -5.75 -5.33
CA THR E 279 49.60 -4.46 -5.85
C THR E 279 50.76 -4.62 -6.83
N SER E 280 51.02 -3.60 -7.62
CA SER E 280 52.10 -3.65 -8.60
C SER E 280 52.62 -2.25 -8.79
N LYS E 281 53.95 -2.12 -8.89
CA LYS E 281 54.58 -0.82 -9.00
C LYS E 281 56.03 -0.94 -9.43
N THR E 282 56.61 0.17 -9.85
CA THR E 282 58.03 0.24 -10.13
C THR E 282 58.81 -0.15 -8.86
N LYS E 283 60.00 -0.69 -9.03
CA LYS E 283 60.81 -1.13 -7.89
C LYS E 283 60.93 -0.05 -6.83
N ALA E 284 61.37 1.13 -7.24
CA ALA E 284 61.47 2.27 -6.33
C ALA E 284 60.86 3.52 -6.96
N GLU E 285 60.70 4.56 -6.15
CA GLU E 285 59.99 5.78 -6.55
C GLU E 285 60.86 6.74 -7.33
N SER E 286 62.16 6.50 -7.35
CA SER E 286 63.09 7.42 -8.00
C SER E 286 63.03 7.32 -9.54
N SER E 287 62.94 6.10 -10.04
CA SER E 287 62.92 5.88 -11.48
C SER E 287 61.80 4.95 -11.91
N GLN E 288 61.56 4.87 -13.21
CA GLN E 288 60.53 3.98 -13.74
C GLN E 288 61.11 2.62 -14.10
N ASN E 289 61.91 2.08 -13.18
CA ASN E 289 62.57 0.81 -13.46
C ASN E 289 62.10 -0.27 -12.52
N GLY E 290 62.09 -1.52 -13.01
CA GLY E 290 61.65 -2.65 -12.23
C GLY E 290 60.13 -2.77 -12.19
N PHE E 291 59.65 -3.94 -11.79
CA PHE E 291 58.24 -4.16 -11.53
C PHE E 291 58.10 -5.16 -10.40
N VAL E 292 57.42 -4.76 -9.34
CA VAL E 292 57.30 -5.56 -8.11
C VAL E 292 55.84 -5.90 -7.80
N LEU E 293 55.54 -7.19 -7.72
CA LEU E 293 54.22 -7.65 -7.35
C LEU E 293 54.16 -8.05 -5.87
N GLU E 294 53.31 -7.37 -5.09
CA GLU E 294 53.17 -7.65 -3.64
C GLU E 294 51.77 -8.12 -3.25
N GLN E 295 51.70 -9.21 -2.50
CA GLN E 295 50.44 -9.78 -2.05
C GLN E 295 50.06 -9.29 -0.63
N ILE E 296 48.78 -8.95 -0.47
CA ILE E 296 48.26 -8.43 0.79
C ILE E 296 47.06 -9.28 1.21
N PRO E 297 47.28 -10.26 2.10
CA PRO E 297 46.24 -11.26 2.40
C PRO E 297 44.90 -10.68 2.86
N ASN E 298 44.93 -9.56 3.57
CA ASN E 298 43.69 -8.99 4.09
C ASN E 298 42.98 -8.00 3.17
N GLY E 299 43.52 -7.77 1.98
CA GLY E 299 42.81 -6.96 1.00
C GLY E 299 43.29 -5.53 0.98
N ILE E 300 42.90 -4.81 -0.07
CA ILE E 300 43.48 -3.50 -0.33
C ILE E 300 42.95 -2.43 0.63
N GLU E 301 41.84 -2.71 1.30
CA GLU E 301 41.32 -1.78 2.30
C GLU E 301 41.89 -2.00 3.71
N SER E 302 42.74 -3.01 3.84
CA SER E 302 43.39 -3.32 5.11
C SER E 302 44.61 -2.43 5.31
N GLU E 303 45.39 -2.72 6.35
CA GLU E 303 46.56 -1.90 6.64
C GLU E 303 47.70 -2.20 5.65
N GLY E 304 47.59 -3.31 4.92
CA GLY E 304 48.43 -3.52 3.76
C GLY E 304 49.66 -4.38 3.99
N THR E 305 49.66 -5.15 5.06
CA THR E 305 50.80 -5.98 5.41
C THR E 305 51.09 -6.99 4.31
N VAL E 306 52.31 -6.96 3.79
CA VAL E 306 52.68 -7.75 2.62
C VAL E 306 53.22 -9.12 2.99
N SER E 307 52.68 -10.18 2.39
CA SER E 307 53.14 -11.54 2.63
C SER E 307 54.11 -12.05 1.55
N LEU E 308 53.66 -12.10 0.29
CA LEU E 308 54.52 -12.48 -0.83
C LEU E 308 54.99 -11.25 -1.60
N SER E 309 56.24 -11.24 -2.02
CA SER E 309 56.78 -10.14 -2.78
C SER E 309 57.62 -10.70 -3.93
N TYR E 310 57.30 -10.33 -5.17
CA TYR E 310 58.09 -10.78 -6.33
C TYR E 310 58.63 -9.60 -7.10
N GLU E 311 59.96 -9.51 -7.19
CA GLU E 311 60.59 -8.49 -8.01
C GLU E 311 60.80 -9.06 -9.42
N LEU E 312 59.74 -8.99 -10.23
CA LEU E 312 59.73 -9.55 -11.59
C LEU E 312 60.78 -8.91 -12.50
N PHE E 313 60.98 -7.61 -12.36
CA PHE E 313 62.04 -6.88 -13.05
C PHE E 313 62.71 -5.96 -12.04
N SER E 314 64.00 -5.70 -12.23
CA SER E 314 64.73 -4.80 -11.35
C SER E 314 65.20 -3.54 -12.06
N ASN E 315 65.96 -3.72 -13.14
CA ASN E 315 66.55 -2.60 -13.86
C ASN E 315 65.82 -2.21 -15.14
N LYS E 316 65.17 -3.17 -15.79
CA LYS E 316 64.40 -2.89 -17.00
C LYS E 316 63.41 -1.74 -16.79
N ARG E 317 63.46 -0.76 -17.68
CA ARG E 317 62.49 0.32 -17.68
C ARG E 317 61.12 -0.26 -18.03
N THR E 318 60.13 0.05 -17.21
CA THR E 318 58.77 -0.45 -17.38
C THR E 318 57.81 0.73 -17.55
N GLY E 319 56.62 0.46 -18.07
CA GLY E 319 55.65 1.51 -18.32
C GLY E 319 54.25 1.15 -17.85
N ARG E 320 53.27 1.38 -18.72
CA ARG E 320 51.86 1.07 -18.47
C ARG E 320 51.67 -0.42 -18.19
N SER E 321 50.69 -0.74 -17.37
CA SER E 321 50.25 -2.11 -17.21
C SER E 321 48.76 -2.17 -16.97
N GLY E 322 48.16 -3.31 -17.20
CA GLY E 322 46.74 -3.48 -16.94
C GLY E 322 46.32 -4.92 -17.08
N PHE E 323 45.06 -5.21 -16.75
CA PHE E 323 44.52 -6.57 -16.78
C PHE E 323 44.05 -7.08 -18.15
N PHE E 324 44.13 -8.38 -18.34
CA PHE E 324 43.27 -9.09 -19.30
C PHE E 324 42.90 -10.47 -18.76
N GLN E 325 41.74 -10.99 -19.18
CA GLN E 325 41.28 -12.29 -18.73
C GLN E 325 41.23 -13.29 -19.90
N PRO E 326 41.90 -14.45 -19.75
CA PRO E 326 41.69 -15.56 -20.67
C PRO E 326 40.22 -15.95 -20.67
N LYS E 327 39.66 -16.29 -21.81
CA LYS E 327 38.23 -16.49 -21.88
C LYS E 327 37.84 -17.87 -22.38
N GLY E 328 38.81 -18.64 -22.88
CA GLY E 328 38.51 -19.96 -23.42
C GLY E 328 39.18 -21.13 -22.73
N ASP E 329 39.60 -20.95 -21.48
CA ASP E 329 40.26 -22.03 -20.75
C ASP E 329 39.35 -23.27 -20.69
N LEU E 330 39.93 -24.43 -20.98
CA LEU E 330 39.18 -25.69 -20.93
C LEU E 330 39.50 -26.52 -19.69
N ILE E 331 40.71 -26.40 -19.16
CA ILE E 331 41.13 -27.26 -18.06
C ILE E 331 40.84 -26.64 -16.71
N SER E 332 41.14 -25.35 -16.59
CA SER E 332 40.90 -24.66 -15.34
C SER E 332 39.40 -24.54 -15.08
N GLY E 333 38.98 -24.87 -13.86
CA GLY E 333 37.61 -24.67 -13.47
C GLY E 333 37.40 -23.30 -12.86
N CYS E 334 38.50 -22.66 -12.47
CA CYS E 334 38.45 -21.32 -11.89
C CYS E 334 38.86 -20.27 -12.92
N GLN E 335 38.61 -19.00 -12.63
CA GLN E 335 38.86 -17.93 -13.60
C GLN E 335 40.25 -17.36 -13.44
N ARG E 336 41.05 -17.45 -14.50
CA ARG E 336 42.41 -16.96 -14.43
C ARG E 336 42.41 -15.46 -14.62
N ILE E 337 43.50 -14.81 -14.22
CA ILE E 337 43.65 -13.38 -14.38
C ILE E 337 45.07 -13.13 -14.84
N CYS E 338 45.25 -12.25 -15.82
CA CYS E 338 46.58 -11.92 -16.34
C CYS E 338 46.77 -10.42 -16.40
N PHE E 339 47.98 -9.99 -16.69
CA PHE E 339 48.23 -8.59 -16.94
C PHE E 339 49.22 -8.44 -18.08
N TRP E 340 49.14 -7.29 -18.74
CA TRP E 340 50.11 -6.91 -19.75
C TRP E 340 50.93 -5.79 -19.14
N LEU E 341 52.16 -5.63 -19.62
CA LEU E 341 53.09 -4.67 -19.04
C LEU E 341 53.99 -4.15 -20.14
N GLU E 342 54.09 -2.84 -20.25
CA GLU E 342 55.03 -2.25 -21.20
C GLU E 342 56.45 -2.42 -20.68
N ILE E 343 57.32 -2.93 -21.55
CA ILE E 343 58.76 -2.98 -21.29
C ILE E 343 59.39 -2.04 -22.28
N GLU E 344 60.16 -1.07 -21.77
CA GLU E 344 60.70 -0.04 -22.62
C GLU E 344 62.15 -0.33 -23.00
N ASP E 345 62.46 -0.16 -24.27
CA ASP E 345 63.79 -0.45 -24.78
C ASP E 345 64.33 0.74 -25.56
N GLN E 346 65.62 0.99 -25.41
CA GLN E 346 66.29 2.08 -26.10
C GLN E 346 66.80 1.59 -27.47
N THR E 347 66.59 2.40 -28.49
CA THR E 347 67.05 2.07 -29.84
C THR E 347 68.08 3.10 -30.31
N VAL E 348 68.89 2.73 -31.29
CA VAL E 348 69.94 3.62 -31.76
C VAL E 348 69.39 4.78 -32.58
N GLY E 349 68.28 4.55 -33.27
CA GLY E 349 67.86 5.47 -34.31
C GLY E 349 66.40 5.86 -34.36
N LEU E 350 65.62 5.47 -33.36
CA LEU E 350 64.22 5.91 -33.35
C LEU E 350 63.64 6.03 -31.94
N GLY E 351 64.51 6.37 -31.00
CA GLY E 351 64.09 6.73 -29.66
C GLY E 351 63.82 5.52 -28.78
N MET E 352 62.92 5.70 -27.83
CA MET E 352 62.54 4.60 -26.97
C MET E 352 61.25 3.99 -27.50
N ILE E 353 61.16 2.66 -27.42
CA ILE E 353 59.97 1.96 -27.87
C ILE E 353 59.40 1.12 -26.71
N GLN E 354 58.12 0.82 -26.78
CA GLN E 354 57.49 -0.08 -25.83
C GLN E 354 57.10 -1.38 -26.52
N GLU E 355 57.42 -2.50 -25.88
CA GLU E 355 56.88 -3.81 -26.26
C GLU E 355 56.07 -4.36 -25.09
N LEU E 356 54.98 -5.06 -25.36
CA LEU E 356 54.17 -5.67 -24.31
C LEU E 356 54.68 -7.06 -23.90
N SER E 357 54.83 -7.25 -22.59
CA SER E 357 54.96 -8.56 -21.98
C SER E 357 53.65 -8.93 -21.30
N THR E 358 53.37 -10.22 -21.17
CA THR E 358 52.20 -10.67 -20.44
C THR E 358 52.57 -11.70 -19.38
N PHE E 359 51.94 -11.56 -18.22
CA PHE E 359 52.11 -12.50 -17.11
C PHE E 359 50.75 -13.00 -16.68
N CYS E 360 50.66 -14.26 -16.33
CA CYS E 360 49.40 -14.79 -15.84
C CYS E 360 49.59 -15.33 -14.42
N GLY E 361 48.52 -15.27 -13.64
CA GLY E 361 48.54 -15.79 -12.29
C GLY E 361 48.53 -17.30 -12.30
N ILE E 362 49.36 -17.88 -11.43
CA ILE E 362 49.33 -19.31 -11.19
C ILE E 362 49.05 -19.54 -9.71
N ASN E 363 48.49 -20.69 -9.37
CA ASN E 363 48.16 -21.00 -7.99
C ASN E 363 49.31 -21.63 -7.19
N SER E 364 50.53 -21.55 -7.74
CA SER E 364 51.71 -22.05 -7.05
C SER E 364 52.76 -20.96 -6.88
N PRO E 365 53.54 -21.03 -5.80
CA PRO E 365 54.66 -20.10 -5.78
C PRO E 365 55.71 -20.47 -6.84
N VAL E 366 56.69 -19.60 -7.01
CA VAL E 366 57.79 -19.83 -7.91
C VAL E 366 58.87 -18.97 -7.34
N GLN E 367 60.11 -19.17 -7.78
CA GLN E 367 61.21 -18.41 -7.21
C GLN E 367 61.12 -16.95 -7.63
N ASN E 368 61.82 -16.11 -6.88
CA ASN E 368 61.82 -14.69 -7.14
C ASN E 368 62.70 -14.40 -8.35
N ILE E 369 62.30 -14.95 -9.50
CA ILE E 369 63.05 -14.76 -10.74
C ILE E 369 63.04 -13.31 -11.21
N ASN E 370 64.23 -12.76 -11.45
CA ASN E 370 64.35 -11.48 -12.12
C ASN E 370 64.39 -11.75 -13.63
N TRP E 371 63.49 -11.11 -14.37
CA TRP E 371 63.38 -11.34 -15.79
C TRP E 371 64.11 -10.25 -16.60
N ASP E 372 64.93 -9.46 -15.92
CA ASP E 372 65.67 -8.37 -16.55
C ASP E 372 66.51 -8.85 -17.73
N SER E 373 67.05 -10.06 -17.64
CA SER E 373 67.88 -10.60 -18.72
C SER E 373 67.42 -12.00 -19.10
N PHE F 7 46.80 38.17 51.35
CA PHE F 7 45.62 38.65 52.06
C PHE F 7 44.29 38.13 51.47
N TYR F 8 43.99 38.49 50.23
CA TYR F 8 42.81 37.90 49.57
C TYR F 8 43.18 36.55 48.99
N TRP F 9 42.27 35.58 49.15
CA TRP F 9 42.46 34.24 48.61
C TRP F 9 42.44 34.26 47.08
N ARG F 10 43.32 33.47 46.48
CA ARG F 10 43.15 33.05 45.09
C ARG F 10 43.55 31.60 44.99
N ALA F 11 43.05 30.90 43.97
CA ALA F 11 43.35 29.48 43.86
C ALA F 11 44.84 29.28 43.52
N LYS F 12 45.35 28.10 43.80
CA LYS F 12 46.72 27.78 43.42
C LYS F 12 46.79 27.66 41.89
N SER F 13 47.99 27.74 41.33
CA SER F 13 48.14 27.98 39.90
C SER F 13 47.66 26.81 39.04
N GLN F 14 47.75 25.60 39.57
CA GLN F 14 47.34 24.41 38.81
C GLN F 14 46.48 23.50 39.65
N MET F 15 45.54 22.82 39.03
CA MET F 15 44.70 21.88 39.74
C MET F 15 45.52 20.61 40.04
N CYS F 16 45.37 20.08 41.24
CA CYS F 16 46.00 18.79 41.56
C CYS F 16 45.48 17.72 40.61
N GLU F 17 46.35 16.76 40.28
CA GLU F 17 45.90 15.60 39.52
C GLU F 17 44.84 14.83 40.34
N VAL F 18 43.75 14.44 39.67
CA VAL F 18 42.68 13.68 40.31
C VAL F 18 42.64 12.26 39.75
N LYS F 19 42.95 11.28 40.60
CA LYS F 19 42.92 9.87 40.18
C LYS F 19 41.88 9.09 40.97
N GLY F 20 41.26 9.76 41.94
CA GLY F 20 40.29 9.11 42.78
C GLY F 20 39.51 10.13 43.59
N TRP F 21 38.44 9.66 44.21
CA TRP F 21 37.58 10.48 45.07
C TRP F 21 37.33 9.75 46.36
N VAL F 22 37.58 10.42 47.50
CA VAL F 22 37.41 9.79 48.82
C VAL F 22 36.45 10.65 49.67
N PRO F 23 35.62 10.01 50.50
CA PRO F 23 34.71 10.81 51.33
C PRO F 23 35.44 11.43 52.52
N THR F 24 35.33 12.74 52.68
CA THR F 24 35.94 13.42 53.82
C THR F 24 34.87 13.65 54.88
N HIS F 25 33.61 13.45 54.52
CA HIS F 25 32.52 13.52 55.48
C HIS F 25 31.36 12.74 54.90
N ARG F 26 30.97 11.70 55.60
CA ARG F 26 29.76 10.99 55.28
C ARG F 26 28.70 11.75 56.06
N GLY F 27 27.50 11.87 55.52
CA GLY F 27 26.48 12.64 56.22
C GLY F 27 26.24 11.95 57.55
N PHE F 28 25.68 12.66 58.52
CA PHE F 28 25.29 12.02 59.76
C PHE F 28 24.30 10.90 59.40
N PRO F 29 24.45 9.73 60.01
CA PRO F 29 23.79 8.49 59.57
C PRO F 29 22.37 8.29 60.13
N TRP F 30 21.60 9.38 60.14
CA TRP F 30 20.21 9.35 60.62
C TRP F 30 19.32 8.49 59.72
N GLY F 31 18.16 8.10 60.23
CA GLY F 31 17.24 7.27 59.48
C GLY F 31 17.38 5.81 59.85
N PRO F 32 16.26 5.17 60.20
CA PRO F 32 14.89 5.67 60.19
C PRO F 32 14.56 6.69 61.28
N GLU F 33 15.34 6.70 62.36
CA GLU F 33 15.14 7.66 63.44
C GLU F 33 16.23 8.71 63.42
N LEU F 34 15.93 9.86 64.03
CA LEU F 34 16.92 10.91 64.22
C LEU F 34 16.72 11.56 65.57
N PRO F 35 17.79 12.18 66.11
CA PRO F 35 17.68 12.84 67.41
C PRO F 35 16.74 14.02 67.32
N GLY F 36 16.23 14.46 68.48
CA GLY F 36 15.36 15.63 68.51
C GLY F 36 16.14 16.93 68.48
N ASP F 37 15.45 18.02 68.11
CA ASP F 37 16.06 19.34 68.05
C ASP F 37 17.14 19.43 66.96
N LEU F 38 17.04 18.58 65.96
CA LEU F 38 17.86 18.75 64.76
C LEU F 38 17.13 19.68 63.81
N ILE F 39 17.90 20.60 63.21
CA ILE F 39 17.35 21.49 62.18
C ILE F 39 17.43 20.82 60.84
N LEU F 40 16.27 20.60 60.22
CA LEU F 40 16.22 19.91 58.95
C LEU F 40 16.54 20.89 57.84
N SER F 41 17.35 20.47 56.88
CA SER F 41 17.92 21.39 55.92
C SER F 41 17.57 21.06 54.49
N ARG F 42 17.46 22.09 53.68
CA ARG F 42 17.41 21.90 52.24
C ARG F 42 18.22 22.97 51.52
N ARG F 43 18.38 22.78 50.22
CA ARG F 43 19.21 23.65 49.40
C ARG F 43 20.60 23.90 50.03
N ALA F 44 21.14 22.86 50.67
CA ALA F 44 22.42 22.97 51.34
C ALA F 44 23.61 22.91 50.37
N TYR F 45 24.72 23.53 50.79
CA TYR F 45 25.99 23.42 50.10
C TYR F 45 27.14 23.66 51.08
N VAL F 46 28.37 23.48 50.60
CA VAL F 46 29.55 23.60 51.44
C VAL F 46 30.43 24.75 50.98
N SER F 47 30.97 25.50 51.94
CA SER F 47 31.93 26.54 51.64
C SER F 47 32.86 26.68 52.83
N CYS F 48 34.09 27.10 52.58
CA CYS F 48 35.16 27.06 53.57
C CYS F 48 35.80 28.42 53.75
N ASP F 49 36.23 28.73 54.97
CA ASP F 49 37.14 29.84 55.17
C ASP F 49 38.56 29.27 55.10
N LEU F 50 39.56 29.98 55.63
CA LEU F 50 40.95 29.51 55.51
C LEU F 50 41.26 28.41 56.52
N THR F 51 40.37 28.18 57.46
CA THR F 51 40.63 27.20 58.50
C THR F 51 39.78 25.95 58.32
N SER F 52 38.47 26.12 58.19
CA SER F 52 37.55 24.99 58.18
C SER F 52 36.36 25.20 57.24
N CYS F 53 35.48 24.21 57.16
CA CYS F 53 34.40 24.21 56.17
C CYS F 53 33.07 24.16 56.87
N PHE F 54 32.07 24.74 56.21
CA PHE F 54 30.73 24.85 56.77
C PHE F 54 29.69 24.38 55.78
N LYS F 55 28.61 23.84 56.34
CA LYS F 55 27.37 23.59 55.62
C LYS F 55 26.44 24.80 55.73
N PHE F 56 26.14 25.41 54.59
CA PHE F 56 25.15 26.50 54.52
C PHE F 56 23.86 25.86 54.02
N PHE F 57 22.72 26.26 54.58
CA PHE F 57 21.45 25.65 54.19
C PHE F 57 20.23 26.46 54.59
N ILE F 58 19.11 26.18 53.93
CA ILE F 58 17.83 26.74 54.31
C ILE F 58 17.12 25.76 55.25
N ALA F 59 16.80 26.21 56.45
CA ALA F 59 16.09 25.38 57.43
C ALA F 59 14.61 25.28 57.04
N TYR F 60 14.04 24.09 57.13
CA TYR F 60 12.61 23.93 56.87
C TYR F 60 11.83 23.30 58.00
N GLY F 61 12.51 22.76 59.01
CA GLY F 61 11.84 22.27 60.20
C GLY F 61 12.79 21.87 61.33
N LEU F 62 12.19 21.46 62.45
CA LEU F 62 12.91 20.99 63.62
C LEU F 62 12.30 19.66 64.10
N SER F 63 13.15 18.65 64.30
CA SER F 63 12.68 17.33 64.74
C SER F 63 12.23 17.34 66.20
N ALA F 64 11.20 16.55 66.49
CA ALA F 64 10.74 16.33 67.86
C ALA F 64 10.06 14.97 67.94
N ASN F 65 10.66 14.04 68.70
CA ASN F 65 10.14 12.67 68.81
C ASN F 65 9.82 12.05 67.46
N GLN F 66 10.77 12.15 66.52
CA GLN F 66 10.65 11.51 65.20
C GLN F 66 9.72 12.24 64.24
N HIS F 67 8.94 13.19 64.73
CA HIS F 67 8.05 13.96 63.87
C HIS F 67 8.46 15.43 63.84
N LEU F 68 7.83 16.20 62.97
CA LEU F 68 8.14 17.62 62.84
C LEU F 68 7.46 18.42 63.93
N LEU F 69 8.25 19.21 64.64
CA LEU F 69 7.69 20.20 65.55
C LEU F 69 6.76 21.11 64.73
N ASN F 70 5.63 21.51 65.32
CA ASN F 70 4.64 22.31 64.60
C ASN F 70 5.00 23.79 64.71
N THR F 71 5.68 24.30 63.68
CA THR F 71 6.20 25.67 63.67
C THR F 71 5.98 26.30 62.30
N SER F 72 6.43 27.55 62.15
CA SER F 72 6.31 28.24 60.87
C SER F 72 7.58 28.14 60.05
N MET F 73 8.49 27.27 60.47
CA MET F 73 9.82 27.24 59.88
C MET F 73 9.83 26.87 58.40
N GLU F 74 8.84 26.11 57.94
CA GLU F 74 8.91 25.68 56.56
C GLU F 74 8.65 26.82 55.58
N TRP F 75 7.84 27.80 55.97
CA TRP F 75 7.52 28.88 55.06
C TRP F 75 8.14 30.23 55.46
N GLU F 76 8.70 30.32 56.66
CA GLU F 76 9.53 31.48 57.02
C GLU F 76 10.99 31.03 56.89
N GLU F 77 11.52 31.17 55.69
CA GLU F 77 12.77 30.53 55.32
C GLU F 77 13.98 31.37 55.68
N SER F 78 14.94 30.74 56.34
CA SER F 78 16.17 31.43 56.73
C SER F 78 17.41 30.60 56.41
N LEU F 79 18.50 31.27 56.06
CA LEU F 79 19.78 30.64 55.81
C LEU F 79 20.53 30.42 57.13
N TYR F 80 21.04 29.22 57.33
CA TYR F 80 21.85 28.90 58.50
C TYR F 80 23.20 28.34 58.08
N LYS F 81 24.15 28.31 58.99
CA LYS F 81 25.35 27.54 58.75
C LYS F 81 25.80 26.78 60.00
N THR F 82 26.45 25.66 59.75
CA THR F 82 26.91 24.74 60.77
C THR F 82 28.31 24.29 60.36
N PRO F 83 29.26 24.20 61.32
CA PRO F 83 30.54 23.57 61.02
C PRO F 83 30.30 22.18 60.44
N ILE F 84 31.03 21.84 59.39
CA ILE F 84 30.76 20.61 58.66
C ILE F 84 30.79 19.37 59.58
N GLY F 85 31.65 19.39 60.59
CA GLY F 85 31.79 18.24 61.49
C GLY F 85 30.78 18.11 62.63
N SER F 86 29.78 18.97 62.66
CA SER F 86 28.75 18.93 63.71
C SER F 86 27.38 18.71 63.13
N ALA F 87 26.51 18.05 63.88
CA ALA F 87 25.11 17.97 63.48
C ALA F 87 24.52 19.35 63.63
N SER F 88 23.55 19.67 62.79
CA SER F 88 22.88 20.96 62.84
C SER F 88 21.82 20.98 63.94
N THR F 89 22.13 21.64 65.03
CA THR F 89 21.22 21.77 66.15
C THR F 89 21.09 23.23 66.52
N LEU F 90 20.16 23.54 67.44
CA LEU F 90 20.03 24.89 67.97
C LEU F 90 21.31 25.41 68.60
N SER F 91 22.13 24.51 69.13
CA SER F 91 23.35 24.92 69.82
C SER F 91 24.52 25.10 68.87
N THR F 92 24.49 24.40 67.74
CA THR F 92 25.64 24.42 66.85
C THR F 92 25.42 25.26 65.61
N SER F 93 24.17 25.60 65.31
CA SER F 93 23.87 26.25 64.04
C SER F 93 23.56 27.71 64.22
N GLU F 94 24.03 28.52 63.30
CA GLU F 94 23.87 29.95 63.39
C GLU F 94 22.91 30.40 62.30
N MET F 95 21.90 31.19 62.67
CA MET F 95 21.02 31.80 61.68
C MET F 95 21.70 33.04 61.12
N ILE F 96 21.86 33.09 59.80
CA ILE F 96 22.60 34.14 59.12
C ILE F 96 21.74 35.28 58.57
N LEU F 97 20.72 34.93 57.80
CA LEU F 97 19.80 35.90 57.20
C LEU F 97 18.55 35.18 56.73
N PRO F 98 17.43 35.89 56.62
CA PRO F 98 16.30 35.22 55.96
C PRO F 98 16.64 35.01 54.49
N GLY F 99 16.14 33.94 53.89
CA GLY F 99 16.37 33.67 52.48
C GLY F 99 15.74 32.39 51.98
N ARG F 100 15.36 32.38 50.70
CA ARG F 100 14.77 31.20 50.07
C ARG F 100 15.81 30.49 49.19
N SER F 101 16.78 31.24 48.69
CA SER F 101 17.96 30.66 48.04
C SER F 101 19.16 31.53 48.40
N SER F 102 20.37 31.03 48.16
CA SER F 102 21.53 31.73 48.74
C SER F 102 22.81 31.31 48.06
N SER F 103 23.88 32.05 48.35
CA SER F 103 25.22 31.69 47.90
C SER F 103 26.16 32.33 48.92
N ALA F 104 27.31 31.72 49.15
CA ALA F 104 28.26 32.24 50.11
C ALA F 104 29.68 31.92 49.67
N CYS F 105 30.60 32.81 50.00
CA CYS F 105 32.00 32.59 49.67
C CYS F 105 32.92 33.48 50.53
N PHE F 106 34.03 32.90 50.96
CA PHE F 106 35.00 33.59 51.78
C PHE F 106 36.12 34.08 50.89
N ASP F 107 36.47 35.36 50.99
CA ASP F 107 37.42 35.97 50.05
C ASP F 107 38.86 36.03 50.62
N GLY F 108 39.05 35.48 51.81
CA GLY F 108 40.33 35.54 52.50
C GLY F 108 40.23 36.35 53.77
N LEU F 109 39.33 37.33 53.77
CA LEU F 109 39.14 38.24 54.89
C LEU F 109 37.77 38.06 55.56
N LYS F 110 36.72 38.10 54.76
CA LYS F 110 35.37 37.97 55.31
C LYS F 110 34.47 37.12 54.41
N TRP F 111 33.36 36.67 54.97
CA TRP F 111 32.34 35.99 54.20
C TRP F 111 31.48 37.00 53.44
N THR F 112 31.24 36.69 52.17
CA THR F 112 30.19 37.34 51.40
C THR F 112 29.04 36.35 51.34
N VAL F 113 27.86 36.82 51.70
CA VAL F 113 26.68 35.99 51.74
C VAL F 113 25.57 36.72 50.98
N LEU F 114 24.95 35.99 50.05
CA LEU F 114 23.80 36.50 49.29
C LEU F 114 22.57 35.66 49.57
N VAL F 115 21.42 36.32 49.72
CA VAL F 115 20.16 35.64 49.90
C VAL F 115 19.08 36.32 49.04
N ALA F 116 18.10 35.54 48.61
CA ALA F 116 16.95 36.06 47.90
C ALA F 116 15.68 35.84 48.73
N ASN F 117 14.84 36.87 48.76
CA ASN F 117 13.56 36.85 49.45
C ASN F 117 12.47 37.49 48.60
N GLY F 118 11.22 37.15 48.89
CA GLY F 118 10.10 37.77 48.20
C GLY F 118 9.62 36.89 47.06
N ARG F 119 8.37 37.09 46.68
CA ARG F 119 7.78 36.30 45.62
C ARG F 119 7.71 37.10 44.31
N ASP F 120 7.99 36.42 43.22
CA ASP F 120 7.79 36.97 41.88
C ASP F 120 8.39 38.36 41.77
N ARG F 121 7.57 39.34 41.38
CA ARG F 121 8.07 40.68 41.14
C ARG F 121 8.61 41.37 42.39
N ASN F 122 8.29 40.84 43.57
CA ASN F 122 8.77 41.44 44.81
C ASN F 122 10.15 40.89 45.23
N SER F 123 10.64 39.92 44.47
CA SER F 123 11.89 39.25 44.81
C SER F 123 13.06 40.20 44.81
N PHE F 124 13.88 40.13 45.84
CA PHE F 124 15.09 40.94 45.88
C PHE F 124 16.21 40.15 46.53
N ILE F 125 17.43 40.56 46.24
CA ILE F 125 18.61 39.95 46.82
C ILE F 125 19.28 40.94 47.73
N MET F 126 19.76 40.46 48.87
CA MET F 126 20.60 41.29 49.71
C MET F 126 21.92 40.58 50.00
N ILE F 127 22.96 41.38 50.23
CA ILE F 127 24.31 40.89 50.37
C ILE F 127 24.87 41.35 51.69
N LYS F 128 25.54 40.43 52.38
CA LYS F 128 26.20 40.71 53.65
C LYS F 128 27.69 40.45 53.46
N TYR F 129 28.52 41.35 53.99
CA TYR F 129 29.97 41.17 54.00
C TYR F 129 30.40 41.19 55.45
N GLY F 130 30.87 40.07 55.96
CA GLY F 130 31.02 39.94 57.40
C GLY F 130 29.63 40.06 58.03
N GLU F 131 29.48 40.90 59.03
CA GLU F 131 28.19 41.06 59.69
C GLU F 131 27.39 42.25 59.13
N GLU F 132 27.91 42.89 58.08
CA GLU F 132 27.34 44.13 57.56
C GLU F 132 26.52 43.89 56.28
N VAL F 133 25.26 44.33 56.25
CA VAL F 133 24.50 44.34 54.99
C VAL F 133 25.10 45.44 54.11
N THR F 134 25.59 45.05 52.93
CA THR F 134 26.37 45.93 52.09
C THR F 134 25.70 46.31 50.77
N ASP F 135 24.72 45.53 50.33
CA ASP F 135 24.06 45.85 49.06
C ASP F 135 22.77 45.06 48.85
N THR F 136 21.96 45.53 47.90
CA THR F 136 20.73 44.86 47.49
C THR F 136 20.44 45.12 46.01
N PHE F 137 19.65 44.25 45.40
CA PHE F 137 19.09 44.58 44.11
C PHE F 137 17.80 43.80 43.87
N SER F 138 16.95 44.31 42.98
CA SER F 138 15.62 43.75 42.79
C SER F 138 15.46 43.08 41.44
N ALA F 139 14.47 42.20 41.33
CA ALA F 139 14.17 41.49 40.10
C ALA F 139 13.85 42.51 39.03
N SER F 140 14.30 42.26 37.80
CA SER F 140 13.99 43.16 36.70
C SER F 140 13.30 42.47 35.52
N ARG F 141 13.11 41.16 35.60
CA ARG F 141 12.50 40.41 34.52
C ARG F 141 11.32 39.60 34.98
N GLY F 142 10.66 40.07 36.03
CA GLY F 142 9.49 39.41 36.56
C GLY F 142 9.74 38.59 37.81
N GLY F 143 10.99 38.25 38.11
CA GLY F 143 11.28 37.45 39.28
C GLY F 143 10.86 35.98 39.15
N PRO F 144 11.14 35.18 40.18
CA PRO F 144 11.95 35.65 41.32
C PRO F 144 13.42 35.66 40.95
N LEU F 145 14.22 36.44 41.68
CA LEU F 145 15.67 36.30 41.63
C LEU F 145 16.04 34.96 42.27
N ARG F 146 17.00 34.29 41.68
CA ARG F 146 17.37 32.94 42.07
C ARG F 146 18.88 32.85 42.22
N LEU F 147 19.33 32.56 43.44
CA LEU F 147 20.74 32.34 43.70
C LEU F 147 21.01 30.84 43.55
N PRO F 148 22.26 30.46 43.33
CA PRO F 148 22.48 29.08 42.88
C PRO F 148 22.56 27.98 43.95
N ASN F 149 22.57 28.34 45.23
CA ASN F 149 22.66 27.32 46.30
C ASN F 149 23.93 26.47 46.16
N SER F 150 25.02 27.19 45.92
CA SER F 150 26.36 26.62 45.84
C SER F 150 27.29 27.80 46.08
N GLU F 151 28.55 27.53 46.43
CA GLU F 151 29.42 28.64 46.87
C GLU F 151 29.67 29.57 45.71
N CYS F 152 29.79 30.87 45.98
CA CYS F 152 30.21 31.84 44.98
C CYS F 152 31.73 31.76 44.86
N ILE F 153 32.30 32.47 43.90
CA ILE F 153 33.72 32.28 43.57
C ILE F 153 34.53 33.57 43.79
N CYS F 154 35.47 33.51 44.73
CA CYS F 154 36.31 34.66 45.04
C CYS F 154 37.72 34.52 44.46
N ILE F 155 38.20 35.59 43.83
CA ILE F 155 39.55 35.65 43.27
C ILE F 155 40.14 37.02 43.62
N GLU F 156 41.11 37.03 44.51
CA GLU F 156 41.85 38.26 44.81
C GLU F 156 40.91 39.38 45.24
N GLY F 157 39.85 39.04 45.96
CA GLY F 157 39.02 40.04 46.58
C GLY F 157 37.79 40.37 45.76
N SER F 158 37.72 39.86 44.52
CA SER F 158 36.50 39.97 43.72
C SER F 158 35.72 38.67 43.79
N CYS F 159 34.43 38.76 44.12
CA CYS F 159 33.62 37.56 44.21
C CYS F 159 32.53 37.56 43.11
N PHE F 160 32.35 36.40 42.50
CA PHE F 160 31.50 36.26 41.33
C PHE F 160 30.39 35.26 41.61
N VAL F 161 29.17 35.62 41.24
CA VAL F 161 28.04 34.74 41.44
C VAL F 161 27.10 34.90 40.25
N ILE F 162 26.47 33.79 39.87
CA ILE F 162 25.45 33.79 38.80
C ILE F 162 24.07 33.95 39.42
N VAL F 163 23.32 34.93 38.93
CA VAL F 163 21.98 35.20 39.43
C VAL F 163 21.01 34.98 38.28
N SER F 164 19.90 34.29 38.56
CA SER F 164 18.90 34.02 37.52
C SER F 164 17.58 34.77 37.80
N ASP F 165 16.87 35.12 36.74
CA ASP F 165 15.64 35.90 36.83
C ASP F 165 14.66 35.39 35.79
N GLY F 166 13.40 35.82 35.88
CA GLY F 166 12.41 35.46 34.88
C GLY F 166 11.50 34.34 35.35
N PRO F 167 10.19 34.44 35.07
CA PRO F 167 9.23 33.51 35.65
C PRO F 167 9.15 32.12 35.00
N ASN F 168 9.71 31.95 33.82
CA ASN F 168 9.63 30.65 33.13
C ASN F 168 10.96 30.13 32.60
N VAL F 169 11.18 28.83 32.75
CA VAL F 169 12.41 28.21 32.29
C VAL F 169 12.65 28.35 30.80
N ASN F 170 11.59 28.62 30.04
CA ASN F 170 11.77 28.78 28.60
C ASN F 170 12.06 30.23 28.23
N GLN F 171 12.10 31.10 29.23
CA GLN F 171 12.52 32.48 29.00
C GLN F 171 13.28 33.05 30.21
N SER F 172 14.30 32.32 30.61
CA SER F 172 15.12 32.72 31.74
C SER F 172 16.28 33.64 31.35
N VAL F 173 16.72 34.42 32.32
CA VAL F 173 17.80 35.37 32.14
C VAL F 173 18.86 35.12 33.22
N HIS F 174 20.11 35.20 32.82
CA HIS F 174 21.22 34.86 33.70
C HIS F 174 22.30 35.93 33.62
N ARG F 175 22.75 36.40 34.78
CA ARG F 175 23.80 37.40 34.85
C ARG F 175 24.93 36.91 35.74
N ILE F 176 26.16 37.29 35.38
CA ILE F 176 27.29 37.20 36.30
C ILE F 176 27.36 38.51 37.06
N TYR F 177 27.31 38.43 38.39
CA TYR F 177 27.61 39.62 39.20
C TYR F 177 29.01 39.52 39.78
N GLU F 178 29.73 40.63 39.70
CA GLU F 178 31.00 40.80 40.37
C GLU F 178 30.86 41.69 41.59
N LEU F 179 31.33 41.20 42.73
CA LEU F 179 31.21 41.88 44.00
C LEU F 179 32.61 42.13 44.58
N GLN F 180 32.78 43.25 45.27
CA GLN F 180 33.93 43.47 46.14
C GLN F 180 33.41 44.01 47.45
N ASN F 181 33.89 43.48 48.57
CA ASN F 181 33.36 43.89 49.85
C ASN F 181 31.85 43.81 49.91
N GLY F 182 31.28 42.82 49.23
CA GLY F 182 29.85 42.60 49.26
C GLY F 182 29.07 43.70 48.55
N THR F 183 29.74 44.49 47.72
CA THR F 183 29.05 45.53 46.96
C THR F 183 29.15 45.26 45.48
N VAL F 184 28.06 45.51 44.77
CA VAL F 184 28.03 45.22 43.33
C VAL F 184 28.95 46.18 42.58
N GLN F 185 29.92 45.65 41.84
CA GLN F 185 30.83 46.48 41.04
C GLN F 185 30.38 46.50 39.60
N ARG F 186 30.05 45.33 39.09
CA ARG F 186 29.55 45.24 37.73
C ARG F 186 28.75 43.98 37.54
N TRP F 187 27.97 43.96 36.48
CA TRP F 187 27.33 42.73 36.06
C TRP F 187 27.35 42.60 34.53
N LYS F 188 27.19 41.38 34.06
CA LYS F 188 27.20 41.10 32.64
C LYS F 188 26.09 40.12 32.39
N GLN F 189 25.16 40.48 31.52
CA GLN F 189 24.11 39.54 31.18
C GLN F 189 24.64 38.55 30.15
N LEU F 190 24.36 37.28 30.37
CA LEU F 190 24.82 36.23 29.49
C LEU F 190 23.81 36.03 28.35
N ASN F 191 24.32 35.72 27.17
CA ASN F 191 23.46 35.27 26.07
C ASN F 191 23.19 33.78 26.22
N THR F 192 22.01 33.44 26.72
CA THR F 192 21.62 32.05 26.92
C THR F 192 20.45 31.67 26.02
N THR F 193 20.34 32.35 24.89
CA THR F 193 19.25 32.13 23.94
C THR F 193 19.14 30.65 23.58
N GLY F 194 17.99 30.07 23.86
CA GLY F 194 17.75 28.68 23.49
C GLY F 194 18.06 27.68 24.59
N ILE F 195 18.58 28.16 25.72
CA ILE F 195 18.83 27.28 26.84
C ILE F 195 18.32 27.89 28.15
N ASN F 196 18.50 27.13 29.22
CA ASN F 196 18.21 27.57 30.58
C ASN F 196 19.43 27.14 31.43
N PHE F 197 19.85 27.99 32.37
CA PHE F 197 21.12 27.77 33.10
C PHE F 197 20.90 28.06 34.58
N GLU F 198 20.30 27.09 35.26
CA GLU F 198 19.98 27.24 36.67
C GLU F 198 21.00 26.50 37.52
N TYR F 199 21.00 26.80 38.81
CA TYR F 199 21.73 26.04 39.82
C TYR F 199 23.24 25.97 39.50
N SER F 200 23.80 27.07 39.02
CA SER F 200 25.23 27.16 38.75
C SER F 200 26.06 26.62 39.91
N THR F 201 27.00 25.71 39.64
CA THR F 201 27.95 25.33 40.67
C THR F 201 29.33 25.46 40.06
N CYS F 202 30.21 26.17 40.77
CA CYS F 202 31.41 26.68 40.13
C CYS F 202 32.66 26.39 40.93
N TYR F 203 33.81 26.49 40.26
CA TYR F 203 35.12 26.51 40.91
C TYR F 203 36.04 27.40 40.10
N THR F 204 37.22 27.68 40.64
CA THR F 204 38.18 28.52 39.94
C THR F 204 39.53 27.83 39.86
N ILE F 205 40.20 28.05 38.75
CA ILE F 205 41.56 27.62 38.56
C ILE F 205 42.23 28.54 37.52
N ASN F 206 43.51 28.85 37.74
CA ASN F 206 44.27 29.84 36.96
C ASN F 206 43.43 31.03 36.46
N ASN F 207 42.89 31.79 37.42
CA ASN F 207 42.11 33.00 37.14
C ASN F 207 40.95 32.83 36.16
N LEU F 208 40.48 31.59 36.00
CA LEU F 208 39.27 31.30 35.24
C LEU F 208 38.18 30.84 36.20
N ILE F 209 36.93 31.11 35.86
CA ILE F 209 35.81 30.57 36.60
C ILE F 209 35.07 29.58 35.69
N LYS F 210 34.83 28.39 36.22
CA LYS F 210 34.09 27.39 35.49
C LYS F 210 32.89 26.96 36.28
N CYS F 211 31.72 26.96 35.63
CA CYS F 211 30.47 26.56 36.26
C CYS F 211 29.73 25.50 35.44
N THR F 212 29.03 24.62 36.14
CA THR F 212 28.11 23.70 35.51
C THR F 212 26.70 24.16 35.82
N GLY F 213 25.85 24.23 34.81
CA GLY F 213 24.47 24.59 35.02
C GLY F 213 23.52 23.39 34.94
N THR F 214 22.25 23.67 35.15
CA THR F 214 21.20 22.68 35.02
C THR F 214 20.17 23.32 34.11
N ASN F 215 19.88 22.69 32.97
CA ASN F 215 18.87 23.18 32.06
C ASN F 215 17.54 22.53 32.42
N LEU F 216 16.62 23.32 32.95
CA LEU F 216 15.30 22.84 33.42
C LEU F 216 14.25 22.82 32.28
N TRP F 217 14.67 23.26 31.11
CA TRP F 217 13.77 23.50 29.99
C TRP F 217 13.87 22.38 28.95
N ASN F 218 15.02 22.28 28.29
CA ASN F 218 15.15 21.47 27.09
C ASN F 218 16.52 20.80 26.91
N ASP F 219 17.12 20.28 27.99
CA ASP F 219 18.40 19.58 27.86
C ASP F 219 18.65 18.69 29.07
N ALA F 220 19.07 17.46 28.79
CA ALA F 220 19.43 16.49 29.80
C ALA F 220 20.95 16.42 29.91
N LYS F 221 21.64 17.05 28.98
CA LYS F 221 23.04 17.36 29.19
C LYS F 221 23.08 18.61 30.01
N ARG F 222 24.22 18.84 30.65
CA ARG F 222 24.42 20.05 31.43
C ARG F 222 25.25 21.06 30.67
N PRO F 223 24.71 22.27 30.51
CA PRO F 223 25.48 23.33 29.89
C PRO F 223 26.62 23.76 30.78
N LEU F 224 27.71 24.23 30.17
CA LEU F 224 28.89 24.67 30.92
C LEU F 224 29.23 26.09 30.60
N LEU F 225 29.62 26.83 31.64
CA LEU F 225 30.05 28.20 31.49
C LEU F 225 31.54 28.33 31.87
N ARG F 226 32.29 29.10 31.10
CA ARG F 226 33.67 29.41 31.43
C ARG F 226 33.81 30.91 31.28
N PHE F 227 34.35 31.58 32.30
CA PHE F 227 34.57 33.03 32.17
C PHE F 227 35.80 33.55 32.90
N THR F 228 36.22 34.76 32.54
CA THR F 228 37.40 35.39 33.12
C THR F 228 37.01 36.49 34.12
N LYS F 229 38.00 37.02 34.84
CA LYS F 229 37.77 38.15 35.73
C LYS F 229 37.23 39.37 34.99
N GLU F 230 37.44 39.43 33.67
CA GLU F 230 36.95 40.56 32.89
C GLU F 230 35.55 40.30 32.36
N LEU F 231 35.03 39.12 32.68
CA LEU F 231 33.66 38.74 32.33
C LEU F 231 33.52 38.44 30.84
N ASN F 232 34.63 38.11 30.18
CA ASN F 232 34.56 37.42 28.89
C ASN F 232 34.20 35.97 29.15
N TYR F 233 33.33 35.41 28.34
CA TYR F 233 32.77 34.10 28.68
C TYR F 233 32.45 33.29 27.44
N GLN F 234 32.27 31.98 27.65
CA GLN F 234 31.68 31.13 26.64
C GLN F 234 30.81 30.09 27.31
N ILE F 235 29.72 29.76 26.65
CA ILE F 235 28.90 28.67 27.06
C ILE F 235 29.01 27.54 26.05
N VAL F 236 29.31 26.34 26.54
CA VAL F 236 29.54 25.17 25.68
C VAL F 236 28.68 24.00 26.10
N GLU F 237 28.56 23.04 25.20
CA GLU F 237 27.77 21.84 25.42
C GLU F 237 28.68 20.63 25.45
N PRO F 238 28.43 19.70 26.40
CA PRO F 238 29.20 18.46 26.40
C PRO F 238 29.07 17.77 25.03
N CYS F 239 30.16 17.23 24.50
CA CYS F 239 30.08 16.62 23.18
C CYS F 239 30.08 15.09 23.21
N ASN F 240 29.90 14.52 24.40
CA ASN F 240 29.80 13.08 24.53
C ASN F 240 28.37 12.66 24.24
N GLY F 241 28.03 11.42 24.54
CA GLY F 241 26.68 10.94 24.27
C GLY F 241 25.98 10.49 25.54
N ALA F 242 26.53 10.90 26.67
CA ALA F 242 26.05 10.45 27.97
C ALA F 242 25.61 11.63 28.81
N PRO F 243 24.31 11.99 28.75
CA PRO F 243 23.78 13.09 29.57
C PRO F 243 23.88 12.80 31.06
N THR F 244 23.99 13.84 31.88
CA THR F 244 24.22 13.64 33.30
C THR F 244 23.17 14.33 34.18
N ASP F 245 22.16 14.93 33.57
CA ASP F 245 21.06 15.50 34.36
C ASP F 245 20.15 14.36 34.82
N PHE F 246 19.26 14.67 35.76
CA PHE F 246 18.14 13.79 36.08
C PHE F 246 16.89 14.63 36.15
N PRO F 247 15.86 14.28 35.34
CA PRO F 247 15.81 13.08 34.47
C PRO F 247 16.69 13.17 33.23
N ARG F 248 16.74 12.07 32.48
CA ARG F 248 17.48 12.03 31.23
C ARG F 248 17.13 10.77 30.44
N GLY F 249 17.47 10.77 29.17
CA GLY F 249 17.38 9.56 28.36
C GLY F 249 18.63 8.73 28.54
N GLY F 250 18.80 7.74 27.67
CA GLY F 250 19.96 6.88 27.74
C GLY F 250 21.10 7.43 26.91
N LEU F 251 22.20 6.68 26.86
CA LEU F 251 23.32 6.99 25.97
C LEU F 251 22.88 6.99 24.51
N THR F 252 23.41 7.94 23.77
CA THR F 252 23.17 8.05 22.35
C THR F 252 24.54 8.23 21.72
N THR F 253 24.57 8.46 20.43
CA THR F 253 25.85 8.60 19.74
C THR F 253 26.39 9.98 20.12
N PRO F 254 27.69 10.08 20.39
CA PRO F 254 28.28 11.35 20.83
C PRO F 254 28.19 12.44 19.80
N SER F 255 27.93 13.66 20.27
CA SER F 255 27.90 14.83 19.43
C SER F 255 27.74 16.03 20.32
N CYS F 256 27.97 17.21 19.77
CA CYS F 256 27.85 18.45 20.52
C CYS F 256 26.43 18.97 20.59
N LYS F 257 25.47 18.15 20.19
CA LYS F 257 24.08 18.57 20.25
C LYS F 257 23.47 18.34 21.63
N MET F 258 22.53 19.20 21.97
CA MET F 258 21.71 19.06 23.16
C MET F 258 21.02 17.70 23.14
N ALA F 259 20.85 17.11 24.33
CA ALA F 259 20.09 15.90 24.52
C ALA F 259 18.68 16.29 24.92
N GLN F 260 17.76 16.33 23.97
CA GLN F 260 16.48 16.95 24.25
C GLN F 260 15.41 15.98 24.71
N GLU F 261 15.68 14.69 24.55
CA GLU F 261 14.80 13.70 25.14
C GLU F 261 14.93 13.79 26.66
N LYS F 262 13.80 14.07 27.27
CA LYS F 262 13.66 14.14 28.71
C LYS F 262 14.47 15.31 29.26
N GLY F 263 14.51 16.39 28.47
CA GLY F 263 15.27 17.59 28.81
C GLY F 263 14.60 18.41 29.89
N GLU F 264 13.28 18.37 29.93
CA GLU F 264 12.55 19.18 30.86
C GLU F 264 12.84 18.69 32.28
N GLY F 265 12.98 19.63 33.20
CA GLY F 265 13.33 19.31 34.58
C GLY F 265 14.82 19.11 34.77
N GLY F 266 15.19 18.78 36.00
CA GLY F 266 16.57 18.49 36.30
C GLY F 266 16.90 18.70 37.76
N ILE F 267 18.18 18.52 38.07
CA ILE F 267 18.67 18.62 39.43
C ILE F 267 20.12 19.15 39.40
N GLN F 268 20.46 19.96 40.39
CA GLN F 268 21.78 20.58 40.46
C GLN F 268 22.86 19.50 40.39
N GLY F 269 23.88 19.75 39.59
CA GLY F 269 24.99 18.83 39.44
C GLY F 269 26.18 19.47 38.75
N PHE F 270 27.27 18.72 38.64
CA PHE F 270 28.55 19.29 38.26
C PHE F 270 29.31 18.43 37.25
N ILE F 271 30.13 19.13 36.46
CA ILE F 271 31.08 18.49 35.58
C ILE F 271 32.43 19.18 35.81
N LEU F 272 33.46 18.40 36.14
CA LEU F 272 34.79 18.98 36.24
C LEU F 272 35.34 19.22 34.84
N ASP F 273 35.36 20.49 34.44
CA ASP F 273 35.66 20.92 33.08
C ASP F 273 37.18 21.10 32.87
N GLU F 274 37.89 19.98 32.83
CA GLU F 274 39.34 19.99 32.71
C GLU F 274 39.73 18.93 31.69
N LYS F 275 41.02 18.70 31.55
CA LYS F 275 41.52 17.54 30.81
C LYS F 275 42.50 16.82 31.68
N PRO F 276 42.15 15.62 32.15
CA PRO F 276 40.87 14.94 31.94
C PRO F 276 39.66 15.67 32.56
N ALA F 277 38.49 15.38 32.02
CA ALA F 277 37.26 15.89 32.61
C ALA F 277 36.66 14.77 33.45
N TRP F 278 35.81 15.14 34.39
CA TRP F 278 35.01 14.15 35.10
C TRP F 278 33.54 14.51 35.04
N THR F 279 32.71 13.53 34.74
CA THR F 279 31.27 13.72 34.81
C THR F 279 30.74 12.98 36.02
N SER F 280 29.51 13.28 36.39
CA SER F 280 28.90 12.71 37.57
C SER F 280 27.40 12.63 37.37
N LYS F 281 26.81 11.53 37.82
CA LYS F 281 25.40 11.26 37.54
C LYS F 281 24.92 10.06 38.34
N THR F 282 23.61 9.94 38.47
CA THR F 282 23.01 8.77 39.09
C THR F 282 23.45 7.53 38.31
N LYS F 283 23.42 6.38 38.96
CA LYS F 283 23.85 5.14 38.31
C LYS F 283 23.06 4.84 37.02
N ALA F 284 21.74 5.03 37.06
CA ALA F 284 20.91 4.79 35.88
C ALA F 284 19.88 5.89 35.71
N GLU F 285 19.33 5.97 34.51
CA GLU F 285 18.40 7.03 34.13
C GLU F 285 16.99 6.77 34.68
N SER F 286 16.77 5.57 35.19
CA SER F 286 15.44 5.14 35.61
C SER F 286 15.09 5.64 37.01
N SER F 287 16.10 5.86 37.84
CA SER F 287 15.84 6.36 39.18
C SER F 287 17.02 7.15 39.74
N GLN F 288 16.76 7.88 40.82
CA GLN F 288 17.79 8.71 41.43
C GLN F 288 18.63 7.95 42.43
N ASN F 289 19.10 6.78 42.04
CA ASN F 289 19.91 5.97 42.92
C ASN F 289 21.34 5.89 42.43
N GLY F 290 22.25 5.86 43.39
CA GLY F 290 23.67 5.78 43.12
C GLY F 290 24.24 7.09 42.62
N PHE F 291 25.56 7.05 42.41
CA PHE F 291 26.30 8.20 41.90
C PHE F 291 27.60 7.64 41.32
N VAL F 292 27.89 8.03 40.08
CA VAL F 292 28.98 7.45 39.29
C VAL F 292 29.81 8.61 38.76
N LEU F 293 31.11 8.56 39.03
CA LEU F 293 32.08 9.54 38.55
C LEU F 293 32.85 8.89 37.40
N GLU F 294 32.92 9.58 36.26
CA GLU F 294 33.60 9.04 35.07
C GLU F 294 34.61 10.03 34.51
N GLN F 295 35.80 9.51 34.21
CA GLN F 295 36.89 10.33 33.72
C GLN F 295 36.98 10.25 32.20
N ILE F 296 37.07 11.41 31.57
CA ILE F 296 37.17 11.56 30.11
C ILE F 296 38.50 12.27 29.80
N PRO F 297 39.53 11.51 29.44
CA PRO F 297 40.87 12.09 29.28
C PRO F 297 40.94 13.30 28.35
N ASN F 298 40.17 13.28 27.28
CA ASN F 298 40.29 14.32 26.25
C ASN F 298 39.39 15.55 26.44
N GLY F 299 38.66 15.60 27.55
CA GLY F 299 37.85 16.77 27.88
C GLY F 299 36.40 16.64 27.51
N ILE F 300 35.59 17.53 28.04
CA ILE F 300 34.15 17.39 27.91
C ILE F 300 33.75 17.72 26.48
N GLU F 301 34.64 18.34 25.71
CA GLU F 301 34.34 18.69 24.32
C GLU F 301 34.84 17.65 23.33
N SER F 302 35.36 16.53 23.84
CA SER F 302 35.76 15.41 22.99
C SER F 302 34.58 14.48 22.80
N GLU F 303 34.84 13.35 22.13
CA GLU F 303 33.86 12.30 21.93
C GLU F 303 33.40 11.61 23.23
N GLY F 304 34.21 11.71 24.27
CA GLY F 304 33.76 11.34 25.59
C GLY F 304 34.18 9.96 26.07
N THR F 305 35.22 9.41 25.46
CA THR F 305 35.72 8.10 25.84
C THR F 305 36.12 8.07 27.32
N VAL F 306 35.61 7.10 28.05
CA VAL F 306 35.82 7.02 29.49
C VAL F 306 37.00 6.15 29.87
N SER F 307 37.81 6.61 30.81
CA SER F 307 38.91 5.81 31.34
C SER F 307 38.58 5.33 32.77
N LEU F 308 38.88 6.12 33.79
CA LEU F 308 38.46 5.75 35.15
C LEU F 308 36.93 5.89 35.31
N SER F 309 36.32 4.88 35.93
CA SER F 309 34.93 4.96 36.36
C SER F 309 34.84 4.60 37.85
N TYR F 310 34.13 5.38 38.64
CA TYR F 310 33.97 5.06 40.04
C TYR F 310 32.49 5.09 40.42
N GLU F 311 31.98 3.95 40.88
CA GLU F 311 30.61 3.87 41.35
C GLU F 311 30.59 4.09 42.86
N LEU F 312 30.51 5.35 43.28
CA LEU F 312 30.63 5.71 44.68
C LEU F 312 29.41 5.24 45.48
N PHE F 313 28.23 5.25 44.86
CA PHE F 313 27.03 4.72 45.47
C PHE F 313 26.28 3.91 44.40
N SER F 314 25.65 2.81 44.80
CA SER F 314 24.86 2.01 43.86
C SER F 314 23.39 2.18 44.12
N ASN F 315 22.98 1.90 45.36
CA ASN F 315 21.57 1.84 45.70
C ASN F 315 21.02 3.07 46.43
N LYS F 316 21.89 3.83 47.09
CA LYS F 316 21.44 4.96 47.90
C LYS F 316 20.79 6.00 46.99
N ARG F 317 19.70 6.58 47.47
CA ARG F 317 19.08 7.66 46.73
C ARG F 317 19.94 8.90 46.91
N THR F 318 20.21 9.59 45.81
CA THR F 318 21.06 10.77 45.83
C THR F 318 20.31 11.95 45.22
N GLY F 319 20.83 13.14 45.47
CA GLY F 319 20.16 14.35 45.04
C GLY F 319 21.12 15.33 44.39
N ARG F 320 20.99 16.59 44.80
CA ARG F 320 21.83 17.68 44.31
C ARG F 320 23.30 17.39 44.64
N SER F 321 24.18 17.96 43.83
CA SER F 321 25.59 17.93 44.11
C SER F 321 26.20 19.18 43.48
N GLY F 322 27.41 19.52 43.91
CA GLY F 322 28.08 20.73 43.47
C GLY F 322 29.51 20.80 44.00
N PHE F 323 30.27 21.75 43.48
CA PHE F 323 31.66 21.96 43.84
C PHE F 323 31.83 22.76 45.14
N PHE F 324 32.90 22.44 45.87
CA PHE F 324 33.52 23.41 46.75
C PHE F 324 35.02 23.22 46.72
N GLN F 325 35.75 24.28 47.04
CA GLN F 325 37.21 24.23 47.04
C GLN F 325 37.74 24.53 48.43
N PRO F 326 38.58 23.63 48.95
CA PRO F 326 39.38 23.93 50.14
C PRO F 326 40.23 25.15 49.87
N LYS F 327 40.31 26.05 50.83
CA LYS F 327 40.98 27.33 50.58
C LYS F 327 42.26 27.55 51.42
N GLY F 328 42.41 26.79 52.49
CA GLY F 328 43.52 26.99 53.40
C GLY F 328 44.57 25.90 53.36
N ASP F 329 44.61 25.09 52.31
CA ASP F 329 45.62 24.05 52.25
C ASP F 329 47.01 24.67 52.40
N LEU F 330 47.82 24.07 53.26
CA LEU F 330 49.18 24.54 53.48
C LEU F 330 50.21 23.61 52.85
N ILE F 331 49.87 22.33 52.71
CA ILE F 331 50.87 21.36 52.29
C ILE F 331 50.86 21.21 50.78
N SER F 332 49.69 21.10 50.20
CA SER F 332 49.56 20.94 48.76
C SER F 332 50.08 22.19 48.02
N GLY F 333 50.88 21.97 46.98
CA GLY F 333 51.30 23.04 46.09
C GLY F 333 50.30 23.28 44.96
N CYS F 334 49.37 22.34 44.79
CA CYS F 334 48.36 22.46 43.75
C CYS F 334 46.98 22.68 44.36
N GLN F 335 46.01 23.02 43.52
CA GLN F 335 44.67 23.36 43.98
C GLN F 335 43.77 22.13 43.97
N ARG F 336 43.24 21.77 45.14
CA ARG F 336 42.32 20.64 45.25
C ARG F 336 40.90 21.01 44.81
N ILE F 337 40.14 20.00 44.42
CA ILE F 337 38.72 20.18 44.13
C ILE F 337 37.91 19.16 44.94
N CYS F 338 36.80 19.60 45.52
CA CYS F 338 35.88 18.71 46.22
C CYS F 338 34.44 18.85 45.73
N PHE F 339 33.59 17.91 46.08
CA PHE F 339 32.17 18.09 45.84
C PHE F 339 31.33 17.69 47.05
N TRP F 340 30.16 18.33 47.16
CA TRP F 340 29.14 17.95 48.11
C TRP F 340 28.02 17.23 47.37
N LEU F 341 27.33 16.35 48.08
CA LEU F 341 26.33 15.48 47.48
C LEU F 341 25.23 15.18 48.48
N GLU F 342 23.99 15.43 48.09
CA GLU F 342 22.83 15.05 48.91
C GLU F 342 22.61 13.53 48.91
N ILE F 343 22.59 12.95 50.11
CA ILE F 343 22.14 11.57 50.31
C ILE F 343 20.75 11.58 50.96
N GLU F 344 19.80 10.89 50.35
CA GLU F 344 18.43 10.91 50.88
C GLU F 344 18.20 9.72 51.82
N ASP F 345 17.56 9.98 52.95
CA ASP F 345 17.22 8.91 53.87
C ASP F 345 15.75 8.95 54.29
N GLN F 346 15.14 7.78 54.35
CA GLN F 346 13.75 7.67 54.75
C GLN F 346 13.71 7.68 56.27
N THR F 347 12.81 8.48 56.84
CA THR F 347 12.58 8.45 58.27
C THR F 347 11.21 7.86 58.60
N VAL F 348 11.07 7.41 59.84
CA VAL F 348 9.83 6.83 60.28
C VAL F 348 8.73 7.89 60.47
N GLY F 349 9.11 9.10 60.90
CA GLY F 349 8.11 10.07 61.29
C GLY F 349 8.06 11.43 60.61
N LEU F 350 9.02 11.75 59.73
CA LEU F 350 9.00 13.07 59.11
C LEU F 350 9.45 13.12 57.64
N GLY F 351 9.30 12.00 56.93
CA GLY F 351 9.53 11.99 55.49
C GLY F 351 10.98 11.79 55.07
N MET F 352 11.24 12.02 53.79
CA MET F 352 12.60 11.98 53.25
C MET F 352 13.40 13.18 53.74
N ILE F 353 14.61 12.91 54.24
CA ILE F 353 15.51 13.97 54.61
C ILE F 353 16.78 13.88 53.78
N GLN F 354 17.48 15.00 53.65
CA GLN F 354 18.71 15.08 52.87
C GLN F 354 19.83 15.39 53.83
N GLU F 355 20.93 14.64 53.70
CA GLU F 355 22.16 14.94 54.42
C GLU F 355 23.30 15.09 53.42
N LEU F 356 24.19 16.06 53.63
CA LEU F 356 25.32 16.26 52.72
C LEU F 356 26.47 15.30 53.07
N SER F 357 26.98 14.61 52.06
CA SER F 357 28.30 14.01 52.13
C SER F 357 29.28 14.88 51.33
N THR F 358 30.56 14.76 51.64
CA THR F 358 31.58 15.48 50.88
C THR F 358 32.68 14.54 50.43
N PHE F 359 33.09 14.68 49.17
CA PHE F 359 34.20 13.94 48.60
C PHE F 359 35.27 14.90 48.09
N CYS F 360 36.53 14.52 48.22
CA CYS F 360 37.60 15.33 47.65
C CYS F 360 38.43 14.50 46.69
N GLY F 361 38.93 15.16 45.67
CA GLY F 361 39.76 14.48 44.69
C GLY F 361 41.09 14.17 45.33
N ILE F 362 41.66 13.02 44.99
CA ILE F 362 42.99 12.68 45.46
C ILE F 362 43.89 12.33 44.29
N ASN F 363 45.20 12.40 44.50
CA ASN F 363 46.15 12.21 43.44
C ASN F 363 46.50 10.73 43.17
N SER F 364 45.88 9.82 43.93
CA SER F 364 46.11 8.39 43.76
C SER F 364 44.80 7.68 43.45
N PRO F 365 44.85 6.56 42.72
CA PRO F 365 43.62 5.77 42.56
C PRO F 365 43.25 5.02 43.86
N VAL F 366 41.99 4.64 44.01
CA VAL F 366 41.57 3.76 45.08
C VAL F 366 40.69 2.71 44.43
N GLN F 367 40.39 1.65 45.15
CA GLN F 367 39.49 0.63 44.64
C GLN F 367 38.07 1.18 44.54
N ASN F 368 37.25 0.51 43.74
CA ASN F 368 35.89 0.94 43.42
C ASN F 368 34.91 0.67 44.57
N ILE F 369 35.17 1.28 45.71
CA ILE F 369 34.34 1.11 46.89
C ILE F 369 32.95 1.69 46.71
N ASN F 370 31.96 0.91 47.13
CA ASN F 370 30.58 1.37 47.16
C ASN F 370 30.23 1.82 48.56
N TRP F 371 29.87 3.10 48.70
CA TRP F 371 29.68 3.70 50.02
C TRP F 371 28.22 3.61 50.54
N ASP F 372 27.39 2.81 49.86
CA ASP F 372 26.00 2.60 50.25
C ASP F 372 25.93 2.16 51.71
N SER F 373 26.86 1.28 52.10
CA SER F 373 26.97 0.83 53.49
C SER F 373 28.40 0.99 54.02
C1 NAG G . -51.50 -41.81 9.94
C2 NAG G . -51.87 -43.29 9.88
C3 NAG G . -52.44 -43.83 11.19
C4 NAG G . -51.62 -43.35 12.39
C5 NAG G . -51.28 -41.87 12.27
C6 NAG G . -50.38 -41.41 13.42
C7 NAG G . -52.40 -44.44 7.85
C8 NAG G . -53.33 -44.65 6.69
N2 NAG G . -52.77 -43.56 8.77
O3 NAG G . -52.29 -45.22 11.07
O4 NAG G . -52.32 -43.62 13.59
O5 NAG G . -50.62 -41.64 11.04
O6 NAG G . -49.23 -42.24 13.43
O7 NAG G . -51.33 -45.06 7.93
C1 NAG G . -51.50 -44.34 14.54
C2 NAG G . -52.14 -44.17 15.92
C3 NAG G . -51.41 -44.98 16.99
C4 NAG G . -51.16 -46.41 16.52
C5 NAG G . -50.51 -46.39 15.15
C6 NAG G . -50.23 -47.80 14.66
C7 NAG G . -53.34 -42.08 16.22
C8 NAG G . -53.31 -40.65 16.63
N2 NAG G . -52.20 -42.76 16.30
O3 NAG G . -52.17 -44.96 18.19
O4 NAG G . -50.36 -47.11 17.46
O5 NAG G . -51.36 -45.71 14.23
O6 NAG G . -49.35 -47.75 13.57
O7 NAG G . -54.40 -42.59 15.84
C1 BMA G . -51.21 -47.92 18.32
C2 BMA G . -50.60 -49.30 18.54
C3 BMA G . -50.03 -49.46 19.94
C4 BMA G . -51.13 -49.24 20.98
C5 BMA G . -52.11 -48.19 20.46
C6 BMA G . -52.72 -47.37 21.61
O2 BMA G . -49.57 -49.54 17.60
O3 BMA G . -48.99 -48.52 20.14
O4 BMA G . -51.79 -50.46 21.24
O5 BMA G . -51.46 -47.31 19.57
O6 BMA G . -53.41 -48.23 22.49
C1 FUL G . -53.27 -45.97 11.81
C2 FUL G . -53.81 -47.11 10.99
O2 FUL G . -52.86 -47.59 10.08
C3 FUL G . -54.16 -48.15 12.05
O3 FUL G . -54.69 -49.31 11.44
C4 FUL G . -55.16 -47.55 13.05
O4 FUL G . -56.47 -47.62 12.52
C5 FUL G . -54.85 -46.10 13.44
C6 FUL G . -56.09 -45.44 14.03
O5 FUL G . -54.39 -45.32 12.35
C1 FUC G . -48.25 -41.70 14.34
C2 FUC G . -46.97 -42.52 14.15
C3 FUC G . -46.46 -42.30 12.73
C4 FUC G . -46.19 -40.82 12.57
C5 FUC G . -47.46 -40.02 12.83
C6 FUC G . -47.20 -38.52 12.73
O2 FUC G . -47.29 -43.87 14.35
O3 FUC G . -45.29 -43.05 12.50
O4 FUC G . -45.20 -40.45 13.49
O5 FUC G . -47.97 -40.33 14.12
C1 NAG H . 17.57 -24.35 27.25
C2 NAG H . 18.73 -25.30 27.55
C3 NAG H . 19.67 -24.79 28.64
C4 NAG H . 19.95 -23.30 28.49
C5 NAG H . 18.72 -22.49 28.09
C6 NAG H . 19.09 -21.04 27.74
C7 NAG H . 18.74 -27.66 27.02
C8 NAG H . 18.32 -29.05 27.37
N2 NAG H . 18.31 -26.67 27.82
O3 NAG H . 20.86 -25.46 28.36
O4 NAG H . 20.49 -22.79 29.69
O5 NAG H . 18.13 -23.10 26.96
O6 NAG H . 19.88 -21.07 26.59
O7 NAG H . 19.47 -27.47 26.05
C1 NAG H . 21.66 -22.00 29.42
C2 NAG H . 21.93 -21.13 30.65
C3 NAG H . 23.23 -20.36 30.50
C4 NAG H . 24.36 -21.26 30.00
C5 NAG H . 23.94 -22.03 28.77
C6 NAG H . 25.03 -22.98 28.31
C7 NAG H . 19.86 -20.40 31.72
C8 NAG H . 18.80 -19.33 31.79
N2 NAG H . 20.84 -20.19 30.85
O3 NAG H . 23.56 -19.75 31.74
O4 NAG H . 25.50 -20.47 29.71
O5 NAG H . 22.77 -22.78 29.05
O6 NAG H . 24.73 -23.47 27.03
O7 NAG H . 19.77 -21.41 32.42
C1 BMA H . 26.26 -20.26 30.92
C2 BMA H . 27.67 -20.84 30.78
C3 BMA H . 28.69 -19.82 31.26
C4 BMA H . 28.28 -19.29 32.62
C5 BMA H . 26.87 -18.72 32.57
C6 BMA H . 26.86 -17.24 32.94
O2 BMA H . 27.91 -21.15 29.42
O3 BMA H . 28.81 -18.76 30.33
O4 BMA H . 28.32 -20.35 33.55
O5 BMA H . 26.34 -18.89 31.27
O6 BMA H . 25.52 -16.79 33.05
C1 MAN H . 29.76 -19.11 29.30
C2 MAN H . 30.96 -19.81 29.97
C3 MAN H . 32.24 -19.08 29.60
C4 MAN H . 32.30 -19.02 28.08
C5 MAN H . 31.13 -18.21 27.54
C6 MAN H . 30.45 -18.91 26.38
O2 MAN H . 31.04 -21.15 29.53
O3 MAN H . 33.35 -19.76 30.12
O4 MAN H . 33.52 -18.43 27.66
O5 MAN H . 30.20 -17.97 28.58
O6 MAN H . 29.84 -17.94 25.55
C1 FUL H . 21.71 -25.73 29.49
C2 FUL H . 22.06 -27.19 29.64
O2 FUL H . 21.90 -27.92 28.44
C3 FUL H . 23.51 -27.10 30.09
O3 FUL H . 24.05 -28.38 30.28
C4 FUL H . 23.54 -26.31 31.40
O4 FUL H . 23.28 -27.20 32.46
C5 FUL H . 22.58 -25.09 31.47
C6 FUL H . 22.23 -24.74 32.92
O5 FUL H . 21.37 -25.29 30.77
C1 FUC H . 20.07 -19.74 26.04
C2 FUC H . 20.99 -19.86 24.84
C3 FUC H . 20.31 -20.62 23.72
C4 FUC H . 18.98 -19.95 23.41
C5 FUC H . 18.14 -19.84 24.67
C6 FUC H . 16.85 -19.10 24.32
O2 FUC H . 22.11 -20.62 25.24
O3 FUC H . 21.11 -20.57 22.56
O4 FUC H . 19.21 -18.65 22.92
O5 FUC H . 18.86 -19.12 25.67
C1 NAG I . 20.96 19.24 -30.81
C2 NAG I . 21.97 19.25 -31.96
C3 NAG I . 22.07 20.57 -32.73
C4 NAG I . 20.77 21.36 -32.79
C5 NAG I . 19.89 21.20 -31.57
C6 NAG I . 18.49 21.73 -31.88
C7 NAG I . 23.83 17.71 -31.75
C8 NAG I . 25.07 17.33 -30.97
N2 NAG I . 23.28 18.88 -31.45
O3 NAG I . 22.43 20.33 -34.07
O4 NAG I . 21.09 22.72 -32.98
O5 NAG I . 19.76 19.82 -31.25
O6 NAG I . 17.92 20.89 -32.86
O7 NAG I . 23.39 16.96 -32.61
C1 FUL I . 23.52 21.16 -34.50
C2 FUL I . 24.80 20.33 -34.58
O2 FUL I . 24.61 19.27 -35.49
C3 FUL I . 25.97 21.17 -35.05
O3 FUL I . 27.16 20.45 -34.86
C4 FUL I . 26.04 22.49 -34.28
O4 FUL I . 26.48 22.25 -32.97
C5 FUL I . 24.67 23.17 -34.24
C6 FUL I . 24.72 24.44 -33.40
O5 FUL I . 23.72 22.29 -33.69
C1 NAG I . 20.44 23.21 -34.18
C2 NAG I . 20.39 24.73 -34.11
C3 NAG I . 19.62 25.27 -35.30
C4 NAG I . 20.29 24.77 -36.58
C5 NAG I . 20.43 23.25 -36.57
C6 NAG I . 21.24 22.82 -37.78
C7 NAG I . 20.54 25.43 -31.79
C8 NAG I . 19.82 26.02 -30.61
N2 NAG I . 19.80 25.17 -32.86
O3 NAG I . 19.63 26.69 -35.28
O4 NAG I . 19.52 25.16 -37.70
O5 NAG I . 21.06 22.78 -35.38
O6 NAG I . 20.95 21.47 -38.10
O7 NAG I . 21.76 25.21 -31.72
C1 FUC I . 16.69 21.45 -33.34
C2 FUC I . 16.31 20.68 -34.60
C3 FUC I . 16.18 19.21 -34.25
C4 FUC I . 15.21 19.03 -33.08
C5 FUC I . 15.58 19.99 -31.94
C6 FUC I . 14.56 19.87 -30.81
O2 FUC I . 17.32 20.84 -35.58
O3 FUC I . 15.68 18.50 -35.37
O4 FUC I . 13.89 19.27 -33.48
O5 FUC I . 15.65 21.32 -32.41
C1 NAG J . -48.48 2.49 -47.94
C2 NAG J . -49.02 1.74 -49.17
C3 NAG J . -50.51 2.00 -49.45
C4 NAG J . -51.36 2.12 -48.18
C5 NAG J . -50.65 2.86 -47.05
C6 NAG J . -51.42 2.66 -45.76
C7 NAG J . -47.47 1.13 -50.95
C8 NAG J . -46.29 1.62 -51.73
N2 NAG J . -48.20 2.07 -50.32
O3 NAG J . -51.05 0.93 -50.20
O4 NAG J . -52.56 2.79 -48.48
O5 NAG J . -49.35 2.34 -46.84
O6 NAG J . -51.62 1.26 -45.63
O7 NAG J . -47.73 -0.07 -50.91
C1 NAG J . -53.70 1.96 -48.15
C2 NAG J . -54.96 2.81 -48.15
C3 NAG J . -56.13 1.98 -47.68
C4 NAG J . -56.26 0.75 -48.56
C5 NAG J . -54.94 -0.01 -48.63
C6 NAG J . -55.05 -1.17 -49.61
C7 NAG J . -54.41 5.15 -47.79
C8 NAG J . -54.01 6.20 -46.78
N2 NAG J . -54.77 3.97 -47.30
O3 NAG J . -57.32 2.75 -47.75
O4 NAG J . -57.26 -0.11 -48.05
O5 NAG J . -53.88 0.84 -49.02
O6 NAG J . -53.81 -1.84 -49.70
O7 NAG J . -54.40 5.41 -49.00
C1 FUC J . -52.29 0.96 -44.39
C2 FUC J . -52.40 -0.56 -44.30
C3 FUC J . -51.02 -1.19 -44.20
C4 FUC J . -50.29 -0.57 -43.02
C5 FUC J . -50.28 0.95 -43.15
C6 FUC J . -49.61 1.59 -41.94
O2 FUC J . -53.05 -1.07 -45.45
O3 FUC J . -51.11 -2.58 -44.01
O4 FUC J . -50.95 -0.95 -41.83
O5 FUC J . -51.60 1.45 -43.27
C1 NAG K . 30.23 12.95 -4.27
C2 NAG K . 29.21 12.85 -3.14
C3 NAG K . 29.67 13.46 -1.82
C4 NAG K . 31.09 13.06 -1.48
C5 NAG K . 32.02 13.20 -2.70
C6 NAG K . 33.40 12.63 -2.36
C7 NAG K . 26.83 12.71 -3.48
C8 NAG K . 25.62 13.27 -4.16
N2 NAG K . 27.95 13.43 -3.54
O3 NAG K . 28.81 12.95 -0.82
O4 NAG K . 31.57 13.91 -0.46
O5 NAG K . 31.49 12.49 -3.80
O6 NAG K . 33.20 11.30 -1.94
O7 NAG K . 26.77 11.64 -2.89
C1 FUL K . 28.45 13.92 0.20
C2 FUL K . 26.97 14.01 0.47
O2 FUL K . 26.31 12.81 0.18
C3 FUL K . 26.94 14.35 1.96
O3 FUL K . 25.62 14.37 2.46
C4 FUL K . 27.61 15.71 2.13
O4 FUL K . 26.75 16.74 1.71
C5 FUL K . 28.96 15.81 1.37
C6 FUL K . 29.42 17.27 1.27
O5 FUL K . 28.89 15.25 0.07
C1 NAG K . 32.07 13.19 0.68
C2 NAG K . 32.96 14.17 1.45
C3 NAG K . 33.45 13.60 2.78
C4 NAG K . 32.30 12.94 3.54
C5 NAG K . 31.57 11.96 2.63
C6 NAG K . 30.44 11.29 3.39
C7 NAG K . 34.18 15.67 -0.03
C8 NAG K . 35.45 15.90 -0.80
N2 NAG K . 34.10 14.52 0.63
O3 NAG K . 33.99 14.64 3.57
O4 NAG K . 32.84 12.25 4.65
O5 NAG K . 31.07 12.65 1.51
O6 NAG K . 29.96 10.19 2.64
O7 NAG K . 33.29 16.51 -0.04
C1 FUC K . 34.46 10.65 -1.68
C2 FUC K . 34.18 9.27 -1.12
C3 FUC K . 33.38 8.47 -2.12
C4 FUC K . 34.12 8.45 -3.46
C5 FUC K . 34.49 9.86 -3.88
C6 FUC K . 35.31 9.81 -5.16
O2 FUC K . 33.44 9.39 0.08
O3 FUC K . 33.22 7.15 -1.66
O4 FUC K . 35.29 7.68 -3.32
O5 FUC K . 35.22 10.53 -2.86
C1 NAG L . 42.68 23.14 -13.57
C2 NAG L . 42.96 24.50 -12.90
C3 NAG L . 43.29 25.62 -13.88
C4 NAG L . 44.28 25.15 -14.95
C5 NAG L . 43.92 23.78 -15.52
C6 NAG L . 45.03 23.30 -16.45
C7 NAG L . 41.96 24.89 -10.75
C8 NAG L . 40.76 25.31 -9.94
N2 NAG L . 41.84 24.90 -12.07
O3 NAG L . 43.85 26.70 -13.17
O4 NAG L . 44.32 26.08 -16.01
O5 NAG L . 43.73 22.84 -14.47
O6 NAG L . 46.02 22.63 -15.70
O7 NAG L . 42.99 24.54 -10.18
C1 FUC L . 47.20 22.44 -16.50
C2 FUC L . 48.39 23.10 -15.83
C3 FUC L . 48.47 22.58 -14.40
C4 FUC L . 48.47 21.05 -14.36
C5 FUC L . 47.47 20.44 -15.34
C6 FUC L . 47.72 18.95 -15.52
O2 FUC L . 48.21 24.50 -15.84
O3 FUC L . 49.65 23.05 -13.79
O4 FUC L . 49.76 20.57 -14.64
O5 FUC L . 47.53 21.07 -16.60
C1 NAG M . 23.11 34.35 21.38
C2 NAG M . 23.73 34.82 20.06
C3 NAG M . 23.17 34.09 18.85
C4 NAG M . 23.12 32.58 19.11
C5 NAG M . 22.57 32.22 20.49
C6 NAG M . 22.74 30.71 20.75
C7 NAG M . 24.66 37.03 19.71
C8 NAG M . 24.41 38.51 19.66
N2 NAG M . 23.59 36.26 19.85
O3 NAG M . 24.10 34.40 17.83
O4 NAG M . 22.35 31.94 18.10
O5 NAG M . 23.26 32.93 21.49
O6 NAG M . 24.13 30.45 20.77
O7 NAG M . 25.80 36.58 19.61
C1 FUL M . 23.60 34.36 16.47
C2 FUL M . 24.23 35.42 15.60
O2 FUL M . 25.55 35.69 16.01
C3 FUL M . 24.20 34.81 14.20
O3 FUL M . 24.73 35.70 13.25
C4 FUL M . 22.76 34.44 13.86
O4 FUL M . 22.02 35.61 13.52
C5 FUL M . 22.07 33.69 15.00
C6 FUL M . 20.59 33.42 14.72
O5 FUL M . 22.21 34.40 16.21
C1 NAG M . 23.10 30.85 17.52
C2 NAG M . 22.12 29.98 16.75
C3 NAG M . 22.84 28.84 16.04
C4 NAG M . 24.08 29.30 15.29
C5 NAG M . 24.92 30.27 16.11
C6 NAG M . 26.00 30.88 15.24
C7 NAG M . 19.92 30.03 17.84
C8 NAG M . 19.00 29.35 18.82
N2 NAG M . 21.12 29.46 17.65
O3 NAG M . 21.93 28.19 15.17
O4 NAG M . 24.91 28.19 15.04
O5 NAG M . 24.14 31.30 16.69
O6 NAG M . 27.02 31.46 16.04
O7 NAG M . 19.57 31.06 17.28
C1 FUC M . 24.43 29.11 21.20
C2 FUC M . 25.94 28.92 21.17
C3 FUC M . 26.62 29.81 22.19
C4 FUC M . 26.05 29.49 23.57
C5 FUC M . 24.56 29.71 23.49
C6 FUC M . 23.92 29.49 24.87
O2 FUC M . 26.39 29.28 19.89
O3 FUC M . 28.02 29.63 22.20
O4 FUC M . 26.33 28.13 23.91
O5 FUC M . 23.99 28.84 22.52
C1 NAG N . -0.14 22.67 63.65
C2 NAG N . -1.02 21.57 63.05
C3 NAG N . -2.40 22.06 62.60
C4 NAG N . -3.06 23.05 63.56
C5 NAG N . -2.05 24.03 64.16
C6 NAG N . -2.66 24.91 65.26
C7 NAG N . -0.02 19.67 61.94
C8 NAG N . 0.12 19.03 60.60
N2 NAG N . -0.32 20.97 61.94
O3 NAG N . -3.25 20.96 62.44
O4 NAG N . -4.04 23.78 62.84
O5 NAG N . -0.91 23.33 64.63
O6 NAG N . -3.43 24.25 66.25
O7 NAG N . 0.14 19.04 62.99
C1 FUL N . -3.95 21.10 61.18
C2 FUL N . -4.64 19.78 60.86
O2 FUL N . -5.57 19.48 61.87
C3 FUL N . -5.36 19.88 59.53
O3 FUL N . -5.86 18.61 59.17
C4 FUL N . -4.38 20.36 58.47
O4 FUL N . -3.36 19.39 58.32
C5 FUL N . -3.75 21.68 58.92
C6 FUL N . -2.75 22.19 57.87
O5 FUL N . -3.08 21.47 60.14
C1 NAG N . -5.36 23.63 63.42
C2 NAG N . -6.34 24.48 62.60
C3 NAG N . -7.74 24.45 63.20
C4 NAG N . -8.17 23.01 63.49
C5 NAG N . -7.06 22.23 64.21
C6 NAG N . -7.48 20.77 64.38
C7 NAG N . -5.16 26.26 61.48
C8 NAG N . -4.74 27.71 61.48
N2 NAG N . -5.85 25.84 62.53
O3 NAG N . -8.66 25.02 62.29
O4 NAG N . -9.32 23.03 64.30
O5 NAG N . -5.85 22.31 63.49
O6 NAG N . -6.92 20.27 65.56
O7 NAG N . -4.86 25.53 60.54
C1 NAG O . -32.13 -30.96 -16.57
C2 NAG O . -32.56 -32.22 -17.32
C3 NAG O . -31.33 -32.89 -17.93
C4 NAG O . -30.63 -31.90 -18.86
C5 NAG O . -30.37 -30.60 -18.11
C6 NAG O . -29.77 -29.56 -19.04
C7 NAG O . -34.67 -33.19 -16.56
C8 NAG O . -35.28 -34.56 -16.41
N2 NAG O . -33.33 -33.11 -16.46
O3 NAG O . -31.69 -34.05 -18.64
O4 NAG O . -29.41 -32.43 -19.36
O5 NAG O . -31.57 -30.11 -17.54
O6 NAG O . -28.97 -28.67 -18.28
O7 NAG O . -35.41 -32.21 -16.75
C1 NAG P . -57.95 -25.34 15.14
C2 NAG P . -59.44 -25.50 15.39
C3 NAG P . -60.21 -24.35 14.75
C4 NAG P . -59.69 -23.07 15.40
C5 NAG P . -58.20 -22.95 15.06
C6 NAG P . -57.60 -21.63 15.54
C7 NAG P . -60.69 -27.55 15.73
C8 NAG P . -61.96 -28.09 15.16
N2 NAG P . -59.96 -26.77 14.93
O3 NAG P . -61.60 -24.49 14.96
O4 NAG P . -60.42 -21.95 14.94
O5 NAG P . -57.49 -24.06 15.57
O6 NAG P . -57.53 -21.56 16.95
O7 NAG P . -60.37 -27.82 16.89
C1 NAG Q . -44.23 7.22 6.49
C2 NAG Q . -44.97 7.32 7.83
C3 NAG Q . -46.43 7.78 7.73
C4 NAG Q . -46.64 8.86 6.68
C5 NAG Q . -45.91 8.49 5.39
C6 NAG Q . -46.14 9.55 4.31
C7 NAG Q . -43.98 5.76 9.38
C8 NAG Q . -43.64 4.32 9.58
N2 NAG Q . -44.92 6.03 8.48
O3 NAG Q . -46.83 8.31 8.97
O4 NAG Q . -48.02 9.00 6.42
O5 NAG Q . -44.53 8.34 5.69
O6 NAG Q . -45.97 10.86 4.83
O7 NAG Q . -43.41 6.65 10.03
CA CA R . -44.12 -26.48 20.06
C1 GOL S . -18.87 -24.16 -0.27
O1 GOL S . -19.89 -25.12 -0.37
C2 GOL S . -17.79 -24.61 0.71
O2 GOL S . -17.81 -26.00 0.93
C3 GOL S . -17.93 -23.85 2.02
O3 GOL S . -16.84 -24.15 2.87
H11 GOL S . -19.29 -23.21 0.08
H12 GOL S . -18.43 -23.99 -1.25
HO1 GOL S . -20.60 -24.79 -0.94
H2 GOL S . -16.82 -24.34 0.27
HO2 GOL S . -17.07 -26.25 1.52
H31 GOL S . -18.86 -24.11 2.51
H32 GOL S . -17.94 -22.78 1.82
HO3 GOL S . -16.40 -23.32 3.15
C1 GOL T . -19.45 -19.86 6.65
O1 GOL T . -20.68 -19.65 7.30
C2 GOL T . -19.29 -21.33 6.33
O2 GOL T . -19.00 -22.01 7.52
C3 GOL T . -18.17 -21.57 5.31
O3 GOL T . -18.41 -20.86 4.12
H11 GOL T . -18.63 -19.53 7.30
H12 GOL T . -19.41 -19.27 5.74
HO1 GOL T . -20.77 -18.72 7.57
H2 GOL T . -20.22 -21.70 5.90
HO2 GOL T . -18.91 -22.97 7.34
H31 GOL T . -18.09 -22.64 5.10
H32 GOL T . -17.22 -21.24 5.73
HO3 GOL T . -19.31 -21.10 3.79
C1 GOL U . -45.80 -38.45 17.57
O1 GOL U . -47.17 -38.75 17.50
C2 GOL U . -45.20 -38.54 16.18
O2 GOL U . -44.89 -39.89 15.91
C3 GOL U . -43.93 -37.68 16.04
O3 GOL U . -44.22 -36.35 16.42
H11 GOL U . -45.30 -39.15 18.24
H12 GOL U . -45.66 -37.43 17.96
HO1 GOL U . -47.55 -38.75 18.40
H2 GOL U . -45.93 -38.19 15.46
HO2 GOL U . -44.53 -39.97 14.99
H31 GOL U . -43.60 -37.70 15.00
H32 GOL U . -43.15 -38.08 16.67
HO3 GOL U . -43.40 -35.93 16.76
N NO3 V . -16.06 -23.13 7.06
O1 NO3 V . -17.18 -23.96 7.11
O2 NO3 V . -16.13 -21.78 7.40
O3 NO3 V . -14.84 -23.66 6.66
N NO3 W . -39.83 -19.46 12.45
O1 NO3 W . -39.05 -19.95 11.39
O2 NO3 W . -40.84 -18.51 12.18
O3 NO3 W . -39.59 -19.89 13.76
C1 NAG X . -2.74 -31.43 0.26
C2 NAG X . -2.11 -32.80 0.44
C3 NAG X . -1.42 -33.22 -0.84
C4 NAG X . -2.39 -33.12 -2.01
C5 NAG X . -3.14 -31.79 -2.03
C6 NAG X . -4.29 -31.88 -3.03
C7 NAG X . -1.32 -33.72 2.55
C8 NAG X . -0.50 -33.51 3.78
N2 NAG X . -1.17 -32.85 1.55
O3 NAG X . -0.98 -34.55 -0.72
O4 NAG X . -1.67 -33.25 -3.21
O5 NAG X . -3.69 -31.48 -0.78
O6 NAG X . -5.06 -33.02 -2.68
O7 NAG X . -2.10 -34.67 2.48
C1 NAG Y . 6.40 -14.23 37.11
C2 NAG Y . 6.93 -14.15 38.54
C3 NAG Y . 5.82 -13.90 39.56
C4 NAG Y . 4.97 -12.71 39.13
C5 NAG Y . 4.49 -12.92 37.69
C6 NAG Y . 3.64 -11.74 37.23
C7 NAG Y . 8.99 -15.42 39.00
C8 NAG Y . 9.56 -16.65 39.64
N2 NAG Y . 7.66 -15.38 38.88
O3 NAG Y . 6.33 -13.68 40.85
O4 NAG Y . 3.86 -12.53 39.98
O5 NAG Y . 5.61 -13.09 36.84
O6 NAG Y . 4.35 -10.54 37.40
O7 NAG Y . 9.73 -14.51 38.63
CA CA Z . 11.05 -5.78 25.77
CA CA AA . -6.26 -32.24 14.47
C1 GOL BA . 20.51 -8.34 2.45
O1 GOL BA . 19.88 -9.06 1.40
C2 GOL BA . 20.50 -6.86 2.10
O2 GOL BA . 21.08 -6.72 0.82
C3 GOL BA . 21.25 -6.06 3.15
O3 GOL BA . 21.56 -4.74 2.69
H11 GOL BA . 21.54 -8.69 2.57
H12 GOL BA . 19.98 -8.51 3.39
HO1 GOL BA . 19.94 -10.02 1.58
H2 GOL BA . 19.47 -6.53 2.07
HO2 GOL BA . 21.07 -5.78 0.55
H31 GOL BA . 22.16 -6.57 3.43
H32 GOL BA . 20.62 -5.99 4.06
HO3 GOL BA . 20.94 -4.49 1.99
C1 GOL CA . -0.77 9.25 7.62
O1 GOL CA . -1.13 10.58 7.37
C2 GOL CA . -1.96 8.34 7.31
O2 GOL CA . -3.17 8.98 7.65
C3 GOL CA . -1.84 7.05 8.10
O3 GOL CA . -0.56 6.51 7.94
H11 GOL CA . -0.49 9.13 8.66
H12 GOL CA . 0.07 8.96 6.99
HO1 GOL CA . -0.39 11.17 7.63
H2 GOL CA . -1.95 8.11 6.24
HO2 GOL CA . -3.93 8.39 7.46
H31 GOL CA . -2.58 6.33 7.75
H32 GOL CA . -2.02 7.25 9.16
HO3 GOL CA . -0.42 6.25 7.01
N NO3 DA . 1.75 -6.19 19.56
O1 NO3 DA . 1.73 -7.11 18.49
O2 NO3 DA . 0.70 -6.19 20.49
O3 NO3 DA . 2.80 -5.29 19.68
N NO3 EA . 3.30 6.91 5.17
O1 NO3 EA . 3.76 5.81 4.47
O2 NO3 EA . 3.46 8.19 4.64
O3 NO3 EA . 2.67 6.75 6.41
N NO3 FA . -3.81 -0.63 10.79
O1 NO3 FA . -4.21 -0.55 9.44
O2 NO3 FA . -4.54 -1.36 11.71
O3 NO3 FA . -2.66 0.03 11.21
N NO3 GA . -1.64 -31.21 16.79
O1 NO3 GA . -2.15 -31.87 15.68
O2 NO3 GA . -2.34 -30.14 17.32
O3 NO3 GA . -0.45 -31.63 17.37
N NO3 HA . -0.95 -32.74 20.37
O1 NO3 HA . -1.63 -33.18 19.23
O2 NO3 HA . 0.25 -32.04 20.22
O3 NO3 HA . -1.45 -33.00 21.66
C1 NAG IA . 9.42 -11.28 -19.51
C2 NAG IA . 10.75 -11.95 -19.86
C3 NAG IA . 10.56 -13.17 -20.73
C4 NAG IA . 9.40 -14.06 -20.27
C5 NAG IA . 8.19 -13.24 -19.85
C6 NAG IA . 7.14 -14.14 -19.18
C7 NAG IA . 12.68 -10.44 -19.86
C8 NAG IA . 13.70 -9.74 -20.71
N2 NAG IA . 11.65 -11.01 -20.50
O3 NAG IA . 11.74 -13.94 -20.73
O4 NAG IA . 9.07 -14.92 -21.34
O5 NAG IA . 8.57 -12.25 -18.93
O6 NAG IA . 7.68 -14.69 -18.00
O7 NAG IA . 12.82 -10.49 -18.63
C1 NAG JA . -8.14 20.44 9.54
C2 NAG JA . -8.34 21.95 9.49
C3 NAG JA . -7.36 22.76 10.37
C4 NAG JA . -6.87 22.04 11.62
C5 NAG JA . -6.76 20.54 11.42
C6 NAG JA . -6.52 19.84 12.76
C7 NAG JA . -9.22 23.07 7.56
C8 NAG JA . -8.88 23.89 6.34
N2 NAG JA . -8.23 22.40 8.12
O3 NAG JA . -7.99 23.95 10.79
O4 NAG JA . -5.60 22.55 11.96
O5 NAG JA . -7.96 20.05 10.87
O6 NAG JA . -7.65 20.04 13.58
O7 NAG JA . -10.37 23.04 8.00
CA CA KA . 3.83 26.64 -24.17
CA CA LA . 17.22 -1.72 -12.11
C1 GOL MA . -10.22 -2.27 -24.29
O1 GOL MA . -8.91 -2.46 -24.79
C2 GOL MA . -11.25 -2.22 -25.42
O2 GOL MA . -10.67 -2.36 -26.69
C3 GOL MA . -12.02 -0.91 -25.35
O3 GOL MA . -12.79 -0.76 -26.51
H11 GOL MA . -10.26 -1.32 -23.73
H12 GOL MA . -10.47 -3.07 -23.60
HO1 GOL MA . -8.28 -2.41 -24.05
H2 GOL MA . -11.96 -3.04 -25.26
HO2 GOL MA . -11.36 -2.34 -27.38
H31 GOL MA . -11.31 -0.08 -25.25
H32 GOL MA . -12.66 -0.91 -24.47
HO3 GOL MA . -13.74 -0.66 -26.27
N NO3 NA . -0.66 20.01 -17.49
O1 NO3 NA . -0.93 19.98 -18.85
O2 NO3 NA . -0.92 21.19 -16.77
O3 NO3 NA . -0.15 18.87 -16.85
N NO3 OA . 18.14 2.01 -15.59
O1 NO3 OA . 18.54 2.63 -16.78
O2 NO3 OA . 17.67 2.80 -14.54
O3 NO3 OA . 18.20 0.62 -15.46
C1 NAG PA . -18.56 -11.16 -35.92
C2 NAG PA . -19.20 -12.33 -36.65
C3 NAG PA . -18.36 -13.61 -36.59
C4 NAG PA . -16.90 -13.34 -36.90
C5 NAG PA . -16.40 -12.25 -35.97
C6 NAG PA . -14.94 -11.93 -36.32
C7 NAG PA . -21.62 -12.28 -36.71
C8 NAG PA . -22.91 -12.40 -35.94
N2 NAG PA . -20.49 -12.62 -36.07
O3 NAG PA . -18.88 -14.55 -37.50
O4 NAG PA . -16.17 -14.52 -36.63
O5 NAG PA . -17.16 -11.07 -36.10
O6 NAG PA . -14.42 -11.10 -35.32
O7 NAG PA . -21.61 -11.88 -37.87
C1 NAG QA . -28.35 24.61 -8.77
C2 NAG QA . -29.61 25.42 -8.48
C3 NAG QA . -29.65 26.82 -9.10
C4 NAG QA . -28.27 27.47 -9.35
C5 NAG QA . -27.22 26.41 -9.67
C6 NAG QA . -25.83 27.04 -9.82
C7 NAG QA . -31.76 24.34 -8.11
C8 NAG QA . -32.98 23.73 -8.73
N2 NAG QA . -30.76 24.66 -8.94
O3 NAG QA . -30.35 27.67 -8.22
O4 NAG QA . -28.39 28.36 -10.44
O5 NAG QA . -27.22 25.43 -8.66
O6 NAG QA . -25.33 27.48 -8.58
O7 NAG QA . -31.69 24.54 -6.90
CA CA RA . -52.13 7.55 -29.01
CA CA SA . -26.00 -12.33 -42.21
C1 GOL TA . -44.01 0.82 -4.70
O1 GOL TA . -44.42 0.64 -3.37
C2 GOL TA . -43.58 -0.50 -5.29
O2 GOL TA . -44.25 -0.76 -6.50
C3 GOL TA . -42.09 -0.49 -5.54
O3 GOL TA . -41.65 -1.83 -5.57
H11 GOL TA . -43.19 1.53 -4.73
H12 GOL TA . -44.84 1.24 -5.28
HO1 GOL TA . -44.64 1.50 -2.96
H2 GOL TA . -43.81 -1.29 -4.57
HO2 GOL TA . -44.03 -0.06 -7.15
H31 GOL TA . -41.57 0.05 -4.74
H32 GOL TA . -41.87 0.00 -6.49
HO3 GOL TA . -41.14 -2.03 -4.76
N NO3 UA . -42.83 6.70 -23.53
O1 NO3 UA . -44.08 6.16 -23.24
O2 NO3 UA . -42.66 8.09 -23.53
O3 NO3 UA . -41.75 5.84 -23.84
N NO3 VA . -44.92 -4.25 -7.38
O1 NO3 VA . -44.87 -5.36 -8.23
O2 NO3 VA . -44.55 -2.99 -7.86
O3 NO3 VA . -45.36 -4.39 -6.05
C1 NAG WA . 22.15 -8.72 -30.75
C2 NAG WA . 21.39 -9.26 -29.54
C3 NAG WA . 20.59 -10.52 -29.85
C4 NAG WA . 19.91 -10.50 -31.22
C5 NAG WA . 20.84 -9.94 -32.28
C6 NAG WA . 20.10 -9.78 -33.61
C7 NAG WA . 22.26 -8.84 -27.31
C8 NAG WA . 23.36 -9.06 -26.30
N2 NAG WA . 22.31 -9.53 -28.45
O3 NAG WA . 19.61 -10.71 -28.85
O4 NAG WA . 19.59 -11.82 -31.58
O5 NAG WA . 21.32 -8.68 -31.88
O6 NAG WA . 19.18 -8.72 -33.50
O7 NAG WA . 21.35 -8.05 -27.07
C1 NAG XA . 60.29 14.38 -43.30
C2 NAG XA . 61.33 15.25 -42.60
C3 NAG XA . 61.14 16.77 -42.78
C4 NAG XA . 60.56 17.12 -44.16
C5 NAG XA . 59.49 16.12 -44.55
C6 NAG XA . 58.84 16.42 -45.89
C7 NAG XA . 62.38 14.22 -40.72
C8 NAG XA . 62.43 13.97 -39.23
N2 NAG XA . 61.35 14.90 -41.19
O3 NAG XA . 62.37 17.46 -42.64
O4 NAG XA . 60.00 18.41 -44.10
O5 NAG XA . 60.10 14.86 -44.62
O6 NAG XA . 59.66 16.00 -46.94
O7 NAG XA . 63.27 13.80 -41.46
CA CA YA . 49.06 10.37 -9.73
CA CA ZA . 20.18 -5.79 -21.21
C1 GOL AB . 19.17 -5.63 -28.67
O1 GOL AB . 19.69 -6.72 -27.94
C2 GOL AB . 20.30 -4.68 -29.04
O2 GOL AB . 20.41 -4.58 -30.45
C3 GOL AB . 20.03 -3.33 -28.40
O3 GOL AB . 20.69 -2.31 -29.13
H11 GOL AB . 18.43 -5.11 -28.07
H12 GOL AB . 18.68 -6.00 -29.57
HO1 GOL AB . 18.96 -7.30 -27.65
H2 GOL AB . 21.23 -5.08 -28.64
HO2 GOL AB . 19.57 -4.20 -30.81
H31 GOL AB . 20.40 -3.33 -27.37
H32 GOL AB . 18.96 -3.13 -28.37
HO3 GOL AB . 20.30 -1.45 -28.89
C1 GOL BB . 41.80 -17.67 -24.94
O1 GOL BB . 40.88 -16.78 -24.33
C2 GOL BB . 42.37 -18.66 -23.92
O2 GOL BB . 41.52 -18.74 -22.80
C3 GOL BB . 43.76 -18.26 -23.42
O3 GOL BB . 44.52 -17.72 -24.46
H11 GOL BB . 42.61 -17.11 -25.39
H12 GOL BB . 41.29 -18.23 -25.73
HO1 GOL BB . 40.58 -16.13 -24.99
H2 GOL BB . 42.44 -19.64 -24.38
HO2 GOL BB . 41.87 -19.39 -22.17
H31 GOL BB . 44.26 -19.14 -23.02
H32 GOL BB . 43.65 -17.54 -22.62
HO3 GOL BB . 44.58 -16.73 -24.34
C1 GOL CB . 42.81 -25.19 -1.23
O1 GOL CB . 43.88 -24.34 -1.63
C2 GOL CB . 41.62 -24.35 -0.82
O2 GOL CB . 40.61 -24.40 -1.81
C3 GOL CB . 41.06 -24.85 0.52
O3 GOL CB . 41.45 -23.97 1.56
H11 GOL CB . 43.13 -25.82 -0.40
H12 GOL CB . 42.54 -25.84 -2.06
HO1 GOL CB . 44.66 -24.89 -1.82
H2 GOL CB . 41.95 -23.32 -0.69
HO2 GOL CB . 40.29 -25.32 -1.91
H31 GOL CB . 41.44 -25.85 0.72
H32 GOL CB . 39.97 -24.90 0.47
HO3 GOL CB . 41.13 -24.32 2.41
C1 NAG DB . 37.30 46.56 50.03
C2 NAG DB . 37.76 47.80 49.28
C3 NAG DB . 39.26 48.10 49.47
C4 NAG DB . 39.72 47.86 50.90
C5 NAG DB . 39.15 46.56 51.45
C6 NAG DB . 39.60 46.31 52.89
C7 NAG DB . 36.74 48.61 47.22
C8 NAG DB . 36.45 48.35 45.77
N2 NAG DB . 37.45 47.69 47.88
O3 NAG DB . 39.55 49.44 49.12
O4 NAG DB . 41.13 47.80 50.91
O5 NAG DB . 37.74 46.61 51.37
O6 NAG DB . 39.52 47.53 53.62
O7 NAG DB . 36.33 49.65 47.74
C1 NAG EB . 6.94 28.96 28.14
C2 NAG EB . 5.99 28.84 26.95
C3 NAG EB . 4.52 29.05 27.31
C4 NAG EB . 4.15 28.29 28.58
C5 NAG EB . 5.19 28.48 29.67
C6 NAG EB . 4.85 27.63 30.89
C7 NAG EB . 6.57 29.37 24.67
C8 NAG EB . 6.76 30.43 23.62
N2 NAG EB . 6.34 29.80 25.91
O3 NAG EB . 3.72 28.59 26.25
O4 NAG EB . 2.89 28.74 29.05
O5 NAG EB . 6.47 28.14 29.20
O6 NAG EB . 4.82 26.26 30.53
O7 NAG EB . 6.63 28.18 24.38
CA CA FB . 17.06 19.00 32.20
CA CA GB . 23.25 48.90 45.40
C1 GOL HB . 22.50 49.19 52.25
O1 GOL HB . 23.19 48.60 53.36
C2 GOL HB . 22.52 48.29 51.00
O2 GOL HB . 21.87 47.08 51.26
C3 GOL HB . 21.90 48.99 49.78
O3 GOL HB . 20.52 48.71 49.55
H11 GOL HB . 22.97 50.15 52.01
H12 GOL HB . 21.47 49.39 52.53
HO1 GOL HB . 23.22 49.22 54.11
H2 GOL HB . 23.57 48.08 50.77
HO2 GOL HB . 20.91 47.26 51.42
H31 GOL HB . 22.47 48.68 48.90
H32 GOL HB . 22.02 50.05 49.89
HO3 GOL HB . 20.43 47.77 49.27
C1 GOL IB . 39.79 25.14 54.59
O1 GOL IB . 39.81 25.89 53.39
C2 GOL IB . 40.75 23.94 54.51
O2 GOL IB . 41.71 24.10 53.48
C3 GOL IB . 39.92 22.69 54.25
O3 GOL IB . 40.77 21.58 54.04
H11 GOL IB . 38.78 24.79 54.79
H12 GOL IB . 40.09 25.78 55.43
HO1 GOL IB . 39.14 26.61 53.45
H2 GOL IB . 41.25 23.84 55.47
HO2 GOL IB . 42.30 23.32 53.46
H31 GOL IB . 39.29 22.83 53.39
H32 GOL IB . 39.28 22.49 55.12
HO3 GOL IB . 40.23 20.78 53.93
C1 GOL JB . 43.94 17.94 36.87
O1 GOL JB . 43.27 19.15 36.58
C2 GOL JB . 42.92 16.85 37.15
O2 GOL JB . 43.46 15.59 36.83
C3 GOL JB . 41.64 17.11 36.36
O3 GOL JB . 40.88 15.94 36.20
H11 GOL JB . 44.59 18.09 37.74
H12 GOL JB . 44.58 17.66 36.03
HO1 GOL JB . 43.93 19.86 36.46
H2 GOL JB . 42.67 16.88 38.21
HO2 GOL JB . 42.80 14.89 37.03
H31 GOL JB . 41.91 17.51 35.38
H32 GOL JB . 41.05 17.87 36.88
HO3 GOL JB . 40.45 15.94 35.32
C1 GOL KB . 49.88 10.81 34.86
O1 GOL KB . 50.43 10.40 33.64
C2 GOL KB . 51.00 10.91 35.90
O2 GOL KB . 50.94 12.13 36.59
C3 GOL KB . 50.87 9.74 36.85
O3 GOL KB . 49.51 9.48 37.07
H11 GOL KB . 49.13 10.09 35.20
H12 GOL KB . 49.39 11.78 34.75
HO1 GOL KB . 49.71 10.27 32.99
H2 GOL KB . 51.95 10.83 35.38
HO2 GOL KB . 50.09 12.20 37.08
H31 GOL KB . 51.36 9.97 37.80
H32 GOL KB . 51.36 8.86 36.43
HO3 GOL KB . 49.07 10.30 37.37
N NO3 LB . 36.69 32.66 27.63
O1 NO3 LB . 35.66 32.21 26.80
O2 NO3 LB . 37.11 34.00 27.56
O3 NO3 LB . 37.31 31.78 28.52
N NO3 MB . 31.29 50.34 43.45
O1 NO3 MB . 30.04 49.77 43.75
O2 NO3 MB . 31.59 50.77 42.16
O3 NO3 MB . 32.26 50.49 44.46
N NO3 NB . 23.21 46.61 40.82
O1 NO3 NB . 23.44 46.40 39.45
O2 NO3 NB . 23.78 47.70 41.47
O3 NO3 NB . 22.40 45.72 41.52
#